data_5QSJ
# 
_entry.id   5QSJ 
# 
_audit_conform.dict_name       mmcif_pdbx.dic 
_audit_conform.dict_version    5.387 
_audit_conform.dict_location   http://mmcif.pdb.org/dictionaries/ascii/mmcif_pdbx.dic 
# 
loop_
_database_2.database_id 
_database_2.database_code 
_database_2.pdbx_database_accession 
_database_2.pdbx_DOI 
PDB   5QSJ         pdb_00005qsj 10.2210/pdb5qsj/pdb 
WWPDB D_1001402352 ?            ?                   
# 
loop_
_pdbx_audit_revision_history.ordinal 
_pdbx_audit_revision_history.data_content_type 
_pdbx_audit_revision_history.major_revision 
_pdbx_audit_revision_history.minor_revision 
_pdbx_audit_revision_history.revision_date 
1 'Structure model' 1 0 2019-08-21 
2 'Structure model' 1 1 2024-03-06 
# 
_pdbx_audit_revision_details.ordinal             1 
_pdbx_audit_revision_details.revision_ordinal    1 
_pdbx_audit_revision_details.data_content_type   'Structure model' 
_pdbx_audit_revision_details.provider            repository 
_pdbx_audit_revision_details.type                'Initial release' 
_pdbx_audit_revision_details.description         ? 
_pdbx_audit_revision_details.details             ? 
# 
loop_
_pdbx_audit_revision_group.ordinal 
_pdbx_audit_revision_group.revision_ordinal 
_pdbx_audit_revision_group.data_content_type 
_pdbx_audit_revision_group.group 
1 2 'Structure model' 'Data collection'     
2 2 'Structure model' 'Database references' 
# 
loop_
_pdbx_audit_revision_category.ordinal 
_pdbx_audit_revision_category.revision_ordinal 
_pdbx_audit_revision_category.data_content_type 
_pdbx_audit_revision_category.category 
1 2 'Structure model' chem_comp_atom 
2 2 'Structure model' chem_comp_bond 
3 2 'Structure model' database_2     
# 
loop_
_pdbx_audit_revision_item.ordinal 
_pdbx_audit_revision_item.revision_ordinal 
_pdbx_audit_revision_item.data_content_type 
_pdbx_audit_revision_item.item 
1 2 'Structure model' '_database_2.pdbx_DOI'                
2 2 'Structure model' '_database_2.pdbx_database_accession' 
# 
_pdbx_database_status.entry_id                        5QSJ 
_pdbx_database_status.status_code                     REL 
_pdbx_database_status.status_code_sf                  REL 
_pdbx_database_status.status_code_mr                  ? 
_pdbx_database_status.status_code_cs                  ? 
_pdbx_database_status.recvd_initial_deposition_date   2019-05-25 
_pdbx_database_status.deposit_site                    RCSB 
_pdbx_database_status.process_site                    RCSB 
_pdbx_database_status.SG_entry                        ? 
_pdbx_database_status.pdb_format_compatible           Y 
_pdbx_database_status.methods_development_category    ? 
_pdbx_database_status.status_code_nmr_data            ? 
# 
loop_
_audit_author.name 
_audit_author.pdbx_ordinal 
'Newman, J.A.'        1 
'Gavard, A.E.'        2 
'Sherestha, L.'       3 
'Burgess-Brown, N.A.' 4 
'von Delft, F.'       5 
'Arrowsmith, C.H.'    6 
'Edwards, A.'         7 
'Bountra, C.'         8 
'Gileadi, O.'         9 
# 
_citation.id                        primary 
_citation.title                     'PanDDA analysis group deposition' 
_citation.journal_abbrev            'To Be Published' 
_citation.journal_volume            ? 
_citation.page_first                ? 
_citation.page_last                 ? 
_citation.year                      ? 
_citation.journal_id_ASTM           ? 
_citation.country                   ? 
_citation.journal_id_ISSN           ? 
_citation.journal_id_CSD            0353 
_citation.book_publisher            ? 
_citation.pdbx_database_id_PubMed   ? 
_citation.pdbx_database_id_DOI      ? 
# 
loop_
_citation_author.citation_id 
_citation_author.name 
_citation_author.identifier_ORCID 
_citation_author.ordinal 
primary 'Newman, J.A.'        ? 1 
primary 'Gavard, A.E.'        ? 2 
primary 'Sherestha, L.'       ? 3 
primary 'Burgess-Brown, N.A.' ? 4 
primary 'von Delft, F.'       ? 5 
primary 'Arrowsmith, C.H.'    ? 6 
primary 'Edwards, A.'         ? 7 
primary 'Bountra, C.'         ? 8 
primary 'Gileadi, O.'         ? 9 
# 
loop_
_entity.id 
_entity.type 
_entity.src_method 
_entity.pdbx_description 
_entity.formula_weight 
_entity.pdbx_number_of_molecules 
_entity.pdbx_ec 
_entity.pdbx_mutation 
_entity.pdbx_fragment 
_entity.details 
1 polymer     man 'T-box transcription factor T'               19655.623 1   ? G177D ? ? 
2 non-polymer syn '4-(4-fluorophenyl)piperazine-1-carboxamide' 223.247   1   ? ?     ? ? 
3 water       nat water                                        18.015    179 ? ?     ? ? 
# 
_entity_name_com.entity_id   1 
_entity_name_com.name        'Brachyury protein,Protein T' 
# 
_entity_poly.entity_id                      1 
_entity_poly.type                           'polypeptide(L)' 
_entity_poly.nstd_linkage                   no 
_entity_poly.nstd_monomer                   no 
_entity_poly.pdbx_seq_one_letter_code       
;GELRVGLEESELWLRFKELTNEMIVTKNGRRMFPVLKVNVSGLDPNAMYSFLLDFVAADNHRWKYVNGEWVPGGKPEPQA
PSCVYIHPDSPNFGAHWMKAPVSFSKVKLTNKLNGGGQIMLNSLHKYEPRIHIVRVGDPQRMITSHCFPETQFIAVTAYQ
NEEITALKIKYN
;
_entity_poly.pdbx_seq_one_letter_code_can   
;GELRVGLEESELWLRFKELTNEMIVTKNGRRMFPVLKVNVSGLDPNAMYSFLLDFVAADNHRWKYVNGEWVPGGKPEPQA
PSCVYIHPDSPNFGAHWMKAPVSFSKVKLTNKLNGGGQIMLNSLHKYEPRIHIVRVGDPQRMITSHCFPETQFIAVTAYQ
NEEITALKIKYN
;
_entity_poly.pdbx_strand_id                 A 
_entity_poly.pdbx_target_identifier         ? 
# 
loop_
_pdbx_entity_nonpoly.entity_id 
_pdbx_entity_nonpoly.name 
_pdbx_entity_nonpoly.comp_id 
2 '4-(4-fluorophenyl)piperazine-1-carboxamide' O1M 
3 water                                        HOH 
# 
loop_
_entity_poly_seq.entity_id 
_entity_poly_seq.num 
_entity_poly_seq.mon_id 
_entity_poly_seq.hetero 
1 1   GLY n 
1 2   GLU n 
1 3   LEU n 
1 4   ARG n 
1 5   VAL n 
1 6   GLY n 
1 7   LEU n 
1 8   GLU n 
1 9   GLU n 
1 10  SER n 
1 11  GLU n 
1 12  LEU n 
1 13  TRP n 
1 14  LEU n 
1 15  ARG n 
1 16  PHE n 
1 17  LYS n 
1 18  GLU n 
1 19  LEU n 
1 20  THR n 
1 21  ASN n 
1 22  GLU n 
1 23  MET n 
1 24  ILE n 
1 25  VAL n 
1 26  THR n 
1 27  LYS n 
1 28  ASN n 
1 29  GLY n 
1 30  ARG n 
1 31  ARG n 
1 32  MET n 
1 33  PHE n 
1 34  PRO n 
1 35  VAL n 
1 36  LEU n 
1 37  LYS n 
1 38  VAL n 
1 39  ASN n 
1 40  VAL n 
1 41  SER n 
1 42  GLY n 
1 43  LEU n 
1 44  ASP n 
1 45  PRO n 
1 46  ASN n 
1 47  ALA n 
1 48  MET n 
1 49  TYR n 
1 50  SER n 
1 51  PHE n 
1 52  LEU n 
1 53  LEU n 
1 54  ASP n 
1 55  PHE n 
1 56  VAL n 
1 57  ALA n 
1 58  ALA n 
1 59  ASP n 
1 60  ASN n 
1 61  HIS n 
1 62  ARG n 
1 63  TRP n 
1 64  LYS n 
1 65  TYR n 
1 66  VAL n 
1 67  ASN n 
1 68  GLY n 
1 69  GLU n 
1 70  TRP n 
1 71  VAL n 
1 72  PRO n 
1 73  GLY n 
1 74  GLY n 
1 75  LYS n 
1 76  PRO n 
1 77  GLU n 
1 78  PRO n 
1 79  GLN n 
1 80  ALA n 
1 81  PRO n 
1 82  SER n 
1 83  CYS n 
1 84  VAL n 
1 85  TYR n 
1 86  ILE n 
1 87  HIS n 
1 88  PRO n 
1 89  ASP n 
1 90  SER n 
1 91  PRO n 
1 92  ASN n 
1 93  PHE n 
1 94  GLY n 
1 95  ALA n 
1 96  HIS n 
1 97  TRP n 
1 98  MET n 
1 99  LYS n 
1 100 ALA n 
1 101 PRO n 
1 102 VAL n 
1 103 SER n 
1 104 PHE n 
1 105 SER n 
1 106 LYS n 
1 107 VAL n 
1 108 LYS n 
1 109 LEU n 
1 110 THR n 
1 111 ASN n 
1 112 LYS n 
1 113 LEU n 
1 114 ASN n 
1 115 GLY n 
1 116 GLY n 
1 117 GLY n 
1 118 GLN n 
1 119 ILE n 
1 120 MET n 
1 121 LEU n 
1 122 ASN n 
1 123 SER n 
1 124 LEU n 
1 125 HIS n 
1 126 LYS n 
1 127 TYR n 
1 128 GLU n 
1 129 PRO n 
1 130 ARG n 
1 131 ILE n 
1 132 HIS n 
1 133 ILE n 
1 134 VAL n 
1 135 ARG n 
1 136 VAL n 
1 137 GLY n 
1 138 ASP n 
1 139 PRO n 
1 140 GLN n 
1 141 ARG n 
1 142 MET n 
1 143 ILE n 
1 144 THR n 
1 145 SER n 
1 146 HIS n 
1 147 CYS n 
1 148 PHE n 
1 149 PRO n 
1 150 GLU n 
1 151 THR n 
1 152 GLN n 
1 153 PHE n 
1 154 ILE n 
1 155 ALA n 
1 156 VAL n 
1 157 THR n 
1 158 ALA n 
1 159 TYR n 
1 160 GLN n 
1 161 ASN n 
1 162 GLU n 
1 163 GLU n 
1 164 ILE n 
1 165 THR n 
1 166 ALA n 
1 167 LEU n 
1 168 LYS n 
1 169 ILE n 
1 170 LYS n 
1 171 TYR n 
1 172 ASN n 
# 
_entity_src_gen.entity_id                          1 
_entity_src_gen.pdbx_src_id                        1 
_entity_src_gen.pdbx_alt_source_flag               sample 
_entity_src_gen.pdbx_seq_type                      'Biological sequence' 
_entity_src_gen.pdbx_beg_seq_num                   1 
_entity_src_gen.pdbx_end_seq_num                   172 
_entity_src_gen.gene_src_common_name               Human 
_entity_src_gen.gene_src_genus                     ? 
_entity_src_gen.pdbx_gene_src_gene                 'TBXT, T' 
_entity_src_gen.gene_src_species                   ? 
_entity_src_gen.gene_src_strain                    ? 
_entity_src_gen.gene_src_tissue                    ? 
_entity_src_gen.gene_src_tissue_fraction           ? 
_entity_src_gen.gene_src_details                   ? 
_entity_src_gen.pdbx_gene_src_fragment             ? 
_entity_src_gen.pdbx_gene_src_scientific_name      'Homo sapiens' 
_entity_src_gen.pdbx_gene_src_ncbi_taxonomy_id     9606 
_entity_src_gen.pdbx_gene_src_variant              ? 
_entity_src_gen.pdbx_gene_src_cell_line            ? 
_entity_src_gen.pdbx_gene_src_atcc                 ? 
_entity_src_gen.pdbx_gene_src_organ                ? 
_entity_src_gen.pdbx_gene_src_organelle            ? 
_entity_src_gen.pdbx_gene_src_cell                 ? 
_entity_src_gen.pdbx_gene_src_cellular_location    ? 
_entity_src_gen.host_org_common_name               ? 
_entity_src_gen.pdbx_host_org_scientific_name      'Escherichia coli' 
_entity_src_gen.pdbx_host_org_ncbi_taxonomy_id     562 
_entity_src_gen.host_org_genus                     ? 
_entity_src_gen.pdbx_host_org_gene                 ? 
_entity_src_gen.pdbx_host_org_organ                ? 
_entity_src_gen.host_org_species                   ? 
_entity_src_gen.pdbx_host_org_tissue               ? 
_entity_src_gen.pdbx_host_org_tissue_fraction      ? 
_entity_src_gen.pdbx_host_org_strain               ? 
_entity_src_gen.pdbx_host_org_variant              ? 
_entity_src_gen.pdbx_host_org_cell_line            ? 
_entity_src_gen.pdbx_host_org_atcc                 ? 
_entity_src_gen.pdbx_host_org_culture_collection   ? 
_entity_src_gen.pdbx_host_org_cell                 ? 
_entity_src_gen.pdbx_host_org_organelle            ? 
_entity_src_gen.pdbx_host_org_cellular_location    ? 
_entity_src_gen.pdbx_host_org_vector_type          ? 
_entity_src_gen.pdbx_host_org_vector               ? 
_entity_src_gen.host_org_details                   ? 
_entity_src_gen.expression_system_id               ? 
_entity_src_gen.plasmid_name                       ? 
_entity_src_gen.plasmid_details                    ? 
_entity_src_gen.pdbx_description                   ? 
# 
loop_
_chem_comp.id 
_chem_comp.type 
_chem_comp.mon_nstd_flag 
_chem_comp.name 
_chem_comp.pdbx_synonyms 
_chem_comp.formula 
_chem_comp.formula_weight 
ALA 'L-peptide linking' y ALANINE                                      ? 'C3 H7 N O2'     89.093  
ARG 'L-peptide linking' y ARGININE                                     ? 'C6 H15 N4 O2 1' 175.209 
ASN 'L-peptide linking' y ASPARAGINE                                   ? 'C4 H8 N2 O3'    132.118 
ASP 'L-peptide linking' y 'ASPARTIC ACID'                              ? 'C4 H7 N O4'     133.103 
CYS 'L-peptide linking' y CYSTEINE                                     ? 'C3 H7 N O2 S'   121.158 
GLN 'L-peptide linking' y GLUTAMINE                                    ? 'C5 H10 N2 O3'   146.144 
GLU 'L-peptide linking' y 'GLUTAMIC ACID'                              ? 'C5 H9 N O4'     147.129 
GLY 'peptide linking'   y GLYCINE                                      ? 'C2 H5 N O2'     75.067  
HIS 'L-peptide linking' y HISTIDINE                                    ? 'C6 H10 N3 O2 1' 156.162 
HOH non-polymer         . WATER                                        ? 'H2 O'           18.015  
ILE 'L-peptide linking' y ISOLEUCINE                                   ? 'C6 H13 N O2'    131.173 
LEU 'L-peptide linking' y LEUCINE                                      ? 'C6 H13 N O2'    131.173 
LYS 'L-peptide linking' y LYSINE                                       ? 'C6 H15 N2 O2 1' 147.195 
MET 'L-peptide linking' y METHIONINE                                   ? 'C5 H11 N O2 S'  149.211 
O1M non-polymer         . '4-(4-fluorophenyl)piperazine-1-carboxamide' ? 'C11 H14 F N3 O' 223.247 
PHE 'L-peptide linking' y PHENYLALANINE                                ? 'C9 H11 N O2'    165.189 
PRO 'L-peptide linking' y PROLINE                                      ? 'C5 H9 N O2'     115.130 
SER 'L-peptide linking' y SERINE                                       ? 'C3 H7 N O3'     105.093 
THR 'L-peptide linking' y THREONINE                                    ? 'C4 H9 N O3'     119.119 
TRP 'L-peptide linking' y TRYPTOPHAN                                   ? 'C11 H12 N2 O2'  204.225 
TYR 'L-peptide linking' y TYROSINE                                     ? 'C9 H11 N O3'    181.189 
VAL 'L-peptide linking' y VALINE                                       ? 'C5 H11 N O2'    117.146 
# 
loop_
_pdbx_poly_seq_scheme.asym_id 
_pdbx_poly_seq_scheme.entity_id 
_pdbx_poly_seq_scheme.seq_id 
_pdbx_poly_seq_scheme.mon_id 
_pdbx_poly_seq_scheme.ndb_seq_num 
_pdbx_poly_seq_scheme.pdb_seq_num 
_pdbx_poly_seq_scheme.auth_seq_num 
_pdbx_poly_seq_scheme.pdb_mon_id 
_pdbx_poly_seq_scheme.auth_mon_id 
_pdbx_poly_seq_scheme.pdb_strand_id 
_pdbx_poly_seq_scheme.pdb_ins_code 
_pdbx_poly_seq_scheme.hetero 
A 1 1   GLY 1   40  ?   ?   ?   A . n 
A 1 2   GLU 2   41  41  GLU GLU A . n 
A 1 3   LEU 3   42  42  LEU LEU A . n 
A 1 4   ARG 4   43  43  ARG ARG A . n 
A 1 5   VAL 5   44  44  VAL VAL A . n 
A 1 6   GLY 6   45  45  GLY GLY A . n 
A 1 7   LEU 7   46  46  LEU LEU A . n 
A 1 8   GLU 8   47  47  GLU GLU A . n 
A 1 9   GLU 9   48  48  GLU GLU A . n 
A 1 10  SER 10  49  49  SER SER A . n 
A 1 11  GLU 11  50  50  GLU GLU A . n 
A 1 12  LEU 12  51  51  LEU LEU A . n 
A 1 13  TRP 13  52  52  TRP TRP A . n 
A 1 14  LEU 14  53  53  LEU LEU A . n 
A 1 15  ARG 15  54  54  ARG ARG A . n 
A 1 16  PHE 16  55  55  PHE PHE A . n 
A 1 17  LYS 17  56  56  LYS LYS A . n 
A 1 18  GLU 18  57  57  GLU GLU A . n 
A 1 19  LEU 19  58  58  LEU LEU A . n 
A 1 20  THR 20  59  59  THR THR A . n 
A 1 21  ASN 21  60  60  ASN ASN A . n 
A 1 22  GLU 22  61  61  GLU GLU A . n 
A 1 23  MET 23  62  62  MET MET A . n 
A 1 24  ILE 24  63  63  ILE ILE A . n 
A 1 25  VAL 25  64  64  VAL VAL A . n 
A 1 26  THR 26  65  65  THR THR A . n 
A 1 27  LYS 27  66  66  LYS LYS A . n 
A 1 28  ASN 28  67  67  ASN ASN A . n 
A 1 29  GLY 29  68  68  GLY GLY A . n 
A 1 30  ARG 30  69  69  ARG ARG A . n 
A 1 31  ARG 31  70  70  ARG ARG A . n 
A 1 32  MET 32  71  71  MET MET A . n 
A 1 33  PHE 33  72  72  PHE PHE A . n 
A 1 34  PRO 34  73  73  PRO PRO A . n 
A 1 35  VAL 35  74  74  VAL VAL A . n 
A 1 36  LEU 36  75  75  LEU LEU A . n 
A 1 37  LYS 37  76  76  LYS LYS A . n 
A 1 38  VAL 38  77  77  VAL VAL A . n 
A 1 39  ASN 39  78  78  ASN ASN A . n 
A 1 40  VAL 40  79  79  VAL VAL A . n 
A 1 41  SER 41  80  80  SER SER A . n 
A 1 42  GLY 42  81  81  GLY GLY A . n 
A 1 43  LEU 43  82  82  LEU LEU A . n 
A 1 44  ASP 44  83  83  ASP ASP A . n 
A 1 45  PRO 45  84  84  PRO PRO A . n 
A 1 46  ASN 46  85  85  ASN ASN A . n 
A 1 47  ALA 47  86  86  ALA ALA A . n 
A 1 48  MET 48  87  87  MET MET A . n 
A 1 49  TYR 49  88  88  TYR TYR A . n 
A 1 50  SER 50  89  89  SER SER A . n 
A 1 51  PHE 51  90  90  PHE PHE A . n 
A 1 52  LEU 52  91  91  LEU LEU A . n 
A 1 53  LEU 53  92  92  LEU LEU A . n 
A 1 54  ASP 54  93  93  ASP ASP A . n 
A 1 55  PHE 55  94  94  PHE PHE A . n 
A 1 56  VAL 56  95  95  VAL VAL A . n 
A 1 57  ALA 57  96  96  ALA ALA A . n 
A 1 58  ALA 58  97  97  ALA ALA A . n 
A 1 59  ASP 59  98  98  ASP ASP A . n 
A 1 60  ASN 60  99  99  ASN ASN A . n 
A 1 61  HIS 61  100 100 HIS HIS A . n 
A 1 62  ARG 62  101 101 ARG ARG A . n 
A 1 63  TRP 63  102 102 TRP TRP A . n 
A 1 64  LYS 64  103 103 LYS LYS A . n 
A 1 65  TYR 65  104 104 TYR TYR A . n 
A 1 66  VAL 66  105 105 VAL VAL A . n 
A 1 67  ASN 67  106 106 ASN ASN A . n 
A 1 68  GLY 68  107 107 GLY GLY A . n 
A 1 69  GLU 69  108 108 GLU GLU A . n 
A 1 70  TRP 70  109 109 TRP TRP A . n 
A 1 71  VAL 71  110 110 VAL VAL A . n 
A 1 72  PRO 72  111 111 PRO PRO A . n 
A 1 73  GLY 73  112 112 GLY GLY A . n 
A 1 74  GLY 74  113 113 GLY GLY A . n 
A 1 75  LYS 75  114 114 LYS LYS A . n 
A 1 76  PRO 76  115 115 PRO PRO A . n 
A 1 77  GLU 77  116 116 GLU GLU A . n 
A 1 78  PRO 78  117 117 PRO PRO A . n 
A 1 79  GLN 79  118 118 GLN GLN A . n 
A 1 80  ALA 80  119 119 ALA ALA A . n 
A 1 81  PRO 81  120 120 PRO PRO A . n 
A 1 82  SER 82  121 121 SER SER A . n 
A 1 83  CYS 83  122 122 CYS CYS A . n 
A 1 84  VAL 84  123 123 VAL VAL A . n 
A 1 85  TYR 85  124 124 TYR TYR A . n 
A 1 86  ILE 86  125 125 ILE ILE A . n 
A 1 87  HIS 87  126 126 HIS HIS A . n 
A 1 88  PRO 88  127 127 PRO PRO A . n 
A 1 89  ASP 89  128 128 ASP ASP A . n 
A 1 90  SER 90  129 129 SER SER A . n 
A 1 91  PRO 91  130 130 PRO PRO A . n 
A 1 92  ASN 92  131 131 ASN ASN A . n 
A 1 93  PHE 93  132 132 PHE PHE A . n 
A 1 94  GLY 94  133 133 GLY GLY A . n 
A 1 95  ALA 95  134 134 ALA ALA A . n 
A 1 96  HIS 96  135 135 HIS HIS A . n 
A 1 97  TRP 97  136 136 TRP TRP A . n 
A 1 98  MET 98  137 137 MET MET A . n 
A 1 99  LYS 99  138 138 LYS LYS A . n 
A 1 100 ALA 100 139 139 ALA ALA A . n 
A 1 101 PRO 101 140 140 PRO PRO A . n 
A 1 102 VAL 102 141 141 VAL VAL A . n 
A 1 103 SER 103 142 142 SER SER A . n 
A 1 104 PHE 104 143 143 PHE PHE A . n 
A 1 105 SER 105 144 144 SER SER A . n 
A 1 106 LYS 106 145 145 LYS LYS A . n 
A 1 107 VAL 107 146 146 VAL VAL A . n 
A 1 108 LYS 108 147 147 LYS LYS A . n 
A 1 109 LEU 109 148 148 LEU LEU A . n 
A 1 110 THR 110 149 149 THR THR A . n 
A 1 111 ASN 111 150 150 ASN ASN A . n 
A 1 112 LYS 112 151 151 LYS LYS A . n 
A 1 113 LEU 113 152 152 LEU LEU A . n 
A 1 114 ASN 114 153 153 ASN ASN A . n 
A 1 115 GLY 115 154 154 GLY GLY A . n 
A 1 116 GLY 116 155 155 GLY GLY A . n 
A 1 117 GLY 117 156 156 GLY GLY A . n 
A 1 118 GLN 118 157 157 GLN GLN A . n 
A 1 119 ILE 119 158 158 ILE ILE A . n 
A 1 120 MET 120 159 159 MET MET A . n 
A 1 121 LEU 121 160 160 LEU LEU A . n 
A 1 122 ASN 122 161 161 ASN ASN A . n 
A 1 123 SER 123 162 162 SER SER A . n 
A 1 124 LEU 124 163 163 LEU LEU A . n 
A 1 125 HIS 125 164 164 HIS HIS A . n 
A 1 126 LYS 126 165 165 LYS LYS A . n 
A 1 127 TYR 127 166 166 TYR TYR A . n 
A 1 128 GLU 128 167 167 GLU GLU A . n 
A 1 129 PRO 129 168 168 PRO PRO A . n 
A 1 130 ARG 130 169 169 ARG ARG A . n 
A 1 131 ILE 131 170 170 ILE ILE A . n 
A 1 132 HIS 132 171 171 HIS HIS A . n 
A 1 133 ILE 133 172 172 ILE ILE A . n 
A 1 134 VAL 134 173 173 VAL VAL A . n 
A 1 135 ARG 135 174 174 ARG ARG A . n 
A 1 136 VAL 136 175 175 VAL VAL A . n 
A 1 137 GLY 137 176 176 GLY GLY A . n 
A 1 138 ASP 138 177 177 ASP ASP A . n 
A 1 139 PRO 139 178 178 PRO PRO A . n 
A 1 140 GLN 140 179 179 GLN GLN A . n 
A 1 141 ARG 141 180 180 ARG ARG A . n 
A 1 142 MET 142 181 181 MET MET A . n 
A 1 143 ILE 143 182 182 ILE ILE A . n 
A 1 144 THR 144 183 183 THR THR A . n 
A 1 145 SER 145 184 184 SER SER A . n 
A 1 146 HIS 146 185 185 HIS HIS A . n 
A 1 147 CYS 147 186 186 CYS CYS A . n 
A 1 148 PHE 148 187 187 PHE PHE A . n 
A 1 149 PRO 149 188 188 PRO PRO A . n 
A 1 150 GLU 150 189 189 GLU GLU A . n 
A 1 151 THR 151 190 190 THR THR A . n 
A 1 152 GLN 152 191 191 GLN GLN A . n 
A 1 153 PHE 153 192 192 PHE PHE A . n 
A 1 154 ILE 154 193 193 ILE ILE A . n 
A 1 155 ALA 155 194 194 ALA ALA A . n 
A 1 156 VAL 156 195 195 VAL VAL A . n 
A 1 157 THR 157 196 196 THR THR A . n 
A 1 158 ALA 158 197 197 ALA ALA A . n 
A 1 159 TYR 159 198 198 TYR TYR A . n 
A 1 160 GLN 160 199 199 GLN GLN A . n 
A 1 161 ASN 161 200 200 ASN ASN A . n 
A 1 162 GLU 162 201 201 GLU GLU A . n 
A 1 163 GLU 163 202 202 GLU GLU A . n 
A 1 164 ILE 164 203 203 ILE ILE A . n 
A 1 165 THR 165 204 204 THR THR A . n 
A 1 166 ALA 166 205 205 ALA ALA A . n 
A 1 167 LEU 167 206 206 LEU LEU A . n 
A 1 168 LYS 168 207 207 LYS LYS A . n 
A 1 169 ILE 169 208 208 ILE ILE A . n 
A 1 170 LYS 170 209 209 LYS LYS A . n 
A 1 171 TYR 171 210 210 TYR TYR A . n 
A 1 172 ASN 172 211 211 ASN ASN A . n 
# 
loop_
_pdbx_nonpoly_scheme.asym_id 
_pdbx_nonpoly_scheme.entity_id 
_pdbx_nonpoly_scheme.mon_id 
_pdbx_nonpoly_scheme.ndb_seq_num 
_pdbx_nonpoly_scheme.pdb_seq_num 
_pdbx_nonpoly_scheme.auth_seq_num 
_pdbx_nonpoly_scheme.pdb_mon_id 
_pdbx_nonpoly_scheme.auth_mon_id 
_pdbx_nonpoly_scheme.pdb_strand_id 
_pdbx_nonpoly_scheme.pdb_ins_code 
B 2 O1M 1   301 301 O1M LIG A . 
C 3 HOH 1   401 113 HOH HOH A . 
C 3 HOH 2   402 106 HOH HOH A . 
C 3 HOH 3   403 166 HOH HOH A . 
C 3 HOH 4   404 101 HOH HOH A . 
C 3 HOH 5   405 46  HOH HOH A . 
C 3 HOH 6   406 77  HOH HOH A . 
C 3 HOH 7   407 111 HOH HOH A . 
C 3 HOH 8   408 125 HOH HOH A . 
C 3 HOH 9   409 157 HOH HOH A . 
C 3 HOH 10  410 17  HOH HOH A . 
C 3 HOH 11  411 156 HOH HOH A . 
C 3 HOH 12  412 141 HOH HOH A . 
C 3 HOH 13  413 162 HOH HOH A . 
C 3 HOH 14  414 182 HOH HOH A . 
C 3 HOH 15  415 48  HOH HOH A . 
C 3 HOH 16  416 26  HOH HOH A . 
C 3 HOH 17  417 31  HOH HOH A . 
C 3 HOH 18  418 103 HOH HOH A . 
C 3 HOH 19  419 122 HOH HOH A . 
C 3 HOH 20  420 32  HOH HOH A . 
C 3 HOH 21  421 27  HOH HOH A . 
C 3 HOH 22  422 78  HOH HOH A . 
C 3 HOH 23  423 235 HOH HOH A . 
C 3 HOH 24  424 170 HOH HOH A . 
C 3 HOH 25  425 133 HOH HOH A . 
C 3 HOH 26  426 104 HOH HOH A . 
C 3 HOH 27  427 62  HOH HOH A . 
C 3 HOH 28  428 154 HOH HOH A . 
C 3 HOH 29  429 40  HOH HOH A . 
C 3 HOH 30  430 220 HOH HOH A . 
C 3 HOH 31  431 118 HOH HOH A . 
C 3 HOH 32  432 210 HOH HOH A . 
C 3 HOH 33  433 83  HOH HOH A . 
C 3 HOH 34  434 23  HOH HOH A . 
C 3 HOH 35  435 88  HOH HOH A . 
C 3 HOH 36  436 44  HOH HOH A . 
C 3 HOH 37  437 61  HOH HOH A . 
C 3 HOH 38  438 150 HOH HOH A . 
C 3 HOH 39  439 174 HOH HOH A . 
C 3 HOH 40  440 159 HOH HOH A . 
C 3 HOH 41  441 15  HOH HOH A . 
C 3 HOH 42  442 167 HOH HOH A . 
C 3 HOH 43  443 149 HOH HOH A . 
C 3 HOH 44  444 59  HOH HOH A . 
C 3 HOH 45  445 208 HOH HOH A . 
C 3 HOH 46  446 158 HOH HOH A . 
C 3 HOH 47  447 188 HOH HOH A . 
C 3 HOH 48  448 47  HOH HOH A . 
C 3 HOH 49  449 5   HOH HOH A . 
C 3 HOH 50  450 207 HOH HOH A . 
C 3 HOH 51  451 152 HOH HOH A . 
C 3 HOH 52  452 45  HOH HOH A . 
C 3 HOH 53  453 14  HOH HOH A . 
C 3 HOH 54  454 22  HOH HOH A . 
C 3 HOH 55  455 92  HOH HOH A . 
C 3 HOH 56  456 76  HOH HOH A . 
C 3 HOH 57  457 35  HOH HOH A . 
C 3 HOH 58  458 68  HOH HOH A . 
C 3 HOH 59  459 218 HOH HOH A . 
C 3 HOH 60  460 42  HOH HOH A . 
C 3 HOH 61  461 89  HOH HOH A . 
C 3 HOH 62  462 180 HOH HOH A . 
C 3 HOH 63  463 165 HOH HOH A . 
C 3 HOH 64  464 81  HOH HOH A . 
C 3 HOH 65  465 66  HOH HOH A . 
C 3 HOH 66  466 4   HOH HOH A . 
C 3 HOH 67  467 67  HOH HOH A . 
C 3 HOH 68  468 36  HOH HOH A . 
C 3 HOH 69  469 16  HOH HOH A . 
C 3 HOH 70  470 206 HOH HOH A . 
C 3 HOH 71  471 12  HOH HOH A . 
C 3 HOH 72  472 11  HOH HOH A . 
C 3 HOH 73  473 57  HOH HOH A . 
C 3 HOH 74  474 72  HOH HOH A . 
C 3 HOH 75  475 195 HOH HOH A . 
C 3 HOH 76  476 1   HOH HOH A . 
C 3 HOH 77  477 124 HOH HOH A . 
C 3 HOH 78  478 9   HOH HOH A . 
C 3 HOH 79  479 60  HOH HOH A . 
C 3 HOH 80  480 194 HOH HOH A . 
C 3 HOH 81  481 228 HOH HOH A . 
C 3 HOH 82  482 51  HOH HOH A . 
C 3 HOH 83  483 64  HOH HOH A . 
C 3 HOH 84  484 96  HOH HOH A . 
C 3 HOH 85  485 237 HOH HOH A . 
C 3 HOH 86  486 171 HOH HOH A . 
C 3 HOH 87  487 6   HOH HOH A . 
C 3 HOH 88  488 107 HOH HOH A . 
C 3 HOH 89  489 13  HOH HOH A . 
C 3 HOH 90  490 30  HOH HOH A . 
C 3 HOH 91  491 50  HOH HOH A . 
C 3 HOH 92  492 164 HOH HOH A . 
C 3 HOH 93  493 151 HOH HOH A . 
C 3 HOH 94  494 38  HOH HOH A . 
C 3 HOH 95  495 176 HOH HOH A . 
C 3 HOH 96  496 33  HOH HOH A . 
C 3 HOH 97  497 204 HOH HOH A . 
C 3 HOH 98  498 70  HOH HOH A . 
C 3 HOH 99  499 163 HOH HOH A . 
C 3 HOH 100 500 181 HOH HOH A . 
C 3 HOH 101 501 199 HOH HOH A . 
C 3 HOH 102 502 178 HOH HOH A . 
C 3 HOH 103 503 3   HOH HOH A . 
C 3 HOH 104 504 56  HOH HOH A . 
C 3 HOH 105 505 209 HOH HOH A . 
C 3 HOH 106 506 90  HOH HOH A . 
C 3 HOH 107 507 43  HOH HOH A . 
C 3 HOH 108 508 58  HOH HOH A . 
C 3 HOH 109 509 161 HOH HOH A . 
C 3 HOH 110 510 24  HOH HOH A . 
C 3 HOH 111 511 54  HOH HOH A . 
C 3 HOH 112 512 52  HOH HOH A . 
C 3 HOH 113 513 39  HOH HOH A . 
C 3 HOH 114 514 191 HOH HOH A . 
C 3 HOH 115 515 7   HOH HOH A . 
C 3 HOH 116 516 222 HOH HOH A . 
C 3 HOH 117 517 231 HOH HOH A . 
C 3 HOH 118 518 142 HOH HOH A . 
C 3 HOH 119 519 86  HOH HOH A . 
C 3 HOH 120 520 37  HOH HOH A . 
C 3 HOH 121 521 216 HOH HOH A . 
C 3 HOH 122 522 41  HOH HOH A . 
C 3 HOH 123 523 87  HOH HOH A . 
C 3 HOH 124 524 25  HOH HOH A . 
C 3 HOH 125 525 20  HOH HOH A . 
C 3 HOH 126 526 175 HOH HOH A . 
C 3 HOH 127 527 138 HOH HOH A . 
C 3 HOH 128 528 168 HOH HOH A . 
C 3 HOH 129 529 109 HOH HOH A . 
C 3 HOH 130 530 28  HOH HOH A . 
C 3 HOH 131 531 82  HOH HOH A . 
C 3 HOH 132 532 85  HOH HOH A . 
C 3 HOH 133 533 2   HOH HOH A . 
C 3 HOH 134 534 184 HOH HOH A . 
C 3 HOH 135 535 179 HOH HOH A . 
C 3 HOH 136 536 100 HOH HOH A . 
C 3 HOH 137 537 172 HOH HOH A . 
C 3 HOH 138 538 99  HOH HOH A . 
C 3 HOH 139 539 213 HOH HOH A . 
C 3 HOH 140 540 186 HOH HOH A . 
C 3 HOH 141 541 121 HOH HOH A . 
C 3 HOH 142 542 135 HOH HOH A . 
C 3 HOH 143 543 29  HOH HOH A . 
C 3 HOH 144 544 160 HOH HOH A . 
C 3 HOH 145 545 173 HOH HOH A . 
C 3 HOH 146 546 84  HOH HOH A . 
C 3 HOH 147 547 217 HOH HOH A . 
C 3 HOH 148 548 224 HOH HOH A . 
C 3 HOH 149 549 187 HOH HOH A . 
C 3 HOH 150 550 200 HOH HOH A . 
C 3 HOH 151 551 131 HOH HOH A . 
C 3 HOH 152 552 97  HOH HOH A . 
C 3 HOH 153 553 238 HOH HOH A . 
C 3 HOH 154 554 80  HOH HOH A . 
C 3 HOH 155 555 19  HOH HOH A . 
C 3 HOH 156 556 136 HOH HOH A . 
C 3 HOH 157 557 94  HOH HOH A . 
C 3 HOH 158 558 234 HOH HOH A . 
C 3 HOH 159 559 98  HOH HOH A . 
C 3 HOH 160 560 116 HOH HOH A . 
C 3 HOH 161 561 214 HOH HOH A . 
C 3 HOH 162 562 117 HOH HOH A . 
C 3 HOH 163 563 236 HOH HOH A . 
C 3 HOH 164 564 155 HOH HOH A . 
C 3 HOH 165 565 129 HOH HOH A . 
C 3 HOH 166 566 144 HOH HOH A . 
C 3 HOH 167 567 65  HOH HOH A . 
C 3 HOH 168 568 55  HOH HOH A . 
C 3 HOH 169 569 137 HOH HOH A . 
C 3 HOH 170 570 21  HOH HOH A . 
C 3 HOH 171 571 110 HOH HOH A . 
C 3 HOH 172 572 73  HOH HOH A . 
C 3 HOH 173 573 71  HOH HOH A . 
C 3 HOH 174 574 49  HOH HOH A . 
C 3 HOH 175 575 153 HOH HOH A . 
C 3 HOH 176 576 102 HOH HOH A . 
C 3 HOH 177 577 211 HOH HOH A . 
C 3 HOH 178 578 75  HOH HOH A . 
C 3 HOH 179 579 145 HOH HOH A . 
# 
loop_
_software.pdbx_ordinal 
_software.name 
_software.version 
_software.date 
_software.type 
_software.contact_author 
_software.contact_author_email 
_software.classification 
_software.location 
_software.language 
_software.citation_id 
1 REFMAC      5.8.0238 ?               program 'Garib N. Murshudov' garib@ysbl.york.ac.uk    refinement        
http://www.ccp4.ac.uk/dist/html/refmac5.html        Fortran_77 ? 
2 Aimless     0.7.3    15/08/18        program 'Phil Evans'         ?                        'data scaling'    
http://www.mrc-lmb.cam.ac.uk/harry/pre/aimless.html ?          ? 
3 PDB_EXTRACT 3.23     'SEP. 23, 2016' package PDB                  deposit@deposit.rcsb.org 'data extraction' 
http://sw-tools.pdb.org/apps/PDB_EXTRACT/           C++        ? 
4 XDS         .        ?               program ?                    ?                        'data reduction'  ? ?          ? 
5 REFMAC      .        ?               program ?                    ?                        phasing           ? ?          ? 
# 
_cell.entry_id           5QSJ 
_cell.length_a           100.116 
_cell.length_b           100.116 
_cell.length_c           98.988 
_cell.angle_alpha        90.000 
_cell.angle_beta         90.000 
_cell.angle_gamma        120.000 
_cell.Z_PDB              18 
_cell.pdbx_unique_axis   ? 
# 
_symmetry.entry_id                         5QSJ 
_symmetry.Int_Tables_number                155 
_symmetry.space_group_name_H-M             'H 3 2' 
_symmetry.pdbx_full_space_group_name_H-M   ? 
_symmetry.cell_setting                     ? 
# 
_exptl.crystals_number   1 
_exptl.entry_id          5QSJ 
_exptl.method            'X-RAY DIFFRACTION' 
# 
_exptl_crystal.id                    1 
_exptl_crystal.pdbx_mosaicity        0.000 
_exptl_crystal.pdbx_mosaicity_esd    ? 
_exptl_crystal.density_Matthews      2.43 
_exptl_crystal.density_diffrn        ? 
_exptl_crystal.density_meas          ? 
_exptl_crystal.density_meas_temp     ? 
_exptl_crystal.density_percent_sol   49.35 
_exptl_crystal.size_max              ? 
_exptl_crystal.size_mid              ? 
_exptl_crystal.size_min              ? 
_exptl_crystal.size_rad              ? 
_exptl_crystal.description           ? 
# 
_exptl_crystal_grow.crystal_id      1 
_exptl_crystal_grow.method          'VAPOR DIFFUSION, SITTING DROP' 
_exptl_crystal_grow.pH              7 
_exptl_crystal_grow.temp            298 
_exptl_crystal_grow.pdbx_details    '0.1 M SPG pH 7.0, 30 % PEG 1000' 
_exptl_crystal_grow.temp_details    ? 
_exptl_crystal_grow.pdbx_pH_range   ? 
# 
_diffrn.id                               1 
_diffrn.ambient_temp                     100 
_diffrn.crystal_id                       1 
_diffrn.ambient_temp_details             ? 
_diffrn.pdbx_serial_crystal_experiment   ? 
# 
_diffrn_detector.detector               PIXEL 
_diffrn_detector.type                   'DECTRIS PILATUS 6M' 
_diffrn_detector.pdbx_collection_date   2018-12-09 
_diffrn_detector.diffrn_id              1 
_diffrn_detector.details                ? 
# 
_diffrn_radiation.diffrn_id                        1 
_diffrn_radiation.wavelength_id                    1 
_diffrn_radiation.pdbx_diffrn_protocol             'SINGLE WAVELENGTH' 
_diffrn_radiation.pdbx_monochromatic_or_laue_m_l   M 
_diffrn_radiation.monochromator                    ? 
_diffrn_radiation.pdbx_scattering_type             x-ray 
# 
_diffrn_radiation_wavelength.id           1 
_diffrn_radiation_wavelength.wavelength   0.91587 
_diffrn_radiation_wavelength.wt           1.0 
# 
_diffrn_source.diffrn_id                   1 
_diffrn_source.source                      SYNCHROTRON 
_diffrn_source.type                        'DIAMOND BEAMLINE I04-1' 
_diffrn_source.pdbx_wavelength_list        0.91587 
_diffrn_source.pdbx_synchrotron_site       Diamond 
_diffrn_source.pdbx_synchrotron_beamline   I04-1 
_diffrn_source.pdbx_wavelength             ? 
# 
_reflns.entry_id                     5QSJ 
_reflns.pdbx_diffrn_id               1 
_reflns.pdbx_ordinal                 1 
_reflns.observed_criterion_sigma_I   ? 
_reflns.observed_criterion_sigma_F   ? 
_reflns.d_resolution_low             50.060 
_reflns.d_resolution_high            1.490 
_reflns.number_obs                   31261 
_reflns.number_all                   ? 
_reflns.percent_possible_obs         100.000 
_reflns.pdbx_Rmerge_I_obs            0.050 
_reflns.pdbx_Rsym_value              ? 
_reflns.pdbx_netI_over_sigmaI        17.700 
_reflns.B_iso_Wilson_estimate        ? 
_reflns.pdbx_redundancy              8.700 
_reflns.pdbx_Rrim_I_all              0.053 
_reflns.pdbx_Rpim_I_all              0.017 
_reflns.pdbx_CC_half                 0.999 
_reflns.pdbx_netI_over_av_sigmaI     ? 
_reflns.pdbx_number_measured_all     271905 
_reflns.pdbx_scaling_rejects         317 
_reflns.pdbx_chi_squared             ? 
_reflns.Rmerge_F_all                 ? 
_reflns.Rmerge_F_obs                 ? 
_reflns.observed_criterion_F_max     ? 
_reflns.observed_criterion_F_min     ? 
_reflns.observed_criterion_I_max     ? 
_reflns.observed_criterion_I_min     ? 
_reflns.pdbx_d_res_high_opt          ? 
_reflns.pdbx_d_res_low_opt           ? 
_reflns.details                      ? 
# 
loop_
_reflns_shell.pdbx_diffrn_id 
_reflns_shell.pdbx_ordinal 
_reflns_shell.d_res_high 
_reflns_shell.d_res_low 
_reflns_shell.number_measured_obs 
_reflns_shell.number_measured_all 
_reflns_shell.number_unique_obs 
_reflns_shell.pdbx_rejects 
_reflns_shell.Rmerge_I_obs 
_reflns_shell.meanI_over_sigI_obs 
_reflns_shell.pdbx_Rsym_value 
_reflns_shell.pdbx_chi_squared 
_reflns_shell.pdbx_redundancy 
_reflns_shell.percent_possible_obs 
_reflns_shell.pdbx_netI_over_sigmaI_obs 
_reflns_shell.number_possible 
_reflns_shell.number_unique_all 
_reflns_shell.Rmerge_F_all 
_reflns_shell.Rmerge_F_obs 
_reflns_shell.Rmerge_I_all 
_reflns_shell.meanI_over_sigI_all 
_reflns_shell.percent_possible_all 
_reflns_shell.pdbx_Rrim_I_all 
_reflns_shell.pdbx_Rpim_I_all 
_reflns_shell.pdbx_CC_half 
1 1 1.490 1.530  ? 13716 ? ? 1.286 ? ? ? 6.000 ? 1.100  ? 2294 ? ? ? ? 100.000 1.411 0.571 0.593 
1 2 6.660 50.060 ? 3443  ? ? 0.025 ? ? ? 8.900 ? 64.100 ? 386  ? ? ? ? 99.800  0.027 0.009 0.999 
# 
_refine.entry_id                                 5QSJ 
_refine.pdbx_refine_id                           'X-RAY DIFFRACTION' 
_refine.ls_d_res_high                            1.4900 
_refine.ls_d_res_low                             50.0600 
_refine.pdbx_ls_sigma_F                          0.000 
_refine.pdbx_data_cutoff_high_absF               ? 
_refine.pdbx_data_cutoff_low_absF                ? 
_refine.ls_percent_reflns_obs                    99.8200 
_refine.ls_number_reflns_obs                     29728 
_refine.ls_number_reflns_all                     ? 
_refine.pdbx_ls_cross_valid_method               THROUGHOUT 
_refine.ls_matrix_type                           ? 
_refine.pdbx_R_Free_selection_details            RANDOM 
_refine.details                                  
'HYDROGENS HAVE BEEN ADDED IN THE RIDING POSITIONS U VALUES      : REFINED INDIVIDUALLY' 
_refine.ls_R_factor_all                          ? 
_refine.ls_R_factor_obs                          0.2055 
_refine.ls_R_factor_R_work                       0.2036 
_refine.ls_wR_factor_R_work                      ? 
_refine.ls_R_factor_R_free                       0.2425 
_refine.ls_wR_factor_R_free                      ? 
_refine.ls_percent_reflns_R_free                 4.8000 
_refine.ls_number_reflns_R_free                  1487 
_refine.ls_number_reflns_R_work                  ? 
_refine.ls_R_factor_R_free_error                 ? 
_refine.B_iso_mean                               25.3820 
_refine.solvent_model_param_bsol                 ? 
_refine.solvent_model_param_ksol                 ? 
_refine.pdbx_isotropic_thermal_model             ? 
_refine.aniso_B[1][1]                            -0.6500 
_refine.aniso_B[2][2]                            -0.6500 
_refine.aniso_B[3][3]                            2.1000 
_refine.aniso_B[1][2]                            -0.3200 
_refine.aniso_B[1][3]                            -0.0000 
_refine.aniso_B[2][3]                            -0.0000 
_refine.correlation_coeff_Fo_to_Fc               0.9640 
_refine.correlation_coeff_Fo_to_Fc_free          0.9490 
_refine.overall_SU_R_Cruickshank_DPI             ? 
_refine.pdbx_overall_SU_R_free_Cruickshank_DPI   ? 
_refine.pdbx_overall_SU_R_Blow_DPI               ? 
_refine.pdbx_overall_SU_R_free_Blow_DPI          ? 
_refine.overall_SU_R_free                        ? 
_refine.pdbx_overall_ESU_R                       0.0860 
_refine.pdbx_overall_ESU_R_Free                  0.0890 
_refine.overall_SU_ML                            0.0770 
_refine.overall_SU_B                             2.1650 
_refine.solvent_model_details                    MASK 
_refine.pdbx_solvent_vdw_probe_radii             1.2000 
_refine.pdbx_solvent_ion_probe_radii             0.8000 
_refine.pdbx_solvent_shrinkage_radii             0.8000 
_refine.ls_number_parameters                     ? 
_refine.ls_number_restraints                     ? 
_refine.pdbx_starting_model                      6f58 
_refine.pdbx_method_to_determine_struct          'FOURIER SYNTHESIS' 
_refine.pdbx_stereochemistry_target_values       'MAXIMUM LIKELIHOOD' 
_refine.pdbx_stereochem_target_val_spec_case     ? 
_refine.overall_FOM_work_R_set                   ? 
_refine.B_iso_max                                276.620 
_refine.B_iso_min                                13.920 
_refine.pdbx_overall_phase_error                 ? 
_refine.occupancy_max                            ? 
_refine.occupancy_min                            ? 
_refine.pdbx_diffrn_id                           1 
_refine.pdbx_TLS_residual_ADP_flag               ? 
_refine.pdbx_ls_sigma_I                          ? 
_refine.pdbx_data_cutoff_high_rms_absF           ? 
_refine.ls_R_factor_R_free_error_details         ? 
# 
_refine_hist.cycle_id                         final 
_refine_hist.pdbx_refine_id                   'X-RAY DIFFRACTION' 
_refine_hist.d_res_high                       1.4900 
_refine_hist.d_res_low                        50.0600 
_refine_hist.pdbx_number_atoms_ligand         16 
_refine_hist.number_atoms_solvent             179 
_refine_hist.number_atoms_total               1575 
_refine_hist.pdbx_number_residues_total       171 
_refine_hist.pdbx_B_iso_mean_ligand           77.82 
_refine_hist.pdbx_B_iso_mean_solvent          37.35 
_refine_hist.pdbx_number_atoms_protein        1380 
_refine_hist.pdbx_number_atoms_nucleic_acid   0 
# 
loop_
_refine_ls_restr.pdbx_refine_id 
_refine_ls_restr.type 
_refine_ls_restr.number 
_refine_ls_restr.dev_ideal 
_refine_ls_restr.dev_ideal_target 
_refine_ls_restr.weight 
_refine_ls_restr.pdbx_restraint_function 
'X-RAY DIFFRACTION' r_bond_refined_d       1749 0.011  0.014  ? ? 
'X-RAY DIFFRACTION' r_bond_other_d         1492 0.002  0.017  ? ? 
'X-RAY DIFFRACTION' r_angle_refined_deg    2217 1.697  1.673  ? ? 
'X-RAY DIFFRACTION' r_angle_other_deg      3492 1.402  1.596  ? ? 
'X-RAY DIFFRACTION' r_dihedral_angle_1_deg 203  6.918  5.000  ? ? 
'X-RAY DIFFRACTION' r_dihedral_angle_2_deg 77   28.758 22.727 ? ? 
'X-RAY DIFFRACTION' r_dihedral_angle_3_deg 285  14.719 15.000 ? ? 
'X-RAY DIFFRACTION' r_dihedral_angle_4_deg 8    14.356 15.000 ? ? 
'X-RAY DIFFRACTION' r_chiral_restr         203  0.085  0.200  ? ? 
'X-RAY DIFFRACTION' r_gen_planes_refined   1913 0.011  0.020  ? ? 
'X-RAY DIFFRACTION' r_gen_planes_other     339  0.004  0.020  ? ? 
'X-RAY DIFFRACTION' r_mcbond_it            844  2.225  2.335  ? ? 
'X-RAY DIFFRACTION' r_mcbond_other         833  2.197  2.303  ? ? 
'X-RAY DIFFRACTION' r_mcangle_it           995  3.450  3.510  ? ? 
# 
_refine_ls_shell.d_res_high                       1.4900 
_refine_ls_shell.d_res_low                        1.5290 
_refine_ls_shell.pdbx_total_number_of_bins_used   20 
_refine_ls_shell.percent_reflns_obs               99.7400 
_refine_ls_shell.number_reflns_R_work             2177 
_refine_ls_shell.R_factor_all                     ? 
_refine_ls_shell.R_factor_R_work                  0.3270 
_refine_ls_shell.R_factor_R_free                  0.3830 
_refine_ls_shell.percent_reflns_R_free            ? 
_refine_ls_shell.number_reflns_R_free             107 
_refine_ls_shell.R_factor_R_free_error            ? 
_refine_ls_shell.number_reflns_all                2284 
_refine_ls_shell.number_reflns_obs                ? 
_refine_ls_shell.pdbx_refine_id                   'X-RAY DIFFRACTION' 
# 
_struct.entry_id                  5QSJ 
_struct.title                     
'PanDDA analysis group deposition -- Crystal Structure of human Brachyury G177D variant in complex with Z198194394' 
_struct.pdbx_model_details        ? 
_struct.pdbx_CASP_flag            ? 
_struct.pdbx_model_type_details   ? 
# 
_struct_keywords.entry_id        5QSJ 
_struct_keywords.text            'SGC - Diamond I04-1 fragment screening, PanDDA, XChemExplorer, TRANSCRIPTION' 
_struct_keywords.pdbx_keywords   TRANSCRIPTION 
# 
loop_
_struct_asym.id 
_struct_asym.pdbx_blank_PDB_chainid_flag 
_struct_asym.pdbx_modified 
_struct_asym.entity_id 
_struct_asym.details 
A N N 1 ? 
B N N 2 ? 
C N N 3 ? 
# 
_struct_ref.id                         1 
_struct_ref.db_name                    UNP 
_struct_ref.db_code                    TBXT_HUMAN 
_struct_ref.pdbx_db_accession          O15178 
_struct_ref.pdbx_db_isoform            ? 
_struct_ref.entity_id                  1 
_struct_ref.pdbx_seq_one_letter_code   
;ELRVGLEESELWLRFKELTNEMIVTKNGRRMFPVLKVNVSGLDPNAMYSFLLDFVAADNHRWKYVNGEWVPGGKPEPQAP
SCVYIHPDSPNFGAHWMKAPVSFSKVKLTNKLNGGGQIMLNSLHKYEPRIHIVRVGGPQRMITSHCFPETQFIAVTAYQN
EEITALKIKYN
;
_struct_ref.pdbx_align_begin           41 
# 
_struct_ref_seq.align_id                      1 
_struct_ref_seq.ref_id                        1 
_struct_ref_seq.pdbx_PDB_id_code              5QSJ 
_struct_ref_seq.pdbx_strand_id                A 
_struct_ref_seq.seq_align_beg                 2 
_struct_ref_seq.pdbx_seq_align_beg_ins_code   ? 
_struct_ref_seq.seq_align_end                 172 
_struct_ref_seq.pdbx_seq_align_end_ins_code   ? 
_struct_ref_seq.pdbx_db_accession             O15178 
_struct_ref_seq.db_align_beg                  41 
_struct_ref_seq.pdbx_db_align_beg_ins_code    ? 
_struct_ref_seq.db_align_end                  211 
_struct_ref_seq.pdbx_db_align_end_ins_code    ? 
_struct_ref_seq.pdbx_auth_seq_align_beg       41 
_struct_ref_seq.pdbx_auth_seq_align_end       211 
# 
loop_
_struct_ref_seq_dif.align_id 
_struct_ref_seq_dif.pdbx_pdb_id_code 
_struct_ref_seq_dif.mon_id 
_struct_ref_seq_dif.pdbx_pdb_strand_id 
_struct_ref_seq_dif.seq_num 
_struct_ref_seq_dif.pdbx_pdb_ins_code 
_struct_ref_seq_dif.pdbx_seq_db_name 
_struct_ref_seq_dif.pdbx_seq_db_accession_code 
_struct_ref_seq_dif.db_mon_id 
_struct_ref_seq_dif.pdbx_seq_db_seq_num 
_struct_ref_seq_dif.details 
_struct_ref_seq_dif.pdbx_auth_seq_num 
_struct_ref_seq_dif.pdbx_ordinal 
1 5QSJ GLY A 1   ? UNP O15178 ?   ?   'expression tag'      40  1 
1 5QSJ ASP A 138 ? UNP O15178 GLY 177 'engineered mutation' 177 2 
# 
_pdbx_struct_assembly.id                   1 
_pdbx_struct_assembly.details              author_and_software_defined_assembly 
_pdbx_struct_assembly.method_details       PISA 
_pdbx_struct_assembly.oligomeric_details   monomeric 
_pdbx_struct_assembly.oligomeric_count     1 
# 
_pdbx_struct_assembly_gen.assembly_id       1 
_pdbx_struct_assembly_gen.oper_expression   1 
_pdbx_struct_assembly_gen.asym_id_list      A,B,C 
# 
_pdbx_struct_oper_list.id                   1 
_pdbx_struct_oper_list.type                 'identity operation' 
_pdbx_struct_oper_list.name                 1_555 
_pdbx_struct_oper_list.symmetry_operation   x,y,z 
_pdbx_struct_oper_list.matrix[1][1]         1.0000000000 
_pdbx_struct_oper_list.matrix[1][2]         0.0000000000 
_pdbx_struct_oper_list.matrix[1][3]         0.0000000000 
_pdbx_struct_oper_list.vector[1]            0.0000000000 
_pdbx_struct_oper_list.matrix[2][1]         0.0000000000 
_pdbx_struct_oper_list.matrix[2][2]         1.0000000000 
_pdbx_struct_oper_list.matrix[2][3]         0.0000000000 
_pdbx_struct_oper_list.vector[2]            0.0000000000 
_pdbx_struct_oper_list.matrix[3][1]         0.0000000000 
_pdbx_struct_oper_list.matrix[3][2]         0.0000000000 
_pdbx_struct_oper_list.matrix[3][3]         1.0000000000 
_pdbx_struct_oper_list.vector[3]            0.0000000000 
# 
loop_
_struct_conf.conf_type_id 
_struct_conf.id 
_struct_conf.pdbx_PDB_helix_id 
_struct_conf.beg_label_comp_id 
_struct_conf.beg_label_asym_id 
_struct_conf.beg_label_seq_id 
_struct_conf.pdbx_beg_PDB_ins_code 
_struct_conf.end_label_comp_id 
_struct_conf.end_label_asym_id 
_struct_conf.end_label_seq_id 
_struct_conf.pdbx_end_PDB_ins_code 
_struct_conf.beg_auth_comp_id 
_struct_conf.beg_auth_asym_id 
_struct_conf.beg_auth_seq_id 
_struct_conf.end_auth_comp_id 
_struct_conf.end_auth_asym_id 
_struct_conf.end_auth_seq_id 
_struct_conf.pdbx_PDB_helix_class 
_struct_conf.details 
_struct_conf.pdbx_PDB_helix_length 
HELX_P HELX_P1 AA1 GLU A 9   ? THR A 20  ? GLU A 48  THR A 59  1 ? 12 
HELX_P HELX_P2 AA2 GLY A 94  ? LYS A 99  ? GLY A 133 LYS A 138 1 ? 6  
HELX_P HELX_P3 AA3 PRO A 149 ? GLN A 152 ? PRO A 188 GLN A 191 5 ? 4  
HELX_P HELX_P4 AA4 ASN A 161 ? ASN A 172 ? ASN A 200 ASN A 211 1 ? 12 
# 
_struct_conf_type.id          HELX_P 
_struct_conf_type.criteria    ? 
_struct_conf_type.reference   ? 
# 
loop_
_struct_mon_prot_cis.pdbx_id 
_struct_mon_prot_cis.label_comp_id 
_struct_mon_prot_cis.label_seq_id 
_struct_mon_prot_cis.label_asym_id 
_struct_mon_prot_cis.label_alt_id 
_struct_mon_prot_cis.pdbx_PDB_ins_code 
_struct_mon_prot_cis.auth_comp_id 
_struct_mon_prot_cis.auth_seq_id 
_struct_mon_prot_cis.auth_asym_id 
_struct_mon_prot_cis.pdbx_label_comp_id_2 
_struct_mon_prot_cis.pdbx_label_seq_id_2 
_struct_mon_prot_cis.pdbx_label_asym_id_2 
_struct_mon_prot_cis.pdbx_PDB_ins_code_2 
_struct_mon_prot_cis.pdbx_auth_comp_id_2 
_struct_mon_prot_cis.pdbx_auth_seq_id_2 
_struct_mon_prot_cis.pdbx_auth_asym_id_2 
_struct_mon_prot_cis.pdbx_PDB_model_num 
_struct_mon_prot_cis.pdbx_omega_angle 
1 PHE 33 A . ? PHE 72  A PRO 34 A ? PRO 73  A 1 -8.98  
2 SER 90 A . ? SER 129 A PRO 91 A ? PRO 130 A 1 -16.02 
# 
loop_
_struct_sheet.id 
_struct_sheet.type 
_struct_sheet.number_strands 
_struct_sheet.details 
AA1 ? 3 ? 
AA2 ? 5 ? 
AA3 ? 4 ? 
AA4 ? 3 ? 
AA5 ? 2 ? 
# 
loop_
_struct_sheet_order.sheet_id 
_struct_sheet_order.range_id_1 
_struct_sheet_order.range_id_2 
_struct_sheet_order.offset 
_struct_sheet_order.sense 
AA1 1 2 ? anti-parallel 
AA1 2 3 ? anti-parallel 
AA2 1 2 ? parallel      
AA2 2 3 ? anti-parallel 
AA2 3 4 ? anti-parallel 
AA2 4 5 ? anti-parallel 
AA3 1 2 ? anti-parallel 
AA3 2 3 ? anti-parallel 
AA3 3 4 ? anti-parallel 
AA4 1 2 ? anti-parallel 
AA4 2 3 ? parallel      
AA5 1 2 ? anti-parallel 
# 
loop_
_struct_sheet_range.sheet_id 
_struct_sheet_range.id 
_struct_sheet_range.beg_label_comp_id 
_struct_sheet_range.beg_label_asym_id 
_struct_sheet_range.beg_label_seq_id 
_struct_sheet_range.pdbx_beg_PDB_ins_code 
_struct_sheet_range.end_label_comp_id 
_struct_sheet_range.end_label_asym_id 
_struct_sheet_range.end_label_seq_id 
_struct_sheet_range.pdbx_end_PDB_ins_code 
_struct_sheet_range.beg_auth_comp_id 
_struct_sheet_range.beg_auth_asym_id 
_struct_sheet_range.beg_auth_seq_id 
_struct_sheet_range.end_auth_comp_id 
_struct_sheet_range.end_auth_asym_id 
_struct_sheet_range.end_auth_seq_id 
AA1 1 ARG A 4   ? LEU A 7   ? ARG A 43  LEU A 46  
AA1 2 LYS A 37  ? SER A 41  ? LYS A 76  SER A 80  
AA1 3 VAL A 102 ? SER A 103 ? VAL A 141 SER A 142 
AA2 1 GLU A 22  ? ILE A 24  ? GLU A 61  ILE A 63  
AA2 2 PHE A 153 ? VAL A 156 ? PHE A 192 VAL A 195 
AA2 3 LYS A 126 ? ARG A 135 ? LYS A 165 ARG A 174 
AA2 4 MET A 48  ? ALA A 57  ? MET A 87  ALA A 96  
AA2 5 ASN A 92  ? PHE A 93  ? ASN A 131 PHE A 132 
AA3 1 TYR A 85  ? ILE A 86  ? TYR A 124 ILE A 125 
AA3 2 MET A 48  ? ALA A 57  ? MET A 87  ALA A 96  
AA3 3 LYS A 126 ? ARG A 135 ? LYS A 165 ARG A 174 
AA3 4 ILE A 143 ? CYS A 147 ? ILE A 182 CYS A 186 
AA4 1 ARG A 30  ? ARG A 31  ? ARG A 69  ARG A 70  
AA4 2 LYS A 108 ? THR A 110 ? LYS A 147 THR A 149 
AA4 3 ILE A 119 ? MET A 120 ? ILE A 158 MET A 159 
AA5 1 ARG A 62  ? VAL A 66  ? ARG A 101 VAL A 105 
AA5 2 GLU A 69  ? GLY A 74  ? GLU A 108 GLY A 113 
# 
loop_
_pdbx_struct_sheet_hbond.sheet_id 
_pdbx_struct_sheet_hbond.range_id_1 
_pdbx_struct_sheet_hbond.range_id_2 
_pdbx_struct_sheet_hbond.range_1_label_atom_id 
_pdbx_struct_sheet_hbond.range_1_label_comp_id 
_pdbx_struct_sheet_hbond.range_1_label_asym_id 
_pdbx_struct_sheet_hbond.range_1_label_seq_id 
_pdbx_struct_sheet_hbond.range_1_PDB_ins_code 
_pdbx_struct_sheet_hbond.range_1_auth_atom_id 
_pdbx_struct_sheet_hbond.range_1_auth_comp_id 
_pdbx_struct_sheet_hbond.range_1_auth_asym_id 
_pdbx_struct_sheet_hbond.range_1_auth_seq_id 
_pdbx_struct_sheet_hbond.range_2_label_atom_id 
_pdbx_struct_sheet_hbond.range_2_label_comp_id 
_pdbx_struct_sheet_hbond.range_2_label_asym_id 
_pdbx_struct_sheet_hbond.range_2_label_seq_id 
_pdbx_struct_sheet_hbond.range_2_PDB_ins_code 
_pdbx_struct_sheet_hbond.range_2_auth_atom_id 
_pdbx_struct_sheet_hbond.range_2_auth_comp_id 
_pdbx_struct_sheet_hbond.range_2_auth_asym_id 
_pdbx_struct_sheet_hbond.range_2_auth_seq_id 
AA1 1 2 N ARG A 4   ? N ARG A 43  O SER A 41  ? O SER A 80  
AA1 2 3 N VAL A 38  ? N VAL A 77  O VAL A 102 ? O VAL A 141 
AA2 1 2 N MET A 23  ? N MET A 62  O VAL A 156 ? O VAL A 195 
AA2 2 3 O PHE A 153 ? O PHE A 192 N TYR A 127 ? N TYR A 166 
AA2 3 4 O VAL A 134 ? O VAL A 173 N SER A 50  ? N SER A 89  
AA2 4 5 N TYR A 49  ? N TYR A 88  O ASN A 92  ? O ASN A 131 
AA3 1 2 O TYR A 85  ? O TYR A 124 N LEU A 53  ? N LEU A 92  
AA3 2 3 N SER A 50  ? N SER A 89  O VAL A 134 ? O VAL A 173 
AA3 3 4 N ILE A 133 ? N ILE A 172 O THR A 144 ? O THR A 183 
AA4 1 2 N ARG A 30  ? N ARG A 69  O LEU A 109 ? O LEU A 148 
AA4 2 3 N LYS A 108 ? N LYS A 147 O ILE A 119 ? O ILE A 158 
AA5 1 2 N VAL A 66  ? N VAL A 105 O GLU A 69  ? O GLU A 108 
# 
_struct_site.id                   AC1 
_struct_site.pdbx_evidence_code   Software 
_struct_site.pdbx_auth_asym_id    A 
_struct_site.pdbx_auth_comp_id    O1M 
_struct_site.pdbx_auth_seq_id     301 
_struct_site.pdbx_auth_ins_code   ? 
_struct_site.pdbx_num_residues    6 
_struct_site.details              'binding site for residue O1M A 301' 
# 
loop_
_struct_site_gen.id 
_struct_site_gen.site_id 
_struct_site_gen.pdbx_num_res 
_struct_site_gen.label_comp_id 
_struct_site_gen.label_asym_id 
_struct_site_gen.label_seq_id 
_struct_site_gen.pdbx_auth_ins_code 
_struct_site_gen.auth_comp_id 
_struct_site_gen.auth_asym_id 
_struct_site_gen.auth_seq_id 
_struct_site_gen.label_atom_id 
_struct_site_gen.label_alt_id 
_struct_site_gen.symmetry 
_struct_site_gen.details 
1 AC1 6 GLU A 9   ? GLU A 48  . ? 1_555 ? 
2 AC1 6 GLU A 9   ? GLU A 48  . ? 4_555 ? 
3 AC1 6 ARG A 15  ? ARG A 54  . ? 1_555 ? 
4 AC1 6 PHE A 33  ? PHE A 72  . ? 4_555 ? 
5 AC1 6 TYR A 171 ? TYR A 210 . ? 1_555 ? 
6 AC1 6 TYR A 171 ? TYR A 210 . ? 4_555 ? 
# 
loop_
_pdbx_validate_rmsd_angle.id 
_pdbx_validate_rmsd_angle.PDB_model_num 
_pdbx_validate_rmsd_angle.auth_atom_id_1 
_pdbx_validate_rmsd_angle.auth_asym_id_1 
_pdbx_validate_rmsd_angle.auth_comp_id_1 
_pdbx_validate_rmsd_angle.auth_seq_id_1 
_pdbx_validate_rmsd_angle.PDB_ins_code_1 
_pdbx_validate_rmsd_angle.label_alt_id_1 
_pdbx_validate_rmsd_angle.auth_atom_id_2 
_pdbx_validate_rmsd_angle.auth_asym_id_2 
_pdbx_validate_rmsd_angle.auth_comp_id_2 
_pdbx_validate_rmsd_angle.auth_seq_id_2 
_pdbx_validate_rmsd_angle.PDB_ins_code_2 
_pdbx_validate_rmsd_angle.label_alt_id_2 
_pdbx_validate_rmsd_angle.auth_atom_id_3 
_pdbx_validate_rmsd_angle.auth_asym_id_3 
_pdbx_validate_rmsd_angle.auth_comp_id_3 
_pdbx_validate_rmsd_angle.auth_seq_id_3 
_pdbx_validate_rmsd_angle.PDB_ins_code_3 
_pdbx_validate_rmsd_angle.label_alt_id_3 
_pdbx_validate_rmsd_angle.angle_value 
_pdbx_validate_rmsd_angle.angle_target_value 
_pdbx_validate_rmsd_angle.angle_deviation 
_pdbx_validate_rmsd_angle.angle_standard_deviation 
_pdbx_validate_rmsd_angle.linker_flag 
1 1 NE A ARG 180 ? ? CZ A ARG 180 ? ? NH1 A ARG 180 ? ? 124.48 120.30 4.18  0.50 N 
2 1 NE A ARG 180 ? ? CZ A ARG 180 ? ? NH2 A ARG 180 ? ? 114.39 120.30 -5.91 0.50 N 
# 
loop_
_pdbx_validate_torsion.id 
_pdbx_validate_torsion.PDB_model_num 
_pdbx_validate_torsion.auth_comp_id 
_pdbx_validate_torsion.auth_asym_id 
_pdbx_validate_torsion.auth_seq_id 
_pdbx_validate_torsion.PDB_ins_code 
_pdbx_validate_torsion.label_alt_id 
_pdbx_validate_torsion.phi 
_pdbx_validate_torsion.psi 
1 1 THR A 59  ? ? 78.63   109.05 
2 1 ASN A 99  ? ? -95.56  31.26  
3 1 SER A 121 ? ? -69.24  78.12  
4 1 PHE A 143 ? ? -102.71 50.35  
5 1 PHE A 143 ? ? -95.72  50.35  
6 1 LEU A 152 ? ? -51.71  73.58  
# 
loop_
_pdbx_struct_special_symmetry.id 
_pdbx_struct_special_symmetry.PDB_model_num 
_pdbx_struct_special_symmetry.auth_asym_id 
_pdbx_struct_special_symmetry.auth_comp_id 
_pdbx_struct_special_symmetry.auth_seq_id 
_pdbx_struct_special_symmetry.PDB_ins_code 
_pdbx_struct_special_symmetry.label_asym_id 
_pdbx_struct_special_symmetry.label_comp_id 
_pdbx_struct_special_symmetry.label_seq_id 
1 1 A O1M 301 ? B O1M . 
2 1 A HOH 490 ? C HOH . 
# 
_phasing.method   MR 
# 
_pdbx_entry_details.entry_id                 5QSJ 
_pdbx_entry_details.has_ligand_of_interest   Y 
_pdbx_entry_details.compound_details         ? 
_pdbx_entry_details.source_details           ? 
_pdbx_entry_details.nonpolymer_details       ? 
_pdbx_entry_details.sequence_details         ? 
# 
loop_
_pdbx_distant_solvent_atoms.id 
_pdbx_distant_solvent_atoms.PDB_model_num 
_pdbx_distant_solvent_atoms.auth_atom_id 
_pdbx_distant_solvent_atoms.label_alt_id 
_pdbx_distant_solvent_atoms.auth_asym_id 
_pdbx_distant_solvent_atoms.auth_comp_id 
_pdbx_distant_solvent_atoms.auth_seq_id 
_pdbx_distant_solvent_atoms.PDB_ins_code 
_pdbx_distant_solvent_atoms.neighbor_macromolecule_distance 
_pdbx_distant_solvent_atoms.neighbor_ligand_distance 
1 1 O ? A HOH 578 ? 5.85 . 
2 1 O ? A HOH 579 ? 6.55 . 
# 
_pdbx_unobs_or_zero_occ_residues.id               1 
_pdbx_unobs_or_zero_occ_residues.PDB_model_num    1 
_pdbx_unobs_or_zero_occ_residues.polymer_flag     Y 
_pdbx_unobs_or_zero_occ_residues.occupancy_flag   1 
_pdbx_unobs_or_zero_occ_residues.auth_asym_id     A 
_pdbx_unobs_or_zero_occ_residues.auth_comp_id     GLY 
_pdbx_unobs_or_zero_occ_residues.auth_seq_id      40 
_pdbx_unobs_or_zero_occ_residues.PDB_ins_code     ? 
_pdbx_unobs_or_zero_occ_residues.label_asym_id    A 
_pdbx_unobs_or_zero_occ_residues.label_comp_id    GLY 
_pdbx_unobs_or_zero_occ_residues.label_seq_id     1 
# 
loop_
_chem_comp_atom.comp_id 
_chem_comp_atom.atom_id 
_chem_comp_atom.type_symbol 
_chem_comp_atom.pdbx_aromatic_flag 
_chem_comp_atom.pdbx_stereo_config 
_chem_comp_atom.pdbx_ordinal 
ALA N    N N N 1   
ALA CA   C N S 2   
ALA C    C N N 3   
ALA O    O N N 4   
ALA CB   C N N 5   
ALA OXT  O N N 6   
ALA H    H N N 7   
ALA H2   H N N 8   
ALA HA   H N N 9   
ALA HB1  H N N 10  
ALA HB2  H N N 11  
ALA HB3  H N N 12  
ALA HXT  H N N 13  
ARG N    N N N 14  
ARG CA   C N S 15  
ARG C    C N N 16  
ARG O    O N N 17  
ARG CB   C N N 18  
ARG CG   C N N 19  
ARG CD   C N N 20  
ARG NE   N N N 21  
ARG CZ   C N N 22  
ARG NH1  N N N 23  
ARG NH2  N N N 24  
ARG OXT  O N N 25  
ARG H    H N N 26  
ARG H2   H N N 27  
ARG HA   H N N 28  
ARG HB2  H N N 29  
ARG HB3  H N N 30  
ARG HG2  H N N 31  
ARG HG3  H N N 32  
ARG HD2  H N N 33  
ARG HD3  H N N 34  
ARG HE   H N N 35  
ARG HH11 H N N 36  
ARG HH12 H N N 37  
ARG HH21 H N N 38  
ARG HH22 H N N 39  
ARG HXT  H N N 40  
ASN N    N N N 41  
ASN CA   C N S 42  
ASN C    C N N 43  
ASN O    O N N 44  
ASN CB   C N N 45  
ASN CG   C N N 46  
ASN OD1  O N N 47  
ASN ND2  N N N 48  
ASN OXT  O N N 49  
ASN H    H N N 50  
ASN H2   H N N 51  
ASN HA   H N N 52  
ASN HB2  H N N 53  
ASN HB3  H N N 54  
ASN HD21 H N N 55  
ASN HD22 H N N 56  
ASN HXT  H N N 57  
ASP N    N N N 58  
ASP CA   C N S 59  
ASP C    C N N 60  
ASP O    O N N 61  
ASP CB   C N N 62  
ASP CG   C N N 63  
ASP OD1  O N N 64  
ASP OD2  O N N 65  
ASP OXT  O N N 66  
ASP H    H N N 67  
ASP H2   H N N 68  
ASP HA   H N N 69  
ASP HB2  H N N 70  
ASP HB3  H N N 71  
ASP HD2  H N N 72  
ASP HXT  H N N 73  
CYS N    N N N 74  
CYS CA   C N R 75  
CYS C    C N N 76  
CYS O    O N N 77  
CYS CB   C N N 78  
CYS SG   S N N 79  
CYS OXT  O N N 80  
CYS H    H N N 81  
CYS H2   H N N 82  
CYS HA   H N N 83  
CYS HB2  H N N 84  
CYS HB3  H N N 85  
CYS HG   H N N 86  
CYS HXT  H N N 87  
GLN N    N N N 88  
GLN CA   C N S 89  
GLN C    C N N 90  
GLN O    O N N 91  
GLN CB   C N N 92  
GLN CG   C N N 93  
GLN CD   C N N 94  
GLN OE1  O N N 95  
GLN NE2  N N N 96  
GLN OXT  O N N 97  
GLN H    H N N 98  
GLN H2   H N N 99  
GLN HA   H N N 100 
GLN HB2  H N N 101 
GLN HB3  H N N 102 
GLN HG2  H N N 103 
GLN HG3  H N N 104 
GLN HE21 H N N 105 
GLN HE22 H N N 106 
GLN HXT  H N N 107 
GLU N    N N N 108 
GLU CA   C N S 109 
GLU C    C N N 110 
GLU O    O N N 111 
GLU CB   C N N 112 
GLU CG   C N N 113 
GLU CD   C N N 114 
GLU OE1  O N N 115 
GLU OE2  O N N 116 
GLU OXT  O N N 117 
GLU H    H N N 118 
GLU H2   H N N 119 
GLU HA   H N N 120 
GLU HB2  H N N 121 
GLU HB3  H N N 122 
GLU HG2  H N N 123 
GLU HG3  H N N 124 
GLU HE2  H N N 125 
GLU HXT  H N N 126 
GLY N    N N N 127 
GLY CA   C N N 128 
GLY C    C N N 129 
GLY O    O N N 130 
GLY OXT  O N N 131 
GLY H    H N N 132 
GLY H2   H N N 133 
GLY HA2  H N N 134 
GLY HA3  H N N 135 
GLY HXT  H N N 136 
HIS N    N N N 137 
HIS CA   C N S 138 
HIS C    C N N 139 
HIS O    O N N 140 
HIS CB   C N N 141 
HIS CG   C Y N 142 
HIS ND1  N Y N 143 
HIS CD2  C Y N 144 
HIS CE1  C Y N 145 
HIS NE2  N Y N 146 
HIS OXT  O N N 147 
HIS H    H N N 148 
HIS H2   H N N 149 
HIS HA   H N N 150 
HIS HB2  H N N 151 
HIS HB3  H N N 152 
HIS HD1  H N N 153 
HIS HD2  H N N 154 
HIS HE1  H N N 155 
HIS HE2  H N N 156 
HIS HXT  H N N 157 
HOH O    O N N 158 
HOH H1   H N N 159 
HOH H2   H N N 160 
ILE N    N N N 161 
ILE CA   C N S 162 
ILE C    C N N 163 
ILE O    O N N 164 
ILE CB   C N S 165 
ILE CG1  C N N 166 
ILE CG2  C N N 167 
ILE CD1  C N N 168 
ILE OXT  O N N 169 
ILE H    H N N 170 
ILE H2   H N N 171 
ILE HA   H N N 172 
ILE HB   H N N 173 
ILE HG12 H N N 174 
ILE HG13 H N N 175 
ILE HG21 H N N 176 
ILE HG22 H N N 177 
ILE HG23 H N N 178 
ILE HD11 H N N 179 
ILE HD12 H N N 180 
ILE HD13 H N N 181 
ILE HXT  H N N 182 
LEU N    N N N 183 
LEU CA   C N S 184 
LEU C    C N N 185 
LEU O    O N N 186 
LEU CB   C N N 187 
LEU CG   C N N 188 
LEU CD1  C N N 189 
LEU CD2  C N N 190 
LEU OXT  O N N 191 
LEU H    H N N 192 
LEU H2   H N N 193 
LEU HA   H N N 194 
LEU HB2  H N N 195 
LEU HB3  H N N 196 
LEU HG   H N N 197 
LEU HD11 H N N 198 
LEU HD12 H N N 199 
LEU HD13 H N N 200 
LEU HD21 H N N 201 
LEU HD22 H N N 202 
LEU HD23 H N N 203 
LEU HXT  H N N 204 
LYS N    N N N 205 
LYS CA   C N S 206 
LYS C    C N N 207 
LYS O    O N N 208 
LYS CB   C N N 209 
LYS CG   C N N 210 
LYS CD   C N N 211 
LYS CE   C N N 212 
LYS NZ   N N N 213 
LYS OXT  O N N 214 
LYS H    H N N 215 
LYS H2   H N N 216 
LYS HA   H N N 217 
LYS HB2  H N N 218 
LYS HB3  H N N 219 
LYS HG2  H N N 220 
LYS HG3  H N N 221 
LYS HD2  H N N 222 
LYS HD3  H N N 223 
LYS HE2  H N N 224 
LYS HE3  H N N 225 
LYS HZ1  H N N 226 
LYS HZ2  H N N 227 
LYS HZ3  H N N 228 
LYS HXT  H N N 229 
MET N    N N N 230 
MET CA   C N S 231 
MET C    C N N 232 
MET O    O N N 233 
MET CB   C N N 234 
MET CG   C N N 235 
MET SD   S N N 236 
MET CE   C N N 237 
MET OXT  O N N 238 
MET H    H N N 239 
MET H2   H N N 240 
MET HA   H N N 241 
MET HB2  H N N 242 
MET HB3  H N N 243 
MET HG2  H N N 244 
MET HG3  H N N 245 
MET HE1  H N N 246 
MET HE2  H N N 247 
MET HE3  H N N 248 
MET HXT  H N N 249 
O1M N1   N N N 250 
O1M C4   C N N 251 
O1M C5   C Y N 252 
O1M C6   C Y N 253 
O1M C7   C Y N 254 
O1M C8   C Y N 255 
O1M C10  C Y N 256 
O1M N    N N N 257 
O1M C    C N N 258 
O1M O    O N N 259 
O1M C1   C N N 260 
O1M C2   C N N 261 
O1M C3   C N N 262 
O1M C9   C Y N 263 
O1M F    F N N 264 
O1M N2   N N N 265 
O1M H1   H N N 266 
O1M H2   H N N 267 
O1M H3   H N N 268 
O1M H4   H N N 269 
O1M H5   H N N 270 
O1M H6   H N N 271 
O1M H7   H N N 272 
O1M H8   H N N 273 
O1M H9   H N N 274 
O1M H10  H N N 275 
O1M H11  H N N 276 
O1M H12  H N N 277 
O1M H13  H N N 278 
O1M H14  H N N 279 
PHE N    N N N 280 
PHE CA   C N S 281 
PHE C    C N N 282 
PHE O    O N N 283 
PHE CB   C N N 284 
PHE CG   C Y N 285 
PHE CD1  C Y N 286 
PHE CD2  C Y N 287 
PHE CE1  C Y N 288 
PHE CE2  C Y N 289 
PHE CZ   C Y N 290 
PHE OXT  O N N 291 
PHE H    H N N 292 
PHE H2   H N N 293 
PHE HA   H N N 294 
PHE HB2  H N N 295 
PHE HB3  H N N 296 
PHE HD1  H N N 297 
PHE HD2  H N N 298 
PHE HE1  H N N 299 
PHE HE2  H N N 300 
PHE HZ   H N N 301 
PHE HXT  H N N 302 
PRO N    N N N 303 
PRO CA   C N S 304 
PRO C    C N N 305 
PRO O    O N N 306 
PRO CB   C N N 307 
PRO CG   C N N 308 
PRO CD   C N N 309 
PRO OXT  O N N 310 
PRO H    H N N 311 
PRO HA   H N N 312 
PRO HB2  H N N 313 
PRO HB3  H N N 314 
PRO HG2  H N N 315 
PRO HG3  H N N 316 
PRO HD2  H N N 317 
PRO HD3  H N N 318 
PRO HXT  H N N 319 
SER N    N N N 320 
SER CA   C N S 321 
SER C    C N N 322 
SER O    O N N 323 
SER CB   C N N 324 
SER OG   O N N 325 
SER OXT  O N N 326 
SER H    H N N 327 
SER H2   H N N 328 
SER HA   H N N 329 
SER HB2  H N N 330 
SER HB3  H N N 331 
SER HG   H N N 332 
SER HXT  H N N 333 
THR N    N N N 334 
THR CA   C N S 335 
THR C    C N N 336 
THR O    O N N 337 
THR CB   C N R 338 
THR OG1  O N N 339 
THR CG2  C N N 340 
THR OXT  O N N 341 
THR H    H N N 342 
THR H2   H N N 343 
THR HA   H N N 344 
THR HB   H N N 345 
THR HG1  H N N 346 
THR HG21 H N N 347 
THR HG22 H N N 348 
THR HG23 H N N 349 
THR HXT  H N N 350 
TRP N    N N N 351 
TRP CA   C N S 352 
TRP C    C N N 353 
TRP O    O N N 354 
TRP CB   C N N 355 
TRP CG   C Y N 356 
TRP CD1  C Y N 357 
TRP CD2  C Y N 358 
TRP NE1  N Y N 359 
TRP CE2  C Y N 360 
TRP CE3  C Y N 361 
TRP CZ2  C Y N 362 
TRP CZ3  C Y N 363 
TRP CH2  C Y N 364 
TRP OXT  O N N 365 
TRP H    H N N 366 
TRP H2   H N N 367 
TRP HA   H N N 368 
TRP HB2  H N N 369 
TRP HB3  H N N 370 
TRP HD1  H N N 371 
TRP HE1  H N N 372 
TRP HE3  H N N 373 
TRP HZ2  H N N 374 
TRP HZ3  H N N 375 
TRP HH2  H N N 376 
TRP HXT  H N N 377 
TYR N    N N N 378 
TYR CA   C N S 379 
TYR C    C N N 380 
TYR O    O N N 381 
TYR CB   C N N 382 
TYR CG   C Y N 383 
TYR CD1  C Y N 384 
TYR CD2  C Y N 385 
TYR CE1  C Y N 386 
TYR CE2  C Y N 387 
TYR CZ   C Y N 388 
TYR OH   O N N 389 
TYR OXT  O N N 390 
TYR H    H N N 391 
TYR H2   H N N 392 
TYR HA   H N N 393 
TYR HB2  H N N 394 
TYR HB3  H N N 395 
TYR HD1  H N N 396 
TYR HD2  H N N 397 
TYR HE1  H N N 398 
TYR HE2  H N N 399 
TYR HH   H N N 400 
TYR HXT  H N N 401 
VAL N    N N N 402 
VAL CA   C N S 403 
VAL C    C N N 404 
VAL O    O N N 405 
VAL CB   C N N 406 
VAL CG1  C N N 407 
VAL CG2  C N N 408 
VAL OXT  O N N 409 
VAL H    H N N 410 
VAL H2   H N N 411 
VAL HA   H N N 412 
VAL HB   H N N 413 
VAL HG11 H N N 414 
VAL HG12 H N N 415 
VAL HG13 H N N 416 
VAL HG21 H N N 417 
VAL HG22 H N N 418 
VAL HG23 H N N 419 
VAL HXT  H N N 420 
# 
loop_
_chem_comp_bond.comp_id 
_chem_comp_bond.atom_id_1 
_chem_comp_bond.atom_id_2 
_chem_comp_bond.value_order 
_chem_comp_bond.pdbx_aromatic_flag 
_chem_comp_bond.pdbx_stereo_config 
_chem_comp_bond.pdbx_ordinal 
ALA N   CA   sing N N 1   
ALA N   H    sing N N 2   
ALA N   H2   sing N N 3   
ALA CA  C    sing N N 4   
ALA CA  CB   sing N N 5   
ALA CA  HA   sing N N 6   
ALA C   O    doub N N 7   
ALA C   OXT  sing N N 8   
ALA CB  HB1  sing N N 9   
ALA CB  HB2  sing N N 10  
ALA CB  HB3  sing N N 11  
ALA OXT HXT  sing N N 12  
ARG N   CA   sing N N 13  
ARG N   H    sing N N 14  
ARG N   H2   sing N N 15  
ARG CA  C    sing N N 16  
ARG CA  CB   sing N N 17  
ARG CA  HA   sing N N 18  
ARG C   O    doub N N 19  
ARG C   OXT  sing N N 20  
ARG CB  CG   sing N N 21  
ARG CB  HB2  sing N N 22  
ARG CB  HB3  sing N N 23  
ARG CG  CD   sing N N 24  
ARG CG  HG2  sing N N 25  
ARG CG  HG3  sing N N 26  
ARG CD  NE   sing N N 27  
ARG CD  HD2  sing N N 28  
ARG CD  HD3  sing N N 29  
ARG NE  CZ   sing N N 30  
ARG NE  HE   sing N N 31  
ARG CZ  NH1  sing N N 32  
ARG CZ  NH2  doub N N 33  
ARG NH1 HH11 sing N N 34  
ARG NH1 HH12 sing N N 35  
ARG NH2 HH21 sing N N 36  
ARG NH2 HH22 sing N N 37  
ARG OXT HXT  sing N N 38  
ASN N   CA   sing N N 39  
ASN N   H    sing N N 40  
ASN N   H2   sing N N 41  
ASN CA  C    sing N N 42  
ASN CA  CB   sing N N 43  
ASN CA  HA   sing N N 44  
ASN C   O    doub N N 45  
ASN C   OXT  sing N N 46  
ASN CB  CG   sing N N 47  
ASN CB  HB2  sing N N 48  
ASN CB  HB3  sing N N 49  
ASN CG  OD1  doub N N 50  
ASN CG  ND2  sing N N 51  
ASN ND2 HD21 sing N N 52  
ASN ND2 HD22 sing N N 53  
ASN OXT HXT  sing N N 54  
ASP N   CA   sing N N 55  
ASP N   H    sing N N 56  
ASP N   H2   sing N N 57  
ASP CA  C    sing N N 58  
ASP CA  CB   sing N N 59  
ASP CA  HA   sing N N 60  
ASP C   O    doub N N 61  
ASP C   OXT  sing N N 62  
ASP CB  CG   sing N N 63  
ASP CB  HB2  sing N N 64  
ASP CB  HB3  sing N N 65  
ASP CG  OD1  doub N N 66  
ASP CG  OD2  sing N N 67  
ASP OD2 HD2  sing N N 68  
ASP OXT HXT  sing N N 69  
CYS N   CA   sing N N 70  
CYS N   H    sing N N 71  
CYS N   H2   sing N N 72  
CYS CA  C    sing N N 73  
CYS CA  CB   sing N N 74  
CYS CA  HA   sing N N 75  
CYS C   O    doub N N 76  
CYS C   OXT  sing N N 77  
CYS CB  SG   sing N N 78  
CYS CB  HB2  sing N N 79  
CYS CB  HB3  sing N N 80  
CYS SG  HG   sing N N 81  
CYS OXT HXT  sing N N 82  
GLN N   CA   sing N N 83  
GLN N   H    sing N N 84  
GLN N   H2   sing N N 85  
GLN CA  C    sing N N 86  
GLN CA  CB   sing N N 87  
GLN CA  HA   sing N N 88  
GLN C   O    doub N N 89  
GLN C   OXT  sing N N 90  
GLN CB  CG   sing N N 91  
GLN CB  HB2  sing N N 92  
GLN CB  HB3  sing N N 93  
GLN CG  CD   sing N N 94  
GLN CG  HG2  sing N N 95  
GLN CG  HG3  sing N N 96  
GLN CD  OE1  doub N N 97  
GLN CD  NE2  sing N N 98  
GLN NE2 HE21 sing N N 99  
GLN NE2 HE22 sing N N 100 
GLN OXT HXT  sing N N 101 
GLU N   CA   sing N N 102 
GLU N   H    sing N N 103 
GLU N   H2   sing N N 104 
GLU CA  C    sing N N 105 
GLU CA  CB   sing N N 106 
GLU CA  HA   sing N N 107 
GLU C   O    doub N N 108 
GLU C   OXT  sing N N 109 
GLU CB  CG   sing N N 110 
GLU CB  HB2  sing N N 111 
GLU CB  HB3  sing N N 112 
GLU CG  CD   sing N N 113 
GLU CG  HG2  sing N N 114 
GLU CG  HG3  sing N N 115 
GLU CD  OE1  doub N N 116 
GLU CD  OE2  sing N N 117 
GLU OE2 HE2  sing N N 118 
GLU OXT HXT  sing N N 119 
GLY N   CA   sing N N 120 
GLY N   H    sing N N 121 
GLY N   H2   sing N N 122 
GLY CA  C    sing N N 123 
GLY CA  HA2  sing N N 124 
GLY CA  HA3  sing N N 125 
GLY C   O    doub N N 126 
GLY C   OXT  sing N N 127 
GLY OXT HXT  sing N N 128 
HIS N   CA   sing N N 129 
HIS N   H    sing N N 130 
HIS N   H2   sing N N 131 
HIS CA  C    sing N N 132 
HIS CA  CB   sing N N 133 
HIS CA  HA   sing N N 134 
HIS C   O    doub N N 135 
HIS C   OXT  sing N N 136 
HIS CB  CG   sing N N 137 
HIS CB  HB2  sing N N 138 
HIS CB  HB3  sing N N 139 
HIS CG  ND1  sing Y N 140 
HIS CG  CD2  doub Y N 141 
HIS ND1 CE1  doub Y N 142 
HIS ND1 HD1  sing N N 143 
HIS CD2 NE2  sing Y N 144 
HIS CD2 HD2  sing N N 145 
HIS CE1 NE2  sing Y N 146 
HIS CE1 HE1  sing N N 147 
HIS NE2 HE2  sing N N 148 
HIS OXT HXT  sing N N 149 
HOH O   H1   sing N N 150 
HOH O   H2   sing N N 151 
ILE N   CA   sing N N 152 
ILE N   H    sing N N 153 
ILE N   H2   sing N N 154 
ILE CA  C    sing N N 155 
ILE CA  CB   sing N N 156 
ILE CA  HA   sing N N 157 
ILE C   O    doub N N 158 
ILE C   OXT  sing N N 159 
ILE CB  CG1  sing N N 160 
ILE CB  CG2  sing N N 161 
ILE CB  HB   sing N N 162 
ILE CG1 CD1  sing N N 163 
ILE CG1 HG12 sing N N 164 
ILE CG1 HG13 sing N N 165 
ILE CG2 HG21 sing N N 166 
ILE CG2 HG22 sing N N 167 
ILE CG2 HG23 sing N N 168 
ILE CD1 HD11 sing N N 169 
ILE CD1 HD12 sing N N 170 
ILE CD1 HD13 sing N N 171 
ILE OXT HXT  sing N N 172 
LEU N   CA   sing N N 173 
LEU N   H    sing N N 174 
LEU N   H2   sing N N 175 
LEU CA  C    sing N N 176 
LEU CA  CB   sing N N 177 
LEU CA  HA   sing N N 178 
LEU C   O    doub N N 179 
LEU C   OXT  sing N N 180 
LEU CB  CG   sing N N 181 
LEU CB  HB2  sing N N 182 
LEU CB  HB3  sing N N 183 
LEU CG  CD1  sing N N 184 
LEU CG  CD2  sing N N 185 
LEU CG  HG   sing N N 186 
LEU CD1 HD11 sing N N 187 
LEU CD1 HD12 sing N N 188 
LEU CD1 HD13 sing N N 189 
LEU CD2 HD21 sing N N 190 
LEU CD2 HD22 sing N N 191 
LEU CD2 HD23 sing N N 192 
LEU OXT HXT  sing N N 193 
LYS N   CA   sing N N 194 
LYS N   H    sing N N 195 
LYS N   H2   sing N N 196 
LYS CA  C    sing N N 197 
LYS CA  CB   sing N N 198 
LYS CA  HA   sing N N 199 
LYS C   O    doub N N 200 
LYS C   OXT  sing N N 201 
LYS CB  CG   sing N N 202 
LYS CB  HB2  sing N N 203 
LYS CB  HB3  sing N N 204 
LYS CG  CD   sing N N 205 
LYS CG  HG2  sing N N 206 
LYS CG  HG3  sing N N 207 
LYS CD  CE   sing N N 208 
LYS CD  HD2  sing N N 209 
LYS CD  HD3  sing N N 210 
LYS CE  NZ   sing N N 211 
LYS CE  HE2  sing N N 212 
LYS CE  HE3  sing N N 213 
LYS NZ  HZ1  sing N N 214 
LYS NZ  HZ2  sing N N 215 
LYS NZ  HZ3  sing N N 216 
LYS OXT HXT  sing N N 217 
MET N   CA   sing N N 218 
MET N   H    sing N N 219 
MET N   H2   sing N N 220 
MET CA  C    sing N N 221 
MET CA  CB   sing N N 222 
MET CA  HA   sing N N 223 
MET C   O    doub N N 224 
MET C   OXT  sing N N 225 
MET CB  CG   sing N N 226 
MET CB  HB2  sing N N 227 
MET CB  HB3  sing N N 228 
MET CG  SD   sing N N 229 
MET CG  HG2  sing N N 230 
MET CG  HG3  sing N N 231 
MET SD  CE   sing N N 232 
MET CE  HE1  sing N N 233 
MET CE  HE2  sing N N 234 
MET CE  HE3  sing N N 235 
MET OXT HXT  sing N N 236 
O1M F   C8   sing N N 237 
O1M C8  C9   doub Y N 238 
O1M C8  C7   sing Y N 239 
O1M C9  C10  sing Y N 240 
O1M C7  C6   doub Y N 241 
O1M C10 C5   doub Y N 242 
O1M C6  C5   sing Y N 243 
O1M C5  N2   sing N N 244 
O1M N2  C3   sing N N 245 
O1M N2  C2   sing N N 246 
O1M C3  C4   sing N N 247 
O1M C2  C1   sing N N 248 
O1M C4  N1   sing N N 249 
O1M C1  N1   sing N N 250 
O1M N1  C    sing N N 251 
O1M C   N    sing N N 252 
O1M C   O    doub N N 253 
O1M C4  H1   sing N N 254 
O1M C4  H2   sing N N 255 
O1M C6  H3   sing N N 256 
O1M C7  H4   sing N N 257 
O1M C10 H5   sing N N 258 
O1M N   H6   sing N N 259 
O1M N   H7   sing N N 260 
O1M C1  H8   sing N N 261 
O1M C1  H9   sing N N 262 
O1M C2  H10  sing N N 263 
O1M C2  H11  sing N N 264 
O1M C3  H12  sing N N 265 
O1M C3  H13  sing N N 266 
O1M C9  H14  sing N N 267 
PHE N   CA   sing N N 268 
PHE N   H    sing N N 269 
PHE N   H2   sing N N 270 
PHE CA  C    sing N N 271 
PHE CA  CB   sing N N 272 
PHE CA  HA   sing N N 273 
PHE C   O    doub N N 274 
PHE C   OXT  sing N N 275 
PHE CB  CG   sing N N 276 
PHE CB  HB2  sing N N 277 
PHE CB  HB3  sing N N 278 
PHE CG  CD1  doub Y N 279 
PHE CG  CD2  sing Y N 280 
PHE CD1 CE1  sing Y N 281 
PHE CD1 HD1  sing N N 282 
PHE CD2 CE2  doub Y N 283 
PHE CD2 HD2  sing N N 284 
PHE CE1 CZ   doub Y N 285 
PHE CE1 HE1  sing N N 286 
PHE CE2 CZ   sing Y N 287 
PHE CE2 HE2  sing N N 288 
PHE CZ  HZ   sing N N 289 
PHE OXT HXT  sing N N 290 
PRO N   CA   sing N N 291 
PRO N   CD   sing N N 292 
PRO N   H    sing N N 293 
PRO CA  C    sing N N 294 
PRO CA  CB   sing N N 295 
PRO CA  HA   sing N N 296 
PRO C   O    doub N N 297 
PRO C   OXT  sing N N 298 
PRO CB  CG   sing N N 299 
PRO CB  HB2  sing N N 300 
PRO CB  HB3  sing N N 301 
PRO CG  CD   sing N N 302 
PRO CG  HG2  sing N N 303 
PRO CG  HG3  sing N N 304 
PRO CD  HD2  sing N N 305 
PRO CD  HD3  sing N N 306 
PRO OXT HXT  sing N N 307 
SER N   CA   sing N N 308 
SER N   H    sing N N 309 
SER N   H2   sing N N 310 
SER CA  C    sing N N 311 
SER CA  CB   sing N N 312 
SER CA  HA   sing N N 313 
SER C   O    doub N N 314 
SER C   OXT  sing N N 315 
SER CB  OG   sing N N 316 
SER CB  HB2  sing N N 317 
SER CB  HB3  sing N N 318 
SER OG  HG   sing N N 319 
SER OXT HXT  sing N N 320 
THR N   CA   sing N N 321 
THR N   H    sing N N 322 
THR N   H2   sing N N 323 
THR CA  C    sing N N 324 
THR CA  CB   sing N N 325 
THR CA  HA   sing N N 326 
THR C   O    doub N N 327 
THR C   OXT  sing N N 328 
THR CB  OG1  sing N N 329 
THR CB  CG2  sing N N 330 
THR CB  HB   sing N N 331 
THR OG1 HG1  sing N N 332 
THR CG2 HG21 sing N N 333 
THR CG2 HG22 sing N N 334 
THR CG2 HG23 sing N N 335 
THR OXT HXT  sing N N 336 
TRP N   CA   sing N N 337 
TRP N   H    sing N N 338 
TRP N   H2   sing N N 339 
TRP CA  C    sing N N 340 
TRP CA  CB   sing N N 341 
TRP CA  HA   sing N N 342 
TRP C   O    doub N N 343 
TRP C   OXT  sing N N 344 
TRP CB  CG   sing N N 345 
TRP CB  HB2  sing N N 346 
TRP CB  HB3  sing N N 347 
TRP CG  CD1  doub Y N 348 
TRP CG  CD2  sing Y N 349 
TRP CD1 NE1  sing Y N 350 
TRP CD1 HD1  sing N N 351 
TRP CD2 CE2  doub Y N 352 
TRP CD2 CE3  sing Y N 353 
TRP NE1 CE2  sing Y N 354 
TRP NE1 HE1  sing N N 355 
TRP CE2 CZ2  sing Y N 356 
TRP CE3 CZ3  doub Y N 357 
TRP CE3 HE3  sing N N 358 
TRP CZ2 CH2  doub Y N 359 
TRP CZ2 HZ2  sing N N 360 
TRP CZ3 CH2  sing Y N 361 
TRP CZ3 HZ3  sing N N 362 
TRP CH2 HH2  sing N N 363 
TRP OXT HXT  sing N N 364 
TYR N   CA   sing N N 365 
TYR N   H    sing N N 366 
TYR N   H2   sing N N 367 
TYR CA  C    sing N N 368 
TYR CA  CB   sing N N 369 
TYR CA  HA   sing N N 370 
TYR C   O    doub N N 371 
TYR C   OXT  sing N N 372 
TYR CB  CG   sing N N 373 
TYR CB  HB2  sing N N 374 
TYR CB  HB3  sing N N 375 
TYR CG  CD1  doub Y N 376 
TYR CG  CD2  sing Y N 377 
TYR CD1 CE1  sing Y N 378 
TYR CD1 HD1  sing N N 379 
TYR CD2 CE2  doub Y N 380 
TYR CD2 HD2  sing N N 381 
TYR CE1 CZ   doub Y N 382 
TYR CE1 HE1  sing N N 383 
TYR CE2 CZ   sing Y N 384 
TYR CE2 HE2  sing N N 385 
TYR CZ  OH   sing N N 386 
TYR OH  HH   sing N N 387 
TYR OXT HXT  sing N N 388 
VAL N   CA   sing N N 389 
VAL N   H    sing N N 390 
VAL N   H2   sing N N 391 
VAL CA  C    sing N N 392 
VAL CA  CB   sing N N 393 
VAL CA  HA   sing N N 394 
VAL C   O    doub N N 395 
VAL C   OXT  sing N N 396 
VAL CB  CG1  sing N N 397 
VAL CB  CG2  sing N N 398 
VAL CB  HB   sing N N 399 
VAL CG1 HG11 sing N N 400 
VAL CG1 HG12 sing N N 401 
VAL CG1 HG13 sing N N 402 
VAL CG2 HG21 sing N N 403 
VAL CG2 HG22 sing N N 404 
VAL CG2 HG23 sing N N 405 
VAL OXT HXT  sing N N 406 
# 
_pdbx_deposit_group.group_id            G_1002081 
_pdbx_deposit_group.group_description   
;Human Brachyury G177D variant screened against the DSI-poised Fragment Library by X-ray Crystallography at the XChem facility of Diamond Light Source beamline I04-1
;
_pdbx_deposit_group.group_title         'PanDDA analysis group deposition' 
_pdbx_deposit_group.group_type          'changed state' 
# 
_pdbx_entity_instance_feature.ordinal        1 
_pdbx_entity_instance_feature.comp_id        O1M 
_pdbx_entity_instance_feature.asym_id        ? 
_pdbx_entity_instance_feature.seq_num        ? 
_pdbx_entity_instance_feature.auth_comp_id   O1M 
_pdbx_entity_instance_feature.auth_asym_id   ? 
_pdbx_entity_instance_feature.auth_seq_num   ? 
_pdbx_entity_instance_feature.feature_type   'SUBJECT OF INVESTIGATION' 
_pdbx_entity_instance_feature.details        ? 
# 
_atom_sites.entry_id                    5QSJ 
_atom_sites.fract_transf_matrix[1][1]   -0.00831464 
_atom_sites.fract_transf_matrix[1][2]   0.00609150 
_atom_sites.fract_transf_matrix[1][3]   0.00517483 
_atom_sites.fract_transf_matrix[2][1]   -0.00152945 
_atom_sites.fract_transf_matrix[2][2]   -0.00085280 
_atom_sites.fract_transf_matrix[2][3]   0.01140029 
_atom_sites.fract_transf_matrix[3][1]   0.00647659 
_atom_sites.fract_transf_matrix[3][2]   0.00761802 
_atom_sites.fract_transf_matrix[3][3]   0.00143876 
_atom_sites.fract_transf_vector[1]      -0.176739 
_atom_sites.fract_transf_vector[2]      -0.362204 
_atom_sites.fract_transf_vector[3]      -0.018942 
# 
loop_
_atom_type.symbol 
C 
F 
N 
O 
S 
# 
loop_
_atom_site.group_PDB 
_atom_site.id 
_atom_site.type_symbol 
_atom_site.label_atom_id 
_atom_site.label_alt_id 
_atom_site.label_comp_id 
_atom_site.label_asym_id 
_atom_site.label_entity_id 
_atom_site.label_seq_id 
_atom_site.pdbx_PDB_ins_code 
_atom_site.Cartn_x 
_atom_site.Cartn_y 
_atom_site.Cartn_z 
_atom_site.occupancy 
_atom_site.B_iso_or_equiv 
_atom_site.pdbx_formal_charge 
_atom_site.auth_seq_id 
_atom_site.auth_comp_id 
_atom_site.auth_asym_id 
_atom_site.auth_atom_id 
_atom_site.pdbx_PDB_model_num 
ATOM   1    N N   . GLU A 1 2   ? -1.014  0.650   24.382  1.00 39.64  ? 41  GLU A N   1 
ATOM   2    C CA  . GLU A 1 2   ? -1.051  1.616   23.286  1.00 38.01  ? 41  GLU A CA  1 
ATOM   3    C C   . GLU A 1 2   ? -1.191  0.819   21.971  1.00 29.05  ? 41  GLU A C   1 
ATOM   4    O O   . GLU A 1 2   ? -0.465  -0.194  21.823  1.00 30.24  ? 41  GLU A O   1 
ATOM   5    C CB  . GLU A 1 2   ? 0.235   2.445   23.336  1.00 49.83  ? 41  GLU A CB  1 
ATOM   6    C CG  . GLU A 1 2   ? 0.250   3.642   22.402  1.00 55.44  ? 41  GLU A CG  1 
ATOM   7    C CD  . GLU A 1 2   ? -0.207  4.950   23.024  1.00 60.81  ? 41  GLU A CD  1 
ATOM   8    O OE1 . GLU A 1 2   ? -0.713  5.806   22.274  1.00 54.88  ? 41  GLU A OE1 1 
ATOM   9    O OE2 . GLU A 1 2   ? -0.054  5.105   24.257  1.00 73.94  ? 41  GLU A OE2 1 
ATOM   10   N N   . LEU A 1 3   ? -2.111  1.207   21.081  1.00 24.62  ? 42  LEU A N   1 
ATOM   11   C CA  . LEU A 1 3   ? -2.165  0.605   19.717  1.00 21.45  ? 42  LEU A CA  1 
ATOM   12   C C   . LEU A 1 3   ? -0.842  0.927   19.027  1.00 22.99  ? 42  LEU A C   1 
ATOM   13   O O   . LEU A 1 3   ? -0.466  2.094   18.923  1.00 25.62  ? 42  LEU A O   1 
ATOM   14   C CB  . LEU A 1 3   ? -3.354  1.136   18.914  1.00 21.44  ? 42  LEU A CB  1 
ATOM   15   C CG  . LEU A 1 3   ? -3.426  0.735   17.439  1.00 23.80  ? 42  LEU A CG  1 
ATOM   16   C CD1 . LEU A 1 3   ? -3.546  -0.765  17.274  1.00 25.27  ? 42  LEU A CD1 1 
ATOM   17   C CD2 . LEU A 1 3   ? -4.555  1.444   16.756  1.00 24.40  ? 42  LEU A CD2 1 
ATOM   18   N N   . ARG A 1 4   ? -0.180  -0.088  18.489  1.00 22.38  ? 43  ARG A N   1 
ATOM   19   C CA  . ARG A 1 4   ? 1.084   0.058   17.737  1.00 25.32  ? 43  ARG A CA  1 
ATOM   20   C C   . ARG A 1 4   ? 0.948   -0.791  16.476  1.00 23.63  ? 43  ARG A C   1 
ATOM   21   O O   . ARG A 1 4   ? 0.665   -1.997  16.613  1.00 23.56  ? 43  ARG A O   1 
ATOM   22   C CB  . ARG A 1 4   ? 2.302   -0.402  18.545  1.00 28.35  ? 43  ARG A CB  1 
ATOM   23   C CG  . ARG A 1 4   ? 2.737   0.584   19.620  1.00 37.15  ? 43  ARG A CG  1 
ATOM   24   C CD  . ARG A 1 4   ? 3.575   -0.050  20.723  1.00 44.90  ? 43  ARG A CD  1 
ATOM   25   N NE  . ARG A 1 4   ? 4.795   -0.692  20.232  1.00 49.84  ? 43  ARG A NE  1 
ATOM   26   C CZ  . ARG A 1 4   ? 6.033   -0.199  20.342  1.00 58.90  ? 43  ARG A CZ  1 
ATOM   27   N NH1 . ARG A 1 4   ? 7.061   -0.885  19.869  1.00 59.58  ? 43  ARG A NH1 1 
ATOM   28   N NH2 . ARG A 1 4   ? 6.248   0.976   20.915  1.00 63.82  ? 43  ARG A NH2 1 
ATOM   29   N N   . VAL A 1 5   ? 1.188   -0.185  15.308  1.00 23.34  ? 44  VAL A N   1 
ATOM   30   C CA  . VAL A 1 5   ? 1.149   -0.894  14.003  1.00 22.53  ? 44  VAL A CA  1 
ATOM   31   C C   . VAL A 1 5   ? 2.529   -0.712  13.392  1.00 24.37  ? 44  VAL A C   1 
ATOM   32   O O   . VAL A 1 5   ? 2.857   0.433   13.039  1.00 31.44  ? 44  VAL A O   1 
ATOM   33   C CB  . VAL A 1 5   ? 0.045   -0.350  13.082  1.00 20.76  ? 44  VAL A CB  1 
ATOM   34   C CG1 . VAL A 1 5   ? -0.052  -1.188  11.801  1.00 22.43  ? 44  VAL A CG1 1 
ATOM   35   C CG2 . VAL A 1 5   ? -1.290  -0.360  13.815  1.00 21.11  ? 44  VAL A CG2 1 
ATOM   36   N N   . GLY A 1 6   ? 3.300   -1.794  13.323  1.00 22.87  ? 45  GLY A N   1 
ATOM   37   C CA  . GLY A 1 6   ? 4.712   -1.748  12.887  1.00 21.33  ? 45  GLY A CA  1 
ATOM   38   C C   . GLY A 1 6   ? 4.883   -2.362  11.519  1.00 21.80  ? 45  GLY A C   1 
ATOM   39   O O   . GLY A 1 6   ? 4.255   -3.348  11.229  1.00 20.41  ? 45  GLY A O   1 
ATOM   40   N N   . LEU A 1 7   ? 5.671   -1.744  10.644  1.00 18.57  ? 46  LEU A N   1 
ATOM   41   C CA  . LEU A 1 7   ? 5.990   -2.349  9.331   1.00 17.63  ? 46  LEU A CA  1 
ATOM   42   C C   . LEU A 1 7   ? 6.925   -3.533  9.500   1.00 16.62  ? 46  LEU A C   1 
ATOM   43   O O   . LEU A 1 7   ? 7.907   -3.403  10.194  1.00 19.15  ? 46  LEU A O   1 
ATOM   44   C CB  . LEU A 1 7   ? 6.685   -1.305  8.468   1.00 17.94  ? 46  LEU A CB  1 
ATOM   45   C CG  . LEU A 1 7   ? 6.997   -1.728  7.049   1.00 18.41  ? 46  LEU A CG  1 
ATOM   46   C CD1 . LEU A 1 7   ? 5.742   -2.054  6.247   1.00 19.09  ? 46  LEU A CD1 1 
ATOM   47   C CD2 . LEU A 1 7   ? 7.818   -0.641  6.386   1.00 20.09  ? 46  LEU A CD2 1 
ATOM   48   N N   . GLU A 1 8   ? 6.536   -4.656  8.914   1.00 17.82  ? 47  GLU A N   1 
ATOM   49   C CA  . GLU A 1 8   ? 7.414   -5.844  8.808   1.00 18.02  ? 47  GLU A CA  1 
ATOM   50   C C   . GLU A 1 8   ? 8.391   -5.651  7.654   1.00 18.68  ? 47  GLU A C   1 
ATOM   51   O O   . GLU A 1 8   ? 8.052   -4.965  6.690   1.00 17.89  ? 47  GLU A O   1 
ATOM   52   C CB  . GLU A 1 8   ? 6.548   -7.063  8.597   1.00 20.18  ? 47  GLU A CB  1 
ATOM   53   C CG  . GLU A 1 8   ? 5.811   -7.391  9.845   1.00 21.11  ? 47  GLU A CG  1 
ATOM   54   C CD  . GLU A 1 8   ? 6.591   -8.225  10.847  1.00 25.09  ? 47  GLU A CD  1 
ATOM   55   O OE1 . GLU A 1 8   ? 6.337   -8.085  12.091  1.00 24.38  ? 47  GLU A OE1 1 
ATOM   56   O OE2 . GLU A 1 8   ? 7.425   -9.050  10.390  1.00 24.28  ? 47  GLU A OE2 1 
ATOM   57   N N   . GLU A 1 9   ? 9.590   -6.225  7.783   1.00 18.47  ? 48  GLU A N   1 
ATOM   58   C CA  . GLU A 1 9   ? 10.567  -6.286  6.663   1.00 18.37  ? 48  GLU A CA  1 
ATOM   59   C C   . GLU A 1 9   ? 10.869  -4.847  6.261   1.00 17.72  ? 48  GLU A C   1 
ATOM   60   O O   . GLU A 1 9   ? 11.054  -4.564  5.067   1.00 18.63  ? 48  GLU A O   1 
ATOM   61   C CB  . GLU A 1 9   ? 10.012  -7.123  5.510   1.00 19.41  ? 48  GLU A CB  1 
ATOM   62   C CG  . GLU A 1 9   ? 9.687   -8.557  5.886   1.00 19.98  ? 48  GLU A CG  1 
ATOM   63   C CD  . GLU A 1 9   ? 9.236   -9.468  4.762   1.00 23.83  ? 48  GLU A CD  1 
ATOM   64   O OE1 . GLU A 1 9   ? 9.067   -8.983  3.631   1.00 26.22  ? 48  GLU A OE1 1 
ATOM   65   O OE2 . GLU A 1 9   ? 9.017   -10.678 5.023   1.00 25.57  ? 48  GLU A OE2 1 
ATOM   66   N N   . SER A 1 10  ? 10.980  -3.960  7.225   1.00 17.78  ? 49  SER A N   1 
ATOM   67   C CA  . SER A 1 10  ? 11.254  -2.535  6.918   1.00 20.17  ? 49  SER A CA  1 
ATOM   68   C C   . SER A 1 10  ? 12.584  -2.375  6.181   1.00 20.97  ? 49  SER A C   1 
ATOM   69   O O   . SER A 1 10  ? 12.700  -1.458  5.330   1.00 21.68  ? 49  SER A O   1 
ATOM   70   C CB  . SER A 1 10  ? 11.240  -1.699  8.144   1.00 19.88  ? 49  SER A CB  1 
ATOM   71   O OG  . SER A 1 10  ? 12.187  -2.156  9.065   1.00 22.20  ? 49  SER A OG  1 
ATOM   72   N N   . GLU A 1 11  ? 13.573  -3.219  6.473   0.60 20.25  ? 50  GLU A N   1 
ATOM   73   C CA  . GLU A 1 11  ? 14.907  -3.111  5.825   0.60 22.03  ? 50  GLU A CA  1 
ATOM   74   C C   . GLU A 1 11  ? 14.783  -3.533  4.354   0.60 21.02  ? 50  GLU A C   1 
ATOM   75   O O   . GLU A 1 11  ? 15.523  -2.967  3.522   0.60 22.06  ? 50  GLU A O   1 
ATOM   76   C CB  . GLU A 1 11  ? 15.962  -3.870  6.631   0.60 23.75  ? 50  GLU A CB  1 
ATOM   77   C CG  . GLU A 1 11  ? 16.375  -3.113  7.883   0.60 25.94  ? 50  GLU A CG  1 
ATOM   78   C CD  . GLU A 1 11  ? 17.454  -3.740  8.750   0.60 27.01  ? 50  GLU A CD  1 
ATOM   79   O OE1 . GLU A 1 11  ? 18.236  -4.570  8.237   0.60 30.19  ? 50  GLU A OE1 1 
ATOM   80   O OE2 . GLU A 1 11  ? 17.519  -3.380  9.936   0.60 28.91  ? 50  GLU A OE2 1 
ATOM   81   N N   . LEU A 1 12  ? 13.872  -4.448  4.021   1.00 20.57  ? 51  LEU A N   1 
ATOM   82   C CA  . LEU A 1 12  ? 13.620  -4.810  2.600   1.00 20.65  ? 51  LEU A CA  1 
ATOM   83   C C   . LEU A 1 12  ? 13.008  -3.629  1.896   1.00 20.17  ? 51  LEU A C   1 
ATOM   84   O O   . LEU A 1 12  ? 13.440  -3.286  0.818   1.00 18.72  ? 51  LEU A O   1 
ATOM   85   C CB  . LEU A 1 12  ? 12.645  -5.978  2.498   1.00 21.45  ? 51  LEU A CB  1 
ATOM   86   C CG  . LEU A 1 12  ? 12.297  -6.477  1.097   1.00 22.68  ? 51  LEU A CG  1 
ATOM   87   C CD1 . LEU A 1 12  ? 13.508  -6.765  0.198   1.00 24.63  ? 51  LEU A CD1 1 
ATOM   88   C CD2 . LEU A 1 12  ? 11.403  -7.674  1.190   1.00 23.81  ? 51  LEU A CD2 1 
ATOM   89   N N   . TRP A 1 13  ? 11.959  -3.057  2.481   1.00 18.58  ? 52  TRP A N   1 
ATOM   90   C CA  . TRP A 1 13  ? 11.346  -1.875  1.857   1.00 17.12  ? 52  TRP A CA  1 
ATOM   91   C C   . TRP A 1 13  ? 12.378  -0.774  1.659   1.00 19.47  ? 52  TRP A C   1 
ATOM   92   O O   . TRP A 1 13  ? 12.325  -0.130  0.613   1.00 18.32  ? 52  TRP A O   1 
ATOM   93   C CB  . TRP A 1 13  ? 10.184  -1.395  2.727   1.00 17.42  ? 52  TRP A CB  1 
ATOM   94   C CG  . TRP A 1 13  ? 8.940   -2.191  2.541   1.00 16.97  ? 52  TRP A CG  1 
ATOM   95   C CD1 . TRP A 1 13  ? 8.400   -3.100  3.414   1.00 17.16  ? 52  TRP A CD1 1 
ATOM   96   C CD2 . TRP A 1 13  ? 7.991   -2.096  1.462   1.00 17.78  ? 52  TRP A CD2 1 
ATOM   97   N NE1 . TRP A 1 13  ? 7.251   -3.642  2.917   1.00 18.43  ? 52  TRP A NE1 1 
ATOM   98   C CE2 . TRP A 1 13  ? 6.948   -3.010  1.721   1.00 17.89  ? 52  TRP A CE2 1 
ATOM   99   C CE3 . TRP A 1 13  ? 7.945   -1.355  0.276   1.00 17.00  ? 52  TRP A CE3 1 
ATOM   100  C CZ2 . TRP A 1 13  ? 5.862   -3.162  0.862   1.00 18.59  ? 52  TRP A CZ2 1 
ATOM   101  C CZ3 . TRP A 1 13  ? 6.842   -1.474  -0.533  1.00 18.02  ? 52  TRP A CZ3 1 
ATOM   102  C CH2 . TRP A 1 13  ? 5.815   -2.377  -0.268  1.00 20.44  ? 52  TRP A CH2 1 
ATOM   103  N N   . LEU A 1 14  ? 13.270  -0.579  2.618   1.00 19.08  ? 53  LEU A N   1 
ATOM   104  C CA  . LEU A 1 14  ? 14.237  0.539   2.577   1.00 21.70  ? 53  LEU A CA  1 
ATOM   105  C C   . LEU A 1 14  ? 15.242  0.290   1.429   1.00 19.05  ? 53  LEU A C   1 
ATOM   106  O O   . LEU A 1 14  ? 15.641  1.263   0.817   1.00 22.07  ? 53  LEU A O   1 
ATOM   107  C CB  . LEU A 1 14  ? 14.851  0.773   3.957   1.00 25.74  ? 53  LEU A CB  1 
ATOM   108  C CG  . LEU A 1 14  ? 13.966  1.592   4.925   1.00 31.03  ? 53  LEU A CG  1 
ATOM   109  C CD1 . LEU A 1 14  ? 13.589  2.970   4.352   1.00 30.92  ? 53  LEU A CD1 1 
ATOM   110  C CD2 . LEU A 1 14  ? 12.674  0.877   5.297   1.00 35.89  ? 53  LEU A CD2 1 
ATOM   111  N N   . ARG A 1 15  ? 15.530  -0.959  1.077   1.00 21.60  ? 54  ARG A N   1 
ATOM   112  C CA  . ARG A 1 15  ? 16.435  -1.253  -0.060  1.00 21.01  ? 54  ARG A CA  1 
ATOM   113  C C   . ARG A 1 15  ? 15.763  -0.831  -1.363  1.00 20.70  ? 54  ARG A C   1 
ATOM   114  O O   . ARG A 1 15  ? 16.469  -0.303  -2.238  1.00 22.82  ? 54  ARG A O   1 
ATOM   115  C CB  . ARG A 1 15  ? 16.790  -2.732  -0.084  1.00 24.19  ? 54  ARG A CB  1 
ATOM   116  C CG  . ARG A 1 15  ? 17.905  -3.006  0.910   1.00 28.74  ? 54  ARG A CG  1 
ATOM   117  C CD  . ARG A 1 15  ? 18.304  -4.462  1.036   1.00 38.01  ? 54  ARG A CD  1 
ATOM   118  N NE  . ARG A 1 15  ? 18.882  -4.656  2.367   1.00 42.23  ? 54  ARG A NE  1 
ATOM   119  C CZ  . ARG A 1 15  ? 20.154  -4.919  2.644   1.00 45.69  ? 54  ARG A CZ  1 
ATOM   120  N NH1 . ARG A 1 15  ? 21.045  -5.082  1.682   1.00 50.69  ? 54  ARG A NH1 1 
ATOM   121  N NH2 . ARG A 1 15  ? 20.519  -5.073  3.902   1.00 46.77  ? 54  ARG A NH2 1 
ATOM   122  N N   . PHE A 1 16  ? 14.443  -0.976  -1.473  1.00 18.81  ? 55  PHE A N   1 
ATOM   123  C CA  . PHE A 1 16  ? 13.691  -0.507  -2.649  1.00 18.58  ? 55  PHE A CA  1 
ATOM   124  C C   . PHE A 1 16  ? 13.594  1.018   -2.595  1.00 18.43  ? 55  PHE A C   1 
ATOM   125  O O   . PHE A 1 16  ? 13.797  1.651   -3.631  1.00 19.69  ? 55  PHE A O   1 
ATOM   126  C CB  . PHE A 1 16  ? 12.336  -1.187  -2.751  1.00 19.94  ? 55  PHE A CB  1 
ATOM   127  C CG  . PHE A 1 16  ? 12.425  -2.615  -3.226  1.00 19.35  ? 55  PHE A CG  1 
ATOM   128  C CD1 . PHE A 1 16  ? 12.383  -2.904  -4.571  1.00 21.36  ? 55  PHE A CD1 1 
ATOM   129  C CD2 . PHE A 1 16  ? 12.611  -3.651  -2.332  1.00 21.83  ? 55  PHE A CD2 1 
ATOM   130  C CE1 . PHE A 1 16  ? 12.481  -4.209  -5.018  1.00 22.35  ? 55  PHE A CE1 1 
ATOM   131  C CE2 . PHE A 1 16  ? 12.757  -4.958  -2.779  1.00 21.41  ? 55  PHE A CE2 1 
ATOM   132  C CZ  . PHE A 1 16  ? 12.663  -5.245  -4.121  1.00 21.72  ? 55  PHE A CZ  1 
ATOM   133  N N   . LYS A 1 17  ? 13.246  1.581   -1.445  1.00 17.96  ? 56  LYS A N   1 
ATOM   134  C CA  . LYS A 1 17  ? 13.041  3.031   -1.367  1.00 19.48  ? 56  LYS A CA  1 
ATOM   135  C C   . LYS A 1 17  ? 14.350  3.751   -1.722  1.00 18.55  ? 56  LYS A C   1 
ATOM   136  O O   . LYS A 1 17  ? 14.272  4.825   -2.333  1.00 21.52  ? 56  LYS A O   1 
ATOM   137  C CB  . LYS A 1 17  ? 12.524  3.458   -0.001  1.00 19.91  ? 56  LYS A CB  1 
ATOM   138  C CG  . LYS A 1 17  ? 12.088  4.916   0.009   1.00 21.56  ? 56  LYS A CG  1 
ATOM   139  C CD  . LYS A 1 17  ? 11.428  5.339   1.279   1.00 23.87  ? 56  LYS A CD  1 
ATOM   140  C CE  . LYS A 1 17  ? 11.132  6.817   1.264   1.00 24.56  ? 56  LYS A CE  1 
ATOM   141  N NZ  . LYS A 1 17  ? 10.473  7.228   2.520   1.00 26.26  ? 56  LYS A NZ  1 
ATOM   142  N N   . GLU A 1 18  ? 15.511  3.205   -1.340  1.00 20.51  ? 57  GLU A N   1 
ATOM   143  C CA  . GLU A 1 18  ? 16.767  3.932   -1.677  1.00 24.76  ? 57  GLU A CA  1 
ATOM   144  C C   . GLU A 1 18  ? 16.924  4.044   -3.197  1.00 23.92  ? 57  GLU A C   1 
ATOM   145  O O   . GLU A 1 18  ? 17.581  5.000   -3.589  1.00 26.45  ? 57  GLU A O   1 
ATOM   146  C CB  . GLU A 1 18  ? 17.986  3.392   -0.948  1.00 32.46  ? 57  GLU A CB  1 
ATOM   147  C CG  . GLU A 1 18  ? 18.558  2.146   -1.509  1.00 41.46  ? 57  GLU A CG  1 
ATOM   148  C CD  . GLU A 1 18  ? 19.813  1.804   -0.720  1.00 49.14  ? 57  GLU A CD  1 
ATOM   149  O OE1 . GLU A 1 18  ? 20.833  2.509   -0.918  1.00 56.73  ? 57  GLU A OE1 1 
ATOM   150  O OE2 . GLU A 1 18  ? 19.740  0.891   0.141   1.00 47.43  ? 57  GLU A OE2 1 
ATOM   151  N N   . LEU A 1 19  ? 16.357  3.155   -4.016  1.00 21.59  ? 58  LEU A N   1 
ATOM   152  C CA  . LEU A 1 19  ? 16.461  3.212   -5.500  1.00 21.05  ? 58  LEU A CA  1 
ATOM   153  C C   . LEU A 1 19  ? 15.323  4.051   -6.086  1.00 19.97  ? 58  LEU A C   1 
ATOM   154  O O   . LEU A 1 19  ? 15.354  4.338   -7.297  1.00 21.43  ? 58  LEU A O   1 
ATOM   155  C CB  . LEU A 1 19  ? 16.373  1.813   -6.123  1.00 22.39  ? 58  LEU A CB  1 
ATOM   156  C CG  . LEU A 1 19  ? 17.331  0.748   -5.603  1.00 26.04  ? 58  LEU A CG  1 
ATOM   157  C CD1 . LEU A 1 19  ? 17.050  -0.586  -6.280  1.00 25.76  ? 58  LEU A CD1 1 
ATOM   158  C CD2 . LEU A 1 19  ? 18.759  1.151   -5.852  1.00 28.89  ? 58  LEU A CD2 1 
ATOM   159  N N   . THR A 1 20  ? 14.330  4.367   -5.242  1.00 20.18  ? 59  THR A N   1 
ATOM   160  C CA  . THR A 1 20  ? 12.985  4.834   -5.620  1.00 18.59  ? 59  THR A CA  1 
ATOM   161  C C   . THR A 1 20  ? 12.189  3.615   -6.045  1.00 18.00  ? 59  THR A C   1 
ATOM   162  O O   . THR A 1 20  ? 12.455  3.030   -7.101  1.00 17.22  ? 59  THR A O   1 
ATOM   163  C CB  . THR A 1 20  ? 12.945  5.947   -6.681  1.00 21.82  ? 59  THR A CB  1 
ATOM   164  O OG1 . THR A 1 20  ? 13.740  7.029   -6.178  1.00 22.87  ? 59  THR A OG1 1 
ATOM   165  C CG2 . THR A 1 20  ? 11.542  6.431   -6.966  1.00 20.37  ? 59  THR A CG2 1 
ATOM   166  N N   . ASN A 1 21  ? 11.224  3.225   -5.217  1.00 17.94  ? 60  ASN A N   1 
ATOM   167  C CA  . ASN A 1 21  ? 10.504  1.970   -5.464  1.00 16.27  ? 60  ASN A CA  1 
ATOM   168  C C   . ASN A 1 21  ? 9.537   2.193   -6.635  1.00 17.30  ? 60  ASN A C   1 
ATOM   169  O O   . ASN A 1 21  ? 9.027   3.345   -6.824  1.00 17.49  ? 60  ASN A O   1 
ATOM   170  C CB  . ASN A 1 21  ? 9.850   1.494   -4.169  1.00 15.98  ? 60  ASN A CB  1 
ATOM   171  C CG  . ASN A 1 21  ? 9.463   0.038   -4.167  1.00 17.19  ? 60  ASN A CG  1 
ATOM   172  O OD1 . ASN A 1 21  ? 9.615   -0.686  -5.144  1.00 18.31  ? 60  ASN A OD1 1 
ATOM   173  N ND2 . ASN A 1 21  ? 8.927   -0.397  -3.033  1.00 18.02  ? 60  ASN A ND2 1 
ATOM   174  N N   . GLU A 1 22  ? 9.213   1.143   -7.387  1.00 17.30  ? 61  GLU A N   1 
ATOM   175  C CA  . GLU A 1 22  ? 8.283   1.150   -8.531  1.00 17.44  ? 61  GLU A CA  1 
ATOM   176  C C   . GLU A 1 22  ? 7.338   -0.058  -8.364  1.00 18.83  ? 61  GLU A C   1 
ATOM   177  O O   . GLU A 1 22  ? 7.857   -1.128  -7.922  1.00 19.26  ? 61  GLU A O   1 
ATOM   178  C CB  . GLU A 1 22  ? 9.038   1.071   -9.859  1.00 18.44  ? 61  GLU A CB  1 
ATOM   179  C CG  . GLU A 1 22  ? 10.057  2.176   -10.093 1.00 18.60  ? 61  GLU A CG  1 
ATOM   180  C CD  . GLU A 1 22  ? 10.779  2.022   -11.437 1.00 17.18  ? 61  GLU A CD  1 
ATOM   181  O OE1 . GLU A 1 22  ? 11.994  2.301   -11.482 1.00 19.04  ? 61  GLU A OE1 1 
ATOM   182  O OE2 . GLU A 1 22  ? 10.120  1.616   -12.401 1.00 20.06  ? 61  GLU A OE2 1 
ATOM   183  N N   . MET A 1 23  ? 6.043   0.093   -8.644  1.00 19.37  ? 62  MET A N   1 
ATOM   184  C CA  . MET A 1 23  ? 5.119   -1.054  -8.678  1.00 19.26  ? 62  MET A CA  1 
ATOM   185  C C   . MET A 1 23  ? 4.475   -1.054  -10.046 1.00 19.49  ? 62  MET A C   1 
ATOM   186  O O   . MET A 1 23  ? 4.020   0.019   -10.486 1.00 20.40  ? 62  MET A O   1 
ATOM   187  C CB  . MET A 1 23  ? 4.039   -1.036  -7.595  1.00 19.11  ? 62  MET A CB  1 
ATOM   188  C CG  . MET A 1 23  ? 4.591   -1.033  -6.214  1.00 18.43  ? 62  MET A CG  1 
ATOM   189  S SD  . MET A 1 23  ? 5.116   -2.708  -5.678  1.00 19.72  ? 62  MET A SD  1 
ATOM   190  C CE  . MET A 1 23  ? 5.866   -2.233  -4.129  1.00 19.78  ? 62  MET A CE  1 
ATOM   191  N N   . ILE A 1 24  ? 4.460   -2.215  -10.694 1.00 21.72  ? 63  ILE A N   1 
ATOM   192  C CA  . ILE A 1 24  ? 3.781   -2.379  -12.011 1.00 23.01  ? 63  ILE A CA  1 
ATOM   193  C C   . ILE A 1 24  ? 2.277   -2.287  -11.816 1.00 22.12  ? 63  ILE A C   1 
ATOM   194  O O   . ILE A 1 24  ? 1.763   -2.994  -10.919 1.00 24.96  ? 63  ILE A O   1 
ATOM   195  C CB  . ILE A 1 24  ? 4.127   -3.709  -12.689 1.00 26.28  ? 63  ILE A CB  1 
ATOM   196  C CG1 . ILE A 1 24  ? 5.630   -3.966  -12.801 1.00 31.67  ? 63  ILE A CG1 1 
ATOM   197  C CG2 . ILE A 1 24  ? 3.429   -3.729  -14.041 1.00 28.44  ? 63  ILE A CG2 1 
ATOM   198  C CD1 . ILE A 1 24  ? 6.323   -3.000  -13.698 1.00 34.24  ? 63  ILE A CD1 1 
ATOM   199  N N   . VAL A 1 25  ? 1.578   -1.529  -12.659 1.00 23.25  ? 64  VAL A N   1 
ATOM   200  C CA  . VAL A 1 25  ? 0.091   -1.541  -12.791 1.00 22.72  ? 64  VAL A CA  1 
ATOM   201  C C   . VAL A 1 25  ? -0.225  -2.160  -14.155 1.00 26.73  ? 64  VAL A C   1 
ATOM   202  O O   . VAL A 1 25  ? 0.537   -1.898  -15.111 1.00 26.46  ? 64  VAL A O   1 
ATOM   203  C CB  . VAL A 1 25  ? -0.518  -0.145  -12.588 1.00 26.27  ? 64  VAL A CB  1 
ATOM   204  C CG1 . VAL A 1 25  ? -0.365  0.270   -11.133 1.00 24.77  ? 64  VAL A CG1 1 
ATOM   205  C CG2 . VAL A 1 25  ? 0.074   0.904   -13.521 1.00 26.74  ? 64  VAL A CG2 1 
ATOM   206  N N   . THR A 1 26  ? -1.226  -3.038  -14.221 1.00 27.20  ? 65  THR A N   1 
ATOM   207  C CA  . THR A 1 26  ? -1.647  -3.686  -15.487 1.00 30.63  ? 65  THR A CA  1 
ATOM   208  C C   . THR A 1 26  ? -3.164  -3.556  -15.587 1.00 31.44  ? 65  THR A C   1 
ATOM   209  O O   . THR A 1 26  ? -3.850  -3.230  -14.584 1.00 27.86  ? 65  THR A O   1 
ATOM   210  C CB  . THR A 1 26  ? -1.167  -5.144  -15.631 1.00 28.92  ? 65  THR A CB  1 
ATOM   211  O OG1 . THR A 1 26  ? -1.799  -5.952  -14.631 1.00 29.65  ? 65  THR A OG1 1 
ATOM   212  C CG2 . THR A 1 26  ? 0.335   -5.324  -15.566 1.00 30.76  ? 65  THR A CG2 1 
ATOM   213  N N   . LYS A 1 27  ? -3.668  -3.753  -16.789 1.00 33.47  ? 66  LYS A N   1 
ATOM   214  C CA  . LYS A 1 27  ? -5.114  -3.890  -17.055 1.00 35.92  ? 66  LYS A CA  1 
ATOM   215  C C   . LYS A 1 27  ? -5.739  -4.870  -16.048 1.00 33.99  ? 66  LYS A C   1 
ATOM   216  O O   . LYS A 1 27  ? -6.776  -4.524  -15.433 1.00 33.45  ? 66  LYS A O   1 
ATOM   217  C CB  . LYS A 1 27  ? -5.259  -4.399  -18.492 1.00 38.64  ? 66  LYS A CB  1 
ATOM   218  C CG  . LYS A 1 27  ? -6.674  -4.511  -19.034 1.00 47.41  ? 66  LYS A CG  1 
ATOM   219  C CD  . LYS A 1 27  ? -6.684  -5.364  -20.293 1.00 49.75  ? 66  LYS A CD  1 
ATOM   220  C CE  . LYS A 1 27  ? -7.907  -5.192  -21.164 1.00 58.57  ? 66  LYS A CE  1 
ATOM   221  N NZ  . LYS A 1 27  ? -7.846  -6.118  -22.323 1.00 60.69  ? 66  LYS A NZ  1 
ATOM   222  N N   . ASN A 1 28  ? -5.168  -6.061  -15.892 1.00 30.65  ? 67  ASN A N   1 
ATOM   223  C CA  . ASN A 1 28  ? -5.822  -7.098  -15.047 1.00 35.73  ? 67  ASN A CA  1 
ATOM   224  C C   . ASN A 1 28  ? -5.337  -7.028  -13.597 1.00 34.49  ? 67  ASN A C   1 
ATOM   225  O O   . ASN A 1 28  ? -5.880  -7.776  -12.777 1.00 35.23  ? 67  ASN A O   1 
ATOM   226  C CB  . ASN A 1 28  ? -5.668  -8.502  -15.619 1.00 37.11  ? 67  ASN A CB  1 
ATOM   227  C CG  . ASN A 1 28  ? -6.451  -8.655  -16.907 1.00 39.10  ? 67  ASN A CG  1 
ATOM   228  O OD1 . ASN A 1 28  ? -7.412  -7.913  -17.158 1.00 39.46  ? 67  ASN A OD1 1 
ATOM   229  N ND2 . ASN A 1 28  ? -6.034  -9.606  -17.714 1.00 41.24  ? 67  ASN A ND2 1 
ATOM   230  N N   . GLY A 1 29  ? -4.369  -6.163  -13.286 1.00 31.34  ? 68  GLY A N   1 
ATOM   231  C CA  . GLY A 1 29  ? -3.934  -5.945  -11.890 1.00 30.84  ? 68  GLY A CA  1 
ATOM   232  C C   . GLY A 1 29  ? -2.749  -6.808  -11.526 1.00 27.55  ? 68  GLY A C   1 
ATOM   233  O O   . GLY A 1 29  ? -2.693  -7.961  -11.987 1.00 28.44  ? 68  GLY A O   1 
ATOM   234  N N   . ARG A 1 30  ? -1.802  -6.258  -10.767 1.00 25.02  ? 69  ARG A N   1 
ATOM   235  C CA  . ARG A 1 30  ? -0.527  -6.921  -10.413 1.00 25.95  ? 69  ARG A CA  1 
ATOM   236  C C   . ARG A 1 30  ? -0.320  -6.878  -8.893  1.00 27.82  ? 69  ARG A C   1 
ATOM   237  O O   . ARG A 1 30  ? -0.465  -5.796  -8.295  1.00 23.93  ? 69  ARG A O   1 
ATOM   238  C CB  . ARG A 1 30  ? 0.648   -6.275  -11.151 1.00 29.27  ? 69  ARG A CB  1 
ATOM   239  C CG  . ARG A 1 30  ? 1.967   -6.985  -10.940 1.00 34.92  ? 69  ARG A CG  1 
ATOM   240  C CD  . ARG A 1 30  ? 2.015   -8.314  -11.679 1.00 37.28  ? 69  ARG A CD  1 
ATOM   241  N NE  . ARG A 1 30  ? 1.792   -8.213  -13.118 1.00 36.37  ? 69  ARG A NE  1 
ATOM   242  C CZ  . ARG A 1 30  ? 2.735   -7.907  -14.012 1.00 37.54  ? 69  ARG A CZ  1 
ATOM   243  N NH1 . ARG A 1 30  ? 2.447   -7.881  -15.304 1.00 44.09  ? 69  ARG A NH1 1 
ATOM   244  N NH2 . ARG A 1 30  ? 3.957   -7.597  -13.615 1.00 36.66  ? 69  ARG A NH2 1 
ATOM   245  N N   . ARG A 1 31  ? 0.051   -8.009  -8.308  1.00 26.96  ? 70  ARG A N   1 
ATOM   246  C CA  . ARG A 1 31  ? 0.387   -8.085  -6.865  1.00 27.20  ? 70  ARG A CA  1 
ATOM   247  C C   . ARG A 1 31  ? 1.651   -7.264  -6.606  1.00 24.74  ? 70  ARG A C   1 
ATOM   248  O O   . ARG A 1 31  ? 2.472   -7.054  -7.521  1.00 25.83  ? 70  ARG A O   1 
ATOM   249  C CB  . ARG A 1 31  ? 0.451   -9.557  -6.443  1.00 28.23  ? 70  ARG A CB  1 
ATOM   250  C CG  . ARG A 1 31  ? -0.915  -10.177 -6.198  1.00 33.09  ? 70  ARG A CG  1 
ATOM   251  C CD  . ARG A 1 31  ? -0.856  -11.622 -5.708  1.00 36.25  ? 70  ARG A CD  1 
ATOM   252  N NE  . ARG A 1 31  ? -0.183  -12.472 -6.673  1.00 42.76  ? 70  ARG A NE  1 
ATOM   253  C CZ  . ARG A 1 31  ? -0.785  -13.056 -7.715  1.00 50.95  ? 70  ARG A CZ  1 
ATOM   254  N NH1 . ARG A 1 31  ? -2.085  -12.893 -7.916  1.00 49.83  ? 70  ARG A NH1 1 
ATOM   255  N NH2 . ARG A 1 31  ? -0.082  -13.803 -8.550  1.00 53.70  ? 70  ARG A NH2 1 
ATOM   256  N N   . MET A 1 32  ? 1.781   -6.753  -5.387  1.00 23.41  ? 71  MET A N   1 
ATOM   257  C CA  . MET A 1 32  ? 2.947   -5.942  -4.987  1.00 23.97  ? 71  MET A CA  1 
ATOM   258  C C   . MET A 1 32  ? 4.117   -6.827  -4.577  1.00 23.18  ? 71  MET A C   1 
ATOM   259  O O   . MET A 1 32  ? 3.912   -7.872  -3.930  1.00 23.94  ? 71  MET A O   1 
ATOM   260  C CB  . MET A 1 32  ? 2.570   -5.048  -3.810  1.00 23.07  ? 71  MET A CB  1 
ATOM   261  C CG  . MET A 1 32  ? 1.401   -4.142  -4.124  1.00 24.40  ? 71  MET A CG  1 
ATOM   262  S SD  . MET A 1 32  ? 0.840   -3.188  -2.710  1.00 24.84  ? 71  MET A SD  1 
ATOM   263  C CE  . MET A 1 32  ? 2.349   -2.266  -2.500  1.00 23.78  ? 71  MET A CE  1 
ATOM   264  N N   . PHE A 1 33  ? 5.330   -6.348  -4.804  1.00 20.63  ? 72  PHE A N   1 
ATOM   265  C CA  . PHE A 1 33  ? 6.540   -6.866  -4.155  1.00 21.31  ? 72  PHE A CA  1 
ATOM   266  C C   . PHE A 1 33  ? 7.423   -5.700  -3.770  1.00 20.66  ? 72  PHE A C   1 
ATOM   267  O O   . PHE A 1 33  ? 7.699   -4.880  -4.633  1.00 22.85  ? 72  PHE A O   1 
ATOM   268  C CB  . PHE A 1 33  ? 7.341   -7.878  -4.996  1.00 21.66  ? 72  PHE A CB  1 
ATOM   269  C CG  . PHE A 1 33  ? 8.448   -8.463  -4.164  1.00 22.62  ? 72  PHE A CG  1 
ATOM   270  C CD1 . PHE A 1 33  ? 8.196   -9.537  -3.313  1.00 25.31  ? 72  PHE A CD1 1 
ATOM   271  C CD2 . PHE A 1 33  ? 9.686   -7.867  -4.083  1.00 23.89  ? 72  PHE A CD2 1 
ATOM   272  C CE1 . PHE A 1 33  ? 9.194   -10.032 -2.493  1.00 25.25  ? 72  PHE A CE1 1 
ATOM   273  C CE2 . PHE A 1 33  ? 10.671  -8.340  -3.230  1.00 27.78  ? 72  PHE A CE2 1 
ATOM   274  C CZ  . PHE A 1 33  ? 10.423  -9.429  -2.435  1.00 25.46  ? 72  PHE A CZ  1 
ATOM   275  N N   . PRO A 1 34  ? 7.899   -5.560  -2.524  1.00 20.47  ? 73  PRO A N   1 
ATOM   276  C CA  . PRO A 1 34  ? 7.466   -6.387  -1.401  1.00 20.95  ? 73  PRO A CA  1 
ATOM   277  C C   . PRO A 1 34  ? 5.936   -6.323  -1.166  1.00 21.63  ? 73  PRO A C   1 
ATOM   278  O O   . PRO A 1 34  ? 5.243   -5.412  -1.609  1.00 21.27  ? 73  PRO A O   1 
ATOM   279  C CB  . PRO A 1 34  ? 8.241   -5.840  -0.193  1.00 24.91  ? 73  PRO A CB  1 
ATOM   280  C CG  . PRO A 1 34  ? 9.380   -4.999  -0.786  1.00 22.90  ? 73  PRO A CG  1 
ATOM   281  C CD  . PRO A 1 34  ? 8.865   -4.520  -2.115  1.00 21.61  ? 73  PRO A CD  1 
ATOM   282  N N   . VAL A 1 35  ? 5.449   -7.309  -0.410  1.00 23.08  ? 74  VAL A N   1 
ATOM   283  C CA  . VAL A 1 35  ? 4.064   -7.304  0.119   1.00 24.20  ? 74  VAL A CA  1 
ATOM   284  C C   . VAL A 1 35  ? 4.058   -6.422  1.359   1.00 22.09  ? 74  VAL A C   1 
ATOM   285  O O   . VAL A 1 35  ? 5.018   -6.501  2.172   1.00 21.84  ? 74  VAL A O   1 
ATOM   286  C CB  . VAL A 1 35  ? 3.596   -8.728  0.465   1.00 26.61  ? 74  VAL A CB  1 
ATOM   287  C CG1 . VAL A 1 35  ? 2.296   -8.699  1.258   1.00 28.27  ? 74  VAL A CG1 1 
ATOM   288  C CG2 . VAL A 1 35  ? 3.467   -9.585  -0.798  1.00 28.62  ? 74  VAL A CG2 1 
ATOM   289  N N   . LEU A 1 36  ? 2.995   -5.664  1.537   1.00 20.79  ? 75  LEU A N   1 
ATOM   290  C CA  . LEU A 1 36  ? 2.810   -4.864  2.775   1.00 19.48  ? 75  LEU A CA  1 
ATOM   291  C C   . LEU A 1 36  ? 2.355   -5.790  3.894   1.00 18.35  ? 75  LEU A C   1 
ATOM   292  O O   . LEU A 1 36  ? 1.267   -6.379  3.733   1.00 18.70  ? 75  LEU A O   1 
ATOM   293  C CB  . LEU A 1 36  ? 1.766   -3.783  2.573   1.00 20.03  ? 75  LEU A CB  1 
ATOM   294  C CG  . LEU A 1 36  ? 1.522   -2.939  3.806   1.00 23.75  ? 75  LEU A CG  1 
ATOM   295  C CD1 . LEU A 1 36  ? 2.796   -2.289  4.321   1.00 26.15  ? 75  LEU A CD1 1 
ATOM   296  C CD2 . LEU A 1 36  ? 0.433   -1.896  3.577   1.00 26.76  ? 75  LEU A CD2 1 
ATOM   297  N N   . LYS A 1 37  ? 3.150   -5.892  4.955   1.00 17.43  ? 76  LYS A N   1 
ATOM   298  C CA  . LYS A 1 37  ? 2.852   -6.734  6.135   1.00 18.13  ? 76  LYS A CA  1 
ATOM   299  C C   . LYS A 1 37  ? 3.116   -5.893  7.368   1.00 18.39  ? 76  LYS A C   1 
ATOM   300  O O   . LYS A 1 37  ? 4.109   -5.172  7.411   1.00 17.22  ? 76  LYS A O   1 
ATOM   301  C CB  . LYS A 1 37  ? 3.734   -7.989  6.169   1.00 22.00  ? 76  LYS A CB  1 
ATOM   302  C CG  . LYS A 1 37  ? 3.762   -8.853  4.918   1.00 24.65  ? 76  LYS A CG  1 
ATOM   303  C CD  . LYS A 1 37  ? 4.555   -10.159 5.135   1.00 31.95  ? 76  LYS A CD  1 
ATOM   304  C CE  . LYS A 1 37  ? 5.616   -10.412 4.085   1.00 40.83  ? 76  LYS A CE  1 
ATOM   305  N NZ  . LYS A 1 37  ? 6.351   -9.167  3.739   1.00 48.38  ? 76  LYS A NZ  1 
ATOM   306  N N   . VAL A 1 38  ? 2.221   -5.947  8.360   1.00 16.79  ? 77  VAL A N   1 
ATOM   307  C CA  . VAL A 1 38  ? 2.364   -5.191  9.620   1.00 18.88  ? 77  VAL A CA  1 
ATOM   308  C C   . VAL A 1 38  ? 2.115   -6.084  10.819  1.00 17.96  ? 77  VAL A C   1 
ATOM   309  O O   . VAL A 1 38  ? 1.341   -7.056  10.708  1.00 20.84  ? 77  VAL A O   1 
ATOM   310  C CB  . VAL A 1 38  ? 1.440   -3.965  9.626   1.00 18.89  ? 77  VAL A CB  1 
ATOM   311  C CG1 . VAL A 1 38  ? 1.839   -2.999  8.530   1.00 21.13  ? 77  VAL A CG1 1 
ATOM   312  C CG2 . VAL A 1 38  ? -0.046  -4.294  9.537   1.00 19.31  ? 77  VAL A CG2 1 
ATOM   313  N N   . ASN A 1 39  ? 2.776   -5.722  11.893  1.00 19.64  ? 78  ASN A N   1 
ATOM   314  C CA  . ASN A 1 39  ? 2.538   -6.317  13.225  1.00 18.50  ? 78  ASN A CA  1 
ATOM   315  C C   . ASN A 1 39  ? 1.696   -5.328  14.029  1.00 20.40  ? 78  ASN A C   1 
ATOM   316  O O   . ASN A 1 39  ? 1.755   -4.100  13.797  1.00 19.76  ? 78  ASN A O   1 
ATOM   317  C CB  . ASN A 1 39  ? 3.845   -6.694  13.909  1.00 21.51  ? 78  ASN A CB  1 
ATOM   318  C CG  . ASN A 1 39  ? 4.827   -5.555  14.038  1.00 23.34  ? 78  ASN A CG  1 
ATOM   319  O OD1 . ASN A 1 39  ? 4.578   -4.562  14.733  1.00 25.97  ? 78  ASN A OD1 1 
ATOM   320  N ND2 . ASN A 1 39  ? 5.978   -5.684  13.387  1.00 27.68  ? 78  ASN A ND2 1 
ATOM   321  N N   . VAL A 1 40  ? 0.816   -5.870  14.836  1.00 19.85  ? 79  VAL A N   1 
ATOM   322  C CA  . VAL A 1 40  ? -0.210  -5.053  15.532  1.00 18.85  ? 79  VAL A CA  1 
ATOM   323  C C   . VAL A 1 40  ? -0.171  -5.442  16.994  1.00 18.57  ? 79  VAL A C   1 
ATOM   324  O O   . VAL A 1 40  ? -0.202  -6.658  17.326  1.00 19.57  ? 79  VAL A O   1 
ATOM   325  C CB  . VAL A 1 40  ? -1.612  -5.230  14.934  1.00 20.03  ? 79  VAL A CB  1 
ATOM   326  C CG1 . VAL A 1 40  ? -2.619  -4.361  15.661  1.00 22.36  ? 79  VAL A CG1 1 
ATOM   327  C CG2 . VAL A 1 40  ? -1.647  -4.961  13.454  1.00 21.41  ? 79  VAL A CG2 1 
ATOM   328  N N   . SER A 1 41  ? -0.133  -4.444  17.845  1.00 20.94  ? 80  SER A N   1 
ATOM   329  C CA  . SER A 1 41  ? -0.323  -4.672  19.301  1.00 20.78  ? 80  SER A CA  1 
ATOM   330  C C   . SER A 1 41  ? -1.246  -3.588  19.847  1.00 19.91  ? 80  SER A C   1 
ATOM   331  O O   . SER A 1 41  ? -1.358  -2.547  19.260  1.00 19.70  ? 80  SER A O   1 
ATOM   332  C CB  . SER A 1 41  ? 1.013   -4.783  20.063  1.00 22.64  ? 80  SER A CB  1 
ATOM   333  O OG  . SER A 1 41  ? 1.686   -3.529  20.122  1.00 29.06  ? 80  SER A OG  1 
ATOM   334  N N   . GLY A 1 42  ? -1.937  -3.884  20.946  1.00 20.26  ? 81  GLY A N   1 
ATOM   335  C CA  . GLY A 1 42  ? -2.762  -2.909  21.682  1.00 19.45  ? 81  GLY A CA  1 
ATOM   336  C C   . GLY A 1 42  ? -4.147  -2.780  21.132  1.00 19.72  ? 81  GLY A C   1 
ATOM   337  O O   . GLY A 1 42  ? -4.860  -1.830  21.535  1.00 22.75  ? 81  GLY A O   1 
ATOM   338  N N   . LEU A 1 43  ? -4.579  -3.691  20.275  1.00 18.99  ? 82  LEU A N   1 
ATOM   339  C CA  . LEU A 1 43  ? -6.044  -3.832  20.059  1.00 17.66  ? 82  LEU A CA  1 
ATOM   340  C C   . LEU A 1 43  ? -6.650  -4.513  21.295  1.00 17.24  ? 82  LEU A C   1 
ATOM   341  O O   . LEU A 1 43  ? -5.946  -5.175  22.079  1.00 19.38  ? 82  LEU A O   1 
ATOM   342  C CB  . LEU A 1 43  ? -6.330  -4.639  18.797  1.00 19.76  ? 82  LEU A CB  1 
ATOM   343  C CG  . LEU A 1 43  ? -5.956  -3.976  17.479  1.00 20.96  ? 82  LEU A CG  1 
ATOM   344  C CD1 . LEU A 1 43  ? -6.196  -4.975  16.355  1.00 21.23  ? 82  LEU A CD1 1 
ATOM   345  C CD2 . LEU A 1 43  ? -6.715  -2.672  17.259  1.00 22.84  ? 82  LEU A CD2 1 
ATOM   346  N N   . ASP A 1 44  ? -7.981  -4.388  21.411  1.00 18.88  ? 83  ASP A N   1 
ATOM   347  C CA  . ASP A 1 44  ? -8.726  -5.213  22.380  1.00 19.96  ? 83  ASP A CA  1 
ATOM   348  C C   . ASP A 1 44  ? -8.823  -6.599  21.782  1.00 18.81  ? 83  ASP A C   1 
ATOM   349  O O   . ASP A 1 44  ? -9.428  -6.720  20.728  1.00 18.89  ? 83  ASP A O   1 
ATOM   350  C CB  . ASP A 1 44  ? -10.093 -4.600  22.642  1.00 21.83  ? 83  ASP A CB  1 
ATOM   351  C CG  . ASP A 1 44  ? -10.918 -5.334  23.651  1.00 23.78  ? 83  ASP A CG  1 
ATOM   352  O OD1 . ASP A 1 44  ? -10.622 -6.530  23.972  1.00 23.61  ? 83  ASP A OD1 1 
ATOM   353  O OD2 . ASP A 1 44  ? -11.904 -4.700  24.084  1.00 26.40  ? 83  ASP A OD2 1 
ATOM   354  N N   . PRO A 1 45  ? -8.227  -7.629  22.420  1.00 18.15  ? 84  PRO A N   1 
ATOM   355  C CA  . PRO A 1 45  ? -8.199  -8.967  21.838  1.00 19.26  ? 84  PRO A CA  1 
ATOM   356  C C   . PRO A 1 45  ? -9.624  -9.482  21.635  1.00 19.38  ? 84  PRO A C   1 
ATOM   357  O O   . PRO A 1 45  ? -9.845  -10.291 20.778  1.00 18.67  ? 84  PRO A O   1 
ATOM   358  C CB  . PRO A 1 45  ? -7.432  -9.838  22.838  1.00 19.92  ? 84  PRO A CB  1 
ATOM   359  C CG  . PRO A 1 45  ? -7.366  -9.044  24.105  1.00 23.25  ? 84  PRO A CG  1 
ATOM   360  C CD  . PRO A 1 45  ? -7.548  -7.592  23.721  1.00 21.28  ? 84  PRO A CD  1 
ATOM   361  N N   . ASN A 1 46  ? -10.575 -9.026  22.460  1.00 20.95  ? 85  ASN A N   1 
ATOM   362  C CA  . ASN A 1 46  ? -11.956 -9.529  22.437  1.00 20.57  ? 85  ASN A CA  1 
ATOM   363  C C   . ASN A 1 46  ? -12.841 -8.804  21.406  1.00 21.67  ? 85  ASN A C   1 
ATOM   364  O O   . ASN A 1 46  ? -13.919 -9.327  21.077  1.00 24.68  ? 85  ASN A O   1 
ATOM   365  C CB  . ASN A 1 46  ? -12.603 -9.286  23.797  1.00 21.63  ? 85  ASN A CB  1 
ATOM   366  C CG  . ASN A 1 46  ? -11.850 -9.865  24.966  1.00 24.08  ? 85  ASN A CG  1 
ATOM   367  O OD1 . ASN A 1 46  ? -11.369 -10.975 24.921  1.00 26.30  ? 85  ASN A OD1 1 
ATOM   368  N ND2 . ASN A 1 46  ? -11.660 -9.081  26.010  1.00 32.48  ? 85  ASN A ND2 1 
ATOM   369  N N   . ALA A 1 47  ? -12.448 -7.631  20.912  1.00 19.08  ? 86  ALA A N   1 
ATOM   370  C CA  . ALA A 1 47  ? -13.258 -6.825  19.987  1.00 17.93  ? 86  ALA A CA  1 
ATOM   371  C C   . ALA A 1 47  ? -13.047 -7.326  18.563  1.00 18.98  ? 86  ALA A C   1 
ATOM   372  O O   . ALA A 1 47  ? -12.077 -8.049  18.356  1.00 19.36  ? 86  ALA A O   1 
ATOM   373  C CB  . ALA A 1 47  ? -12.887 -5.382  20.107  1.00 19.23  ? 86  ALA A CB  1 
ATOM   374  N N   . MET A 1 48  ? -13.951 -6.955  17.657  1.00 17.24  ? 87  MET A N   1 
ATOM   375  C CA  . MET A 1 48  ? -13.828 -7.290  16.227  1.00 18.52  ? 87  MET A CA  1 
ATOM   376  C C   . MET A 1 48  ? -13.498 -6.036  15.460  1.00 17.32  ? 87  MET A C   1 
ATOM   377  O O   . MET A 1 48  ? -13.981 -4.940  15.786  1.00 18.19  ? 87  MET A O   1 
ATOM   378  C CB  . MET A 1 48  ? -15.096 -7.970  15.701  1.00 18.23  ? 87  MET A CB  1 
ATOM   379  C CG  . MET A 1 48  ? -15.326 -9.317  16.340  1.00 20.01  ? 87  MET A CG  1 
ATOM   380  S SD  . MET A 1 48  ? -16.579 -10.229 15.472  1.00 21.68  ? 87  MET A SD  1 
ATOM   381  C CE  . MET A 1 48  ? -15.675 -10.812 14.032  1.00 25.32  ? 87  MET A CE  1 
ATOM   382  N N   . TYR A 1 49  ? -12.597 -6.195  14.500  1.00 16.52  ? 88  TYR A N   1 
ATOM   383  C CA  . TYR A 1 49  ? -12.071 -5.122  13.653  1.00 17.60  ? 88  TYR A CA  1 
ATOM   384  C C   . TYR A 1 49  ? -11.983 -5.611  12.212  1.00 17.40  ? 88  TYR A C   1 
ATOM   385  O O   . TYR A 1 49  ? -11.783 -6.827  11.966  1.00 17.52  ? 88  TYR A O   1 
ATOM   386  C CB  . TYR A 1 49  ? -10.677 -4.704  14.096  1.00 18.37  ? 88  TYR A CB  1 
ATOM   387  C CG  . TYR A 1 49  ? -10.519 -4.331  15.539  1.00 17.49  ? 88  TYR A CG  1 
ATOM   388  C CD1 . TYR A 1 49  ? -10.636 -3.011  15.923  1.00 19.28  ? 88  TYR A CD1 1 
ATOM   389  C CD2 . TYR A 1 49  ? -10.248 -5.273  16.509  1.00 16.81  ? 88  TYR A CD2 1 
ATOM   390  C CE1 . TYR A 1 49  ? -10.505 -2.642  17.236  1.00 19.14  ? 88  TYR A CE1 1 
ATOM   391  C CE2 . TYR A 1 49  ? -10.095 -4.926  17.838  1.00 17.63  ? 88  TYR A CE2 1 
ATOM   392  C CZ  . TYR A 1 49  ? -10.224 -3.600  18.208  1.00 17.27  ? 88  TYR A CZ  1 
ATOM   393  O OH  . TYR A 1 49  ? -10.001 -3.317  19.527  1.00 22.07  ? 88  TYR A OH  1 
ATOM   394  N N   . SER A 1 50  ? -12.145 -4.676  11.280  1.00 17.30  ? 89  SER A N   1 
ATOM   395  C CA  . SER A 1 50  ? -11.760 -4.864  9.861   1.00 17.52  ? 89  SER A CA  1 
ATOM   396  C C   . SER A 1 50  ? -10.507 -4.044  9.568   1.00 18.02  ? 89  SER A C   1 
ATOM   397  O O   . SER A 1 50  ? -10.330 -2.953  10.151  1.00 17.39  ? 89  SER A O   1 
ATOM   398  C CB  . SER A 1 50  ? -12.852 -4.541  8.907   1.00 19.71  ? 89  SER A CB  1 
ATOM   399  O OG  . SER A 1 50  ? -14.015 -5.320  9.224   1.00 22.48  ? 89  SER A OG  1 
ATOM   400  N N   . PHE A 1 51  ? -9.650  -4.569  8.716   1.00 16.95  ? 90  PHE A N   1 
ATOM   401  C CA  . PHE A 1 51  ? -8.438  -3.888  8.229   1.00 18.38  ? 90  PHE A CA  1 
ATOM   402  C C   . PHE A 1 51  ? -8.668  -3.510  6.771   1.00 17.29  ? 90  PHE A C   1 
ATOM   403  O O   . PHE A 1 51  ? -9.035  -4.348  5.967   1.00 19.60  ? 90  PHE A O   1 
ATOM   404  C CB  . PHE A 1 51  ? -7.240  -4.816  8.386   1.00 16.95  ? 90  PHE A CB  1 
ATOM   405  C CG  . PHE A 1 51  ? -6.545  -4.767  9.721   1.00 17.40  ? 90  PHE A CG  1 
ATOM   406  C CD1 . PHE A 1 51  ? -5.214  -4.410  9.854   1.00 17.61  ? 90  PHE A CD1 1 
ATOM   407  C CD2 . PHE A 1 51  ? -7.247  -5.057  10.886  1.00 16.53  ? 90  PHE A CD2 1 
ATOM   408  C CE1 . PHE A 1 51  ? -4.594  -4.350  11.101  1.00 17.64  ? 90  PHE A CE1 1 
ATOM   409  C CE2 . PHE A 1 51  ? -6.639  -4.955  12.114  1.00 16.16  ? 90  PHE A CE2 1 
ATOM   410  C CZ  . PHE A 1 51  ? -5.296  -4.665  12.241  1.00 16.79  ? 90  PHE A CZ  1 
ATOM   411  N N   . LEU A 1 52  ? -8.447  -2.247  6.442   1.00 18.34  ? 91  LEU A N   1 
ATOM   412  C CA  . LEU A 1 52  ? -8.583  -1.703  5.078   1.00 19.52  ? 91  LEU A CA  1 
ATOM   413  C C   . LEU A 1 52  ? -7.240  -1.108  4.642   1.00 18.44  ? 91  LEU A C   1 
ATOM   414  O O   . LEU A 1 52  ? -6.440  -0.642  5.471   1.00 19.66  ? 91  LEU A O   1 
ATOM   415  C CB  . LEU A 1 52  ? -9.629  -0.583  5.073   1.00 21.98  ? 91  LEU A CB  1 
ATOM   416  C CG  . LEU A 1 52  ? -11.126 -0.922  4.982   1.00 28.54  ? 91  LEU A CG  1 
ATOM   417  C CD1 . LEU A 1 52  ? -11.532 -2.104  5.810   1.00 28.68  ? 91  LEU A CD1 1 
ATOM   418  C CD2 . LEU A 1 52  ? -11.996 0.299   5.345   1.00 30.39  ? 91  LEU A CD2 1 
ATOM   419  N N   . LEU A 1 53  ? -7.013  -1.107  3.338   1.00 20.75  ? 92  LEU A N   1 
ATOM   420  C CA  . LEU A 1 53  ? -5.779  -0.541  2.760   1.00 18.62  ? 92  LEU A CA  1 
ATOM   421  C C   . LEU A 1 53  ? -6.164  0.416   1.643   1.00 18.21  ? 92  LEU A C   1 
ATOM   422  O O   . LEU A 1 53  ? -6.990  0.033   0.815   1.00 20.72  ? 92  LEU A O   1 
ATOM   423  C CB  . LEU A 1 53  ? -4.926  -1.686  2.243   1.00 20.11  ? 92  LEU A CB  1 
ATOM   424  C CG  . LEU A 1 53  ? -3.792  -1.327  1.284   1.00 20.77  ? 92  LEU A CG  1 
ATOM   425  C CD1 . LEU A 1 53  ? -2.663  -0.573  1.982   1.00 19.23  ? 92  LEU A CD1 1 
ATOM   426  C CD2 . LEU A 1 53  ? -3.289  -2.613  0.656   1.00 19.60  ? 92  LEU A CD2 1 
ATOM   427  N N   . ASP A 1 54  ? -5.598  1.609   1.639   1.00 18.05  ? 93  ASP A N   1 
ATOM   428  C CA  . ASP A 1 54  ? -5.726  2.508   0.464   1.00 18.90  ? 93  ASP A CA  1 
ATOM   429  C C   . ASP A 1 54  ? -4.349  3.102   0.192   1.00 19.11  ? 93  ASP A C   1 
ATOM   430  O O   . ASP A 1 54  ? -3.399  2.799   0.894   1.00 18.14  ? 93  ASP A O   1 
ATOM   431  C CB  . ASP A 1 54  ? -6.893  3.491   0.638   1.00 19.40  ? 93  ASP A CB  1 
ATOM   432  C CG  . ASP A 1 54  ? -6.683  4.630   1.608   1.00 23.04  ? 93  ASP A CG  1 
ATOM   433  O OD1 . ASP A 1 54  ? -5.793  4.562   2.412   1.00 19.24  ? 93  ASP A OD1 1 
ATOM   434  O OD2 . ASP A 1 54  ? -7.448  5.599   1.546   1.00 29.40  ? 93  ASP A OD2 1 
ATOM   435  N N   . PHE A 1 55  ? -4.252  3.889   -0.883  1.00 19.26  ? 94  PHE A N   1 
ATOM   436  C CA  . PHE A 1 55  ? -2.986  4.462   -1.405  1.00 20.21  ? 94  PHE A CA  1 
ATOM   437  C C   . PHE A 1 55  ? -3.205  5.956   -1.554  1.00 19.64  ? 94  PHE A C   1 
ATOM   438  O O   . PHE A 1 55  ? -4.164  6.354   -2.276  1.00 25.06  ? 94  PHE A O   1 
ATOM   439  C CB  . PHE A 1 55  ? -2.633  3.758   -2.712  1.00 20.11  ? 94  PHE A CB  1 
ATOM   440  C CG  . PHE A 1 55  ? -2.330  2.287   -2.555  1.00 17.42  ? 94  PHE A CG  1 
ATOM   441  C CD1 . PHE A 1 55  ? -1.009  1.832   -2.473  1.00 18.90  ? 94  PHE A CD1 1 
ATOM   442  C CD2 . PHE A 1 55  ? -3.356  1.355   -2.430  1.00 19.38  ? 94  PHE A CD2 1 
ATOM   443  C CE1 . PHE A 1 55  ? -0.729  0.471   -2.322  1.00 20.04  ? 94  PHE A CE1 1 
ATOM   444  C CE2 . PHE A 1 55  ? -3.067  0.015   -2.255  1.00 18.72  ? 94  PHE A CE2 1 
ATOM   445  C CZ  . PHE A 1 55  ? -1.764  -0.431  -2.182  1.00 19.02  ? 94  PHE A CZ  1 
ATOM   446  N N   . VAL A 1 56  ? -2.400  6.733   -0.854  1.00 21.08  ? 95  VAL A N   1 
ATOM   447  C CA  . VAL A 1 56  ? -2.536  8.212   -0.850  1.00 21.19  ? 95  VAL A CA  1 
ATOM   448  C C   . VAL A 1 56  ? -1.536  8.791   -1.857  1.00 20.56  ? 95  VAL A C   1 
ATOM   449  O O   . VAL A 1 56  ? -0.371  8.422   -1.798  1.00 20.53  ? 95  VAL A O   1 
ATOM   450  C CB  . VAL A 1 56  ? -2.314  8.724   0.567   1.00 23.52  ? 95  VAL A CB  1 
ATOM   451  C CG1 . VAL A 1 56  ? -2.421  10.227  0.646   1.00 25.86  ? 95  VAL A CG1 1 
ATOM   452  C CG2 . VAL A 1 56  ? -3.280  8.041   1.539   1.00 23.26  ? 95  VAL A CG2 1 
ATOM   453  N N   . ALA A 1 57  ? -2.018  9.634   -2.753  1.00 20.61  ? 96  ALA A N   1 
ATOM   454  C CA  . ALA A 1 57  ? -1.185  10.341  -3.740  1.00 23.28  ? 96  ALA A CA  1 
ATOM   455  C C   . ALA A 1 57  ? -0.238  11.241  -2.965  1.00 21.86  ? 96  ALA A C   1 
ATOM   456  O O   . ALA A 1 57  ? -0.726  12.037  -2.125  1.00 22.16  ? 96  ALA A O   1 
ATOM   457  C CB  . ALA A 1 57  ? -2.019  11.121  -4.711  1.00 22.91  ? 96  ALA A CB  1 
ATOM   458  N N   . ALA A 1 58  ? 1.064   11.162  -3.266  1.00 22.47  ? 97  ALA A N   1 
ATOM   459  C CA  . ALA A 1 58  ? 2.130   11.860  -2.509  1.00 21.66  ? 97  ALA A CA  1 
ATOM   460  C C   . ALA A 1 58  ? 2.341   13.290  -3.032  1.00 25.13  ? 97  ALA A C   1 
ATOM   461  O O   . ALA A 1 58  ? 2.758   14.137  -2.202  1.00 29.41  ? 97  ALA A O   1 
ATOM   462  C CB  . ALA A 1 58  ? 3.415   11.073  -2.573  1.00 23.72  ? 97  ALA A CB  1 
ATOM   463  N N   . ASP A 1 59  ? 1.982   13.614  -4.280  1.00 22.64  ? 98  ASP A N   1 
ATOM   464  C CA  . ASP A 1 59  ? 2.492   14.859  -4.937  1.00 24.76  ? 98  ASP A CA  1 
ATOM   465  C C   . ASP A 1 59  ? 1.435   15.547  -5.779  1.00 25.56  ? 98  ASP A C   1 
ATOM   466  O O   . ASP A 1 59  ? 0.519   14.855  -6.270  1.00 26.72  ? 98  ASP A O   1 
ATOM   467  C CB  . ASP A 1 59  ? 3.623   14.552  -5.920  1.00 24.47  ? 98  ASP A CB  1 
ATOM   468  C CG  . ASP A 1 59  ? 4.660   13.677  -5.285  1.00 23.16  ? 98  ASP A CG  1 
ATOM   469  O OD1 . ASP A 1 59  ? 4.881   12.561  -5.815  1.00 28.31  ? 98  ASP A OD1 1 
ATOM   470  O OD2 . ASP A 1 59  ? 5.220   14.104  -4.266  1.00 28.11  ? 98  ASP A OD2 1 
ATOM   471  N N   . ASN A 1 60  ? 1.662   16.846  -6.060  1.00 26.27  ? 99  ASN A N   1 
ATOM   472  C CA  . ASN A 1 60  ? 0.798   17.649  -6.960  1.00 28.98  ? 99  ASN A CA  1 
ATOM   473  C C   . ASN A 1 60  ? 1.395   17.655  -8.378  1.00 28.81  ? 99  ASN A C   1 
ATOM   474  O O   . ASN A 1 60  ? 1.216   18.649  -9.117  1.00 29.70  ? 99  ASN A O   1 
ATOM   475  C CB  . ASN A 1 60  ? 0.581   19.064  -6.390  1.00 31.69  ? 99  ASN A CB  1 
ATOM   476  C CG  . ASN A 1 60  ? 1.783   19.988  -6.506  1.00 39.04  ? 99  ASN A CG  1 
ATOM   477  O OD1 . ASN A 1 60  ? 2.862   19.556  -6.902  1.00 45.52  ? 99  ASN A OD1 1 
ATOM   478  N ND2 . ASN A 1 60  ? 1.631   21.269  -6.162  1.00 43.11  ? 99  ASN A ND2 1 
ATOM   479  N N   . HIS A 1 61  ? 2.076   16.578  -8.771  1.00 23.91  ? 100 HIS A N   1 
ATOM   480  C CA  . HIS A 1 61  ? 2.769   16.475  -10.080 1.00 22.48  ? 100 HIS A CA  1 
ATOM   481  C C   . HIS A 1 61  ? 3.124   15.014  -10.315 1.00 21.35  ? 100 HIS A C   1 
ATOM   482  O O   . HIS A 1 61  ? 3.047   14.217  -9.323  1.00 23.01  ? 100 HIS A O   1 
ATOM   483  C CB  . HIS A 1 61  ? 4.020   17.364  -10.090 1.00 22.40  ? 100 HIS A CB  1 
ATOM   484  C CG  . HIS A 1 61  ? 5.115   16.871  -9.203  1.00 21.75  ? 100 HIS A CG  1 
ATOM   485  N ND1 . HIS A 1 61  ? 5.383   17.395  -7.954  1.00 24.78  ? 100 HIS A ND1 1 
ATOM   486  C CD2 . HIS A 1 61  ? 5.994   15.863  -9.388  1.00 20.47  ? 100 HIS A CD2 1 
ATOM   487  C CE1 . HIS A 1 61  ? 6.406   16.755  -7.429  1.00 20.68  ? 100 HIS A CE1 1 
ATOM   488  N NE2 . HIS A 1 61  ? 6.780   15.783  -8.271  1.00 23.88  ? 100 HIS A NE2 1 
ATOM   489  N N   . ARG A 1 62  ? 3.422   14.691  -11.552 1.00 22.77  ? 101 ARG A N   1 
ATOM   490  C CA  . ARG A 1 62  ? 3.874   13.342  -11.942 1.00 22.56  ? 101 ARG A CA  1 
ATOM   491  C C   . ARG A 1 62  ? 5.402   13.329  -11.987 1.00 20.70  ? 101 ARG A C   1 
ATOM   492  O O   . ARG A 1 62  ? 6.076   14.310  -11.706 1.00 19.11  ? 101 ARG A O   1 
ATOM   493  C CB  . ARG A 1 62  ? 3.197   12.845  -13.217 1.00 27.07  ? 101 ARG A CB  1 
ATOM   494  C CG  . ARG A 1 62  ? 3.733   13.431  -14.511 1.00 33.04  ? 101 ARG A CG  1 
ATOM   495  C CD  . ARG A 1 62  ? 2.971   12.860  -15.704 1.00 37.83  ? 101 ARG A CD  1 
ATOM   496  N NE  . ARG A 1 62  ? 2.519   13.904  -16.606 1.00 48.84  ? 101 ARG A NE  1 
ATOM   497  C CZ  . ARG A 1 62  ? 1.539   13.781  -17.497 1.00 59.12  ? 101 ARG A CZ  1 
ATOM   498  N NH1 . ARG A 1 62  ? 1.210   14.814  -18.265 1.00 63.60  ? 101 ARG A NH1 1 
ATOM   499  N NH2 . ARG A 1 62  ? 0.917   12.620  -17.645 1.00 61.78  ? 101 ARG A NH2 1 
ATOM   500  N N   . TRP A 1 63  ? 5.921   12.142  -12.194 1.00 18.38  ? 102 TRP A N   1 
ATOM   501  C CA  . TRP A 1 63  ? 7.369   11.875  -12.173 1.00 19.70  ? 102 TRP A CA  1 
ATOM   502  C C   . TRP A 1 63  ? 7.732   11.326  -13.535 1.00 19.13  ? 102 TRP A C   1 
ATOM   503  O O   . TRP A 1 63  ? 6.866   10.819  -14.264 1.00 20.33  ? 102 TRP A O   1 
ATOM   504  C CB  . TRP A 1 63  ? 7.724   10.867  -11.077 1.00 18.14  ? 102 TRP A CB  1 
ATOM   505  C CG  . TRP A 1 63  ? 7.576   11.387  -9.698  1.00 18.68  ? 102 TRP A CG  1 
ATOM   506  C CD1 . TRP A 1 63  ? 6.481   11.324  -8.880  1.00 20.28  ? 102 TRP A CD1 1 
ATOM   507  C CD2 . TRP A 1 63  ? 8.551   12.161  -8.996  1.00 18.02  ? 102 TRP A CD2 1 
ATOM   508  N NE1 . TRP A 1 63  ? 6.717   12.034  -7.746  1.00 20.71  ? 102 TRP A NE1 1 
ATOM   509  C CE2 . TRP A 1 63  ? 7.994   12.520  -7.749  1.00 19.81  ? 102 TRP A CE2 1 
ATOM   510  C CE3 . TRP A 1 63  ? 9.850   12.586  -9.278  1.00 20.64  ? 102 TRP A CE3 1 
ATOM   511  C CZ2 . TRP A 1 63  ? 8.692   13.266  -6.798  1.00 20.12  ? 102 TRP A CZ2 1 
ATOM   512  C CZ3 . TRP A 1 63  ? 10.553  13.302  -8.323  1.00 22.38  ? 102 TRP A CZ3 1 
ATOM   513  C CH2 . TRP A 1 63  ? 9.970   13.676  -7.105  1.00 21.81  ? 102 TRP A CH2 1 
ATOM   514  N N   A LYS A 1 64  ? 9.015   11.430  -13.872 0.25 19.88  ? 103 LYS A N   1 
ATOM   515  N N   B LYS A 1 64  ? 9.009   11.420  -13.879 0.25 19.87  ? 103 LYS A N   1 
ATOM   516  C CA  A LYS A 1 64  ? 9.607   10.778  -15.062 0.25 20.05  ? 103 LYS A CA  1 
ATOM   517  C CA  B LYS A 1 64  ? 9.573   10.701  -15.040 0.25 20.09  ? 103 LYS A CA  1 
ATOM   518  C C   A LYS A 1 64  ? 11.047  10.390  -14.735 0.25 18.97  ? 103 LYS A C   1 
ATOM   519  C C   B LYS A 1 64  ? 11.034  10.383  -14.741 0.25 19.04  ? 103 LYS A C   1 
ATOM   520  O O   A LYS A 1 64  ? 11.656  11.022  -13.848 0.25 17.90  ? 103 LYS A O   1 
ATOM   521  O O   B LYS A 1 64  ? 11.636  11.043  -13.870 0.25 18.08  ? 103 LYS A O   1 
ATOM   522  C CB  A LYS A 1 64  ? 9.508   11.662  -16.307 0.25 21.91  ? 103 LYS A CB  1 
ATOM   523  C CB  B LYS A 1 64  ? 9.362   11.473  -16.344 0.25 22.01  ? 103 LYS A CB  1 
ATOM   524  C CG  A LYS A 1 64  ? 10.091  13.059  -16.196 0.25 24.19  ? 103 LYS A CG  1 
ATOM   525  C CG  B LYS A 1 64  ? 10.179  12.738  -16.513 0.25 23.47  ? 103 LYS A CG  1 
ATOM   526  C CD  A LYS A 1 64  ? 9.860   13.848  -17.480 0.25 24.66  ? 103 LYS A CD  1 
ATOM   527  C CD  B LYS A 1 64  ? 10.064  13.315  -17.914 0.25 24.27  ? 103 LYS A CD  1 
ATOM   528  C CE  A LYS A 1 64  ? 9.971   15.357  -17.361 0.25 26.43  ? 103 LYS A CE  1 
ATOM   529  C CE  B LYS A 1 64  ? 10.648  14.708  -18.054 0.25 25.70  ? 103 LYS A CE  1 
ATOM   530  N NZ  A LYS A 1 64  ? 11.150  15.783  -16.576 0.25 27.91  ? 103 LYS A NZ  1 
ATOM   531  N NZ  B LYS A 1 64  ? 10.038  15.451  -19.188 0.25 25.26  ? 103 LYS A NZ  1 
ATOM   532  N N   . TYR A 1 65  ? 11.538  9.353   -15.421 1.00 19.15  ? 104 TYR A N   1 
ATOM   533  C CA  . TYR A 1 65  ? 12.881  8.800   -15.191 1.00 18.42  ? 104 TYR A CA  1 
ATOM   534  C C   . TYR A 1 65  ? 13.731  9.263   -16.365 1.00 18.33  ? 104 TYR A C   1 
ATOM   535  O O   . TYR A 1 65  ? 13.403  8.865   -17.499 1.00 21.30  ? 104 TYR A O   1 
ATOM   536  C CB  . TYR A 1 65  ? 12.762  7.276   -15.069 1.00 18.11  ? 104 TYR A CB  1 
ATOM   537  C CG  . TYR A 1 65  ? 13.987  6.595   -14.529 1.00 20.05  ? 104 TYR A CG  1 
ATOM   538  C CD1 . TYR A 1 65  ? 14.343  6.714   -13.207 1.00 19.03  ? 104 TYR A CD1 1 
ATOM   539  C CD2 . TYR A 1 65  ? 14.814  5.826   -15.351 1.00 20.32  ? 104 TYR A CD2 1 
ATOM   540  C CE1 . TYR A 1 65  ? 15.440  6.069   -12.658 1.00 20.42  ? 104 TYR A CE1 1 
ATOM   541  C CE2 . TYR A 1 65  ? 15.948  5.212   -14.822 1.00 18.85  ? 104 TYR A CE2 1 
ATOM   542  C CZ  . TYR A 1 65  ? 16.255  5.305   -13.481 1.00 21.98  ? 104 TYR A CZ  1 
ATOM   543  O OH  . TYR A 1 65  ? 17.358  4.687   -12.946 1.00 23.19  ? 104 TYR A OH  1 
ATOM   544  N N   . VAL A 1 66  ? 14.652  10.162  -16.064 1.00 16.98  ? 105 VAL A N   1 
ATOM   545  C CA  . VAL A 1 66  ? 15.482  10.891  -17.061 1.00 19.72  ? 105 VAL A CA  1 
ATOM   546  C C   . VAL A 1 66  ? 16.942  10.747  -16.649 1.00 19.01  ? 105 VAL A C   1 
ATOM   547  O O   . VAL A 1 66  ? 17.300  11.139  -15.564 1.00 19.14  ? 105 VAL A O   1 
ATOM   548  C CB  . VAL A 1 66  ? 15.058  12.359  -17.193 1.00 21.35  ? 105 VAL A CB  1 
ATOM   549  C CG1 . VAL A 1 66  ? 15.973  13.096  -18.178 1.00 20.30  ? 105 VAL A CG1 1 
ATOM   550  C CG2 . VAL A 1 66  ? 13.600  12.445  -17.615 1.00 21.80  ? 105 VAL A CG2 1 
ATOM   551  N N   . ASN A 1 67  ? 17.761  10.187  -17.530 1.00 21.72  ? 106 ASN A N   1 
ATOM   552  C CA  . ASN A 1 67  ? 19.225  10.069  -17.283 1.00 21.11  ? 106 ASN A CA  1 
ATOM   553  C C   . ASN A 1 67  ? 19.488  9.382   -15.943 1.00 19.08  ? 106 ASN A C   1 
ATOM   554  O O   . ASN A 1 67  ? 20.398  9.824   -15.206 1.00 20.37  ? 106 ASN A O   1 
ATOM   555  C CB  . ASN A 1 67  ? 19.873  11.459  -17.328 1.00 21.37  ? 106 ASN A CB  1 
ATOM   556  C CG  . ASN A 1 67  ? 19.692  12.129  -18.676 1.00 22.67  ? 106 ASN A CG  1 
ATOM   557  O OD1 . ASN A 1 67  ? 19.579  11.449  -19.688 1.00 26.53  ? 106 ASN A OD1 1 
ATOM   558  N ND2 . ASN A 1 67  ? 19.701  13.454  -18.708 1.00 24.11  ? 106 ASN A ND2 1 
ATOM   559  N N   . GLY A 1 68  ? 18.703  8.349   -15.600 1.00 23.87  ? 107 GLY A N   1 
ATOM   560  C CA  . GLY A 1 68  ? 18.940  7.508   -14.412 1.00 25.52  ? 107 GLY A CA  1 
ATOM   561  C C   . GLY A 1 68  ? 18.440  8.125   -13.124 1.00 24.73  ? 107 GLY A C   1 
ATOM   562  O O   . GLY A 1 68  ? 18.869  7.680   -12.054 1.00 29.56  ? 107 GLY A O   1 
ATOM   563  N N   . GLU A 1 69  ? 17.598  9.164   -13.217 1.00 24.14  ? 108 GLU A N   1 
ATOM   564  C CA  . GLU A 1 69  ? 17.058  9.885   -12.041 1.00 26.90  ? 108 GLU A CA  1 
ATOM   565  C C   . GLU A 1 69  ? 15.556  10.088  -12.215 1.00 22.15  ? 108 GLU A C   1 
ATOM   566  O O   . GLU A 1 69  ? 15.071  10.431  -13.323 1.00 22.24  ? 108 GLU A O   1 
ATOM   567  C CB  . GLU A 1 69  ? 17.643  11.293  -11.861 1.00 32.93  ? 108 GLU A CB  1 
ATOM   568  C CG  . GLU A 1 69  ? 19.113  11.412  -12.126 1.00 47.06  ? 108 GLU A CG  1 
ATOM   569  C CD  . GLU A 1 69  ? 19.899  10.337  -11.412 1.00 54.34  ? 108 GLU A CD  1 
ATOM   570  O OE1 . GLU A 1 69  ? 19.431  9.888   -10.329 1.00 57.03  ? 108 GLU A OE1 1 
ATOM   571  O OE2 . GLU A 1 69  ? 20.946  9.922   -11.958 1.00 56.24  ? 108 GLU A OE2 1 
ATOM   572  N N   . TRP A 1 70  ? 14.845  9.980   -11.111 1.00 19.96  ? 109 TRP A N   1 
ATOM   573  C CA  . TRP A 1 70  ? 13.439  10.427  -11.111 1.00 20.87  ? 109 TRP A CA  1 
ATOM   574  C C   . TRP A 1 70  ? 13.386  11.930  -10.871 1.00 21.72  ? 109 TRP A C   1 
ATOM   575  O O   . TRP A 1 70  ? 13.988  12.429  -9.902  1.00 24.39  ? 109 TRP A O   1 
ATOM   576  C CB  . TRP A 1 70  ? 12.652  9.686   -10.051 1.00 19.13  ? 109 TRP A CB  1 
ATOM   577  C CG  . TRP A 1 70  ? 12.367  8.271   -10.402 1.00 18.29  ? 109 TRP A CG  1 
ATOM   578  C CD1 . TRP A 1 70  ? 13.025  7.164   -9.948  1.00 19.86  ? 109 TRP A CD1 1 
ATOM   579  C CD2 . TRP A 1 70  ? 11.311  7.808   -11.239 1.00 17.57  ? 109 TRP A CD2 1 
ATOM   580  N NE1 . TRP A 1 70  ? 12.414  6.059   -10.452 1.00 19.74  ? 109 TRP A NE1 1 
ATOM   581  C CE2 . TRP A 1 70  ? 11.364  6.405   -11.227 1.00 17.96  ? 109 TRP A CE2 1 
ATOM   582  C CE3 . TRP A 1 70  ? 10.310  8.428   -11.993 1.00 18.37  ? 109 TRP A CE3 1 
ATOM   583  C CZ2 . TRP A 1 70  ? 10.433  5.640   -11.905 1.00 19.52  ? 109 TRP A CZ2 1 
ATOM   584  C CZ3 . TRP A 1 70  ? 9.384   7.673   -12.651 1.00 20.89  ? 109 TRP A CZ3 1 
ATOM   585  C CH2 . TRP A 1 70  ? 9.459   6.275   -12.630 1.00 23.31  ? 109 TRP A CH2 1 
ATOM   586  N N   . VAL A 1 71  ? 12.678  12.603  -11.747 1.00 18.06  ? 110 VAL A N   1 
ATOM   587  C CA  . VAL A 1 71  ? 12.503  14.084  -11.680 1.00 20.44  ? 110 VAL A CA  1 
ATOM   588  C C   . VAL A 1 71  ? 11.039  14.404  -11.870 1.00 17.56  ? 110 VAL A C   1 
ATOM   589  O O   . VAL A 1 71  ? 10.252  13.646  -12.429 1.00 16.36  ? 110 VAL A O   1 
ATOM   590  C CB  . VAL A 1 71  ? 13.334  14.805  -12.753 1.00 19.20  ? 110 VAL A CB  1 
ATOM   591  C CG1 . VAL A 1 71  ? 14.813  14.594  -12.543 1.00 21.08  ? 110 VAL A CG1 1 
ATOM   592  C CG2 . VAL A 1 71  ? 12.902  14.399  -14.135 1.00 19.14  ? 110 VAL A CG2 1 
ATOM   593  N N   . PRO A 1 72  ? 10.592  15.586  -11.400 1.00 20.18  ? 111 PRO A N   1 
ATOM   594  C CA  . PRO A 1 72  ? 9.255   16.047  -11.744 1.00 20.26  ? 111 PRO A CA  1 
ATOM   595  C C   . PRO A 1 72  ? 8.976   16.028  -13.248 1.00 20.49  ? 111 PRO A C   1 
ATOM   596  O O   . PRO A 1 72  ? 9.818   16.451  -14.034 1.00 22.86  ? 111 PRO A O   1 
ATOM   597  C CB  . PRO A 1 72  ? 9.217   17.455  -11.123 1.00 21.29  ? 111 PRO A CB  1 
ATOM   598  C CG  . PRO A 1 72  ? 10.227  17.403  -9.978  1.00 21.08  ? 111 PRO A CG  1 
ATOM   599  C CD  . PRO A 1 72  ? 11.303  16.477  -10.490 1.00 21.10  ? 111 PRO A CD  1 
ATOM   600  N N   . GLY A 1 73  ? 7.829   15.470  -13.627 1.00 20.30  ? 112 GLY A N   1 
ATOM   601  C CA  . GLY A 1 73  ? 7.533   15.039  -15.013 1.00 21.88  ? 112 GLY A CA  1 
ATOM   602  C C   . GLY A 1 73  ? 6.306   15.702  -15.585 1.00 22.42  ? 112 GLY A C   1 
ATOM   603  O O   . GLY A 1 73  ? 5.801   15.304  -16.648 1.00 26.63  ? 112 GLY A O   1 
ATOM   604  N N   . GLY A 1 74  ? 5.743   16.656  -14.879 1.00 21.76  ? 113 GLY A N   1 
ATOM   605  C CA  . GLY A 1 74  ? 4.542   17.299  -15.436 1.00 23.90  ? 113 GLY A CA  1 
ATOM   606  C C   . GLY A 1 74  ? 3.425   17.445  -14.447 1.00 25.35  ? 113 GLY A C   1 
ATOM   607  O O   . GLY A 1 74  ? 3.548   17.052  -13.268 1.00 22.25  ? 113 GLY A O   1 
ATOM   608  N N   . LYS A 1 75  ? 2.337   18.045  -14.922 1.00 28.03  ? 114 LYS A N   1 
ATOM   609  C CA  . LYS A 1 75  ? 1.149   18.239  -14.082 1.00 28.53  ? 114 LYS A CA  1 
ATOM   610  C C   . LYS A 1 75  ? 0.552   16.853  -13.913 1.00 29.91  ? 114 LYS A C   1 
ATOM   611  O O   . LYS A 1 75  ? 0.792   15.952  -14.719 1.00 27.72  ? 114 LYS A O   1 
ATOM   612  C CB  . LYS A 1 75  ? 0.268   19.381  -14.623 1.00 34.15  ? 114 LYS A CB  1 
ATOM   613  C CG  . LYS A 1 75  ? 0.686   20.783  -14.128 1.00 34.57  ? 114 LYS A CG  1 
ATOM   614  C CD  . LYS A 1 75  ? -0.324  21.924  -14.281 1.00 34.23  ? 114 LYS A CD  1 
ATOM   615  C CE  . LYS A 1 75  ? -0.114  23.064  -13.296 1.00 31.24  ? 114 LYS A CE  1 
ATOM   616  N NZ  . LYS A 1 75  ? -1.366  23.750  -12.857 1.00 43.03  ? 114 LYS A NZ  1 
ATOM   617  N N   . PRO A 1 76  ? -0.162  16.637  -12.800 1.00 27.68  ? 115 PRO A N   1 
ATOM   618  C CA  . PRO A 1 76  ? -0.750  15.341  -12.506 1.00 29.19  ? 115 PRO A CA  1 
ATOM   619  C C   . PRO A 1 76  ? -2.020  15.086  -13.318 1.00 31.56  ? 115 PRO A C   1 
ATOM   620  O O   . PRO A 1 76  ? -2.646  16.023  -13.851 1.00 29.69  ? 115 PRO A O   1 
ATOM   621  C CB  . PRO A 1 76  ? -1.137  15.457  -11.040 1.00 29.81  ? 115 PRO A CB  1 
ATOM   622  C CG  . PRO A 1 76  ? -1.535  16.921  -10.903 1.00 26.66  ? 115 PRO A CG  1 
ATOM   623  C CD  . PRO A 1 76  ? -0.579  17.662  -11.822 1.00 29.82  ? 115 PRO A CD  1 
ATOM   624  N N   . GLU A 1 77  ? -2.357  13.814  -13.412 1.00 30.39  ? 116 GLU A N   1 
ATOM   625  C CA  . GLU A 1 77  ? -3.676  13.377  -13.885 1.00 29.59  ? 116 GLU A CA  1 
ATOM   626  C C   . GLU A 1 77  ? -4.638  13.647  -12.730 1.00 32.19  ? 116 GLU A C   1 
ATOM   627  O O   . GLU A 1 77  ? -4.256  13.700  -11.556 1.00 28.71  ? 116 GLU A O   1 
ATOM   628  C CB  . GLU A 1 77  ? -3.603  11.948  -14.416 1.00 32.67  ? 116 GLU A CB  1 
ATOM   629  C CG  . GLU A 1 77  ? -2.719  11.840  -15.646 1.00 37.22  ? 116 GLU A CG  1 
ATOM   630  C CD  . GLU A 1 77  ? -2.409  10.440  -16.133 1.00 44.66  ? 116 GLU A CD  1 
ATOM   631  O OE1 . GLU A 1 77  ? -3.195  9.514   -15.853 1.00 51.71  ? 116 GLU A OE1 1 
ATOM   632  O OE2 . GLU A 1 77  ? -1.370  10.287  -16.797 1.00 52.65  ? 116 GLU A OE2 1 
ATOM   633  N N   . PRO A 1 78  ? -5.931  13.876  -13.033 1.00 29.18  ? 117 PRO A N   1 
ATOM   634  C CA  . PRO A 1 78  ? -6.951  13.924  -11.990 1.00 30.76  ? 117 PRO A CA  1 
ATOM   635  C C   . PRO A 1 78  ? -6.832  12.677  -11.097 1.00 30.25  ? 117 PRO A C   1 
ATOM   636  O O   . PRO A 1 78  ? -6.524  11.610  -11.618 1.00 30.73  ? 117 PRO A O   1 
ATOM   637  C CB  . PRO A 1 78  ? -8.261  13.872  -12.790 1.00 30.24  ? 117 PRO A CB  1 
ATOM   638  C CG  . PRO A 1 78  ? -7.906  14.525  -14.114 1.00 31.44  ? 117 PRO A CG  1 
ATOM   639  C CD  . PRO A 1 78  ? -6.490  14.043  -14.388 1.00 31.66  ? 117 PRO A CD  1 
ATOM   640  N N   . GLN A 1 79  ? -7.072  12.855  -9.801  1.00 34.20  ? 118 GLN A N   1 
ATOM   641  C CA  . GLN A 1 79  ? -6.919  11.786  -8.780  1.00 37.96  ? 118 GLN A CA  1 
ATOM   642  C C   . GLN A 1 79  ? -7.653  10.519  -9.224  1.00 42.65  ? 118 GLN A C   1 
ATOM   643  O O   . GLN A 1 79  ? -8.825  10.614  -9.641  1.00 38.95  ? 118 GLN A O   1 
ATOM   644  C CB  . GLN A 1 79  ? -7.456  12.270  -7.440  1.00 44.09  ? 118 GLN A CB  1 
ATOM   645  C CG  . GLN A 1 79  ? -6.703  13.480  -6.916  1.00 51.97  ? 118 GLN A CG  1 
ATOM   646  C CD  . GLN A 1 79  ? -6.339  13.309  -5.462  1.00 57.99  ? 118 GLN A CD  1 
ATOM   647  O OE1 . GLN A 1 79  ? -7.198  13.015  -4.625  1.00 55.39  ? 118 GLN A OE1 1 
ATOM   648  N NE2 . GLN A 1 79  ? -5.056  13.471  -5.168  1.00 51.06  ? 118 GLN A NE2 1 
ATOM   649  N N   . ALA A 1 80  ? -6.973  9.371   -9.103  1.00 41.31  ? 119 ALA A N   1 
ATOM   650  C CA  . ALA A 1 80  ? -7.571  8.019   -9.112  1.00 42.80  ? 119 ALA A CA  1 
ATOM   651  C C   . ALA A 1 80  ? -8.792  8.035   -8.182  1.00 44.63  ? 119 ALA A C   1 
ATOM   652  O O   . ALA A 1 80  ? -8.819  8.792   -7.211  1.00 41.83  ? 119 ALA A O   1 
ATOM   653  C CB  . ALA A 1 80  ? -6.517  7.014   -8.679  1.00 37.42  ? 119 ALA A CB  1 
ATOM   654  N N   . PRO A 1 81  ? -9.879  7.276   -8.453  1.00 50.11  ? 120 PRO A N   1 
ATOM   655  C CA  . PRO A 1 81  ? -10.962 7.159   -7.464  1.00 51.37  ? 120 PRO A CA  1 
ATOM   656  C C   . PRO A 1 81  ? -10.419 6.531   -6.166  1.00 52.71  ? 120 PRO A C   1 
ATOM   657  O O   . PRO A 1 81  ? -9.486  5.733   -6.247  1.00 46.02  ? 120 PRO A O   1 
ATOM   658  C CB  . PRO A 1 81  ? -12.032 6.296   -8.147  1.00 51.95  ? 120 PRO A CB  1 
ATOM   659  C CG  . PRO A 1 81  ? -11.342 5.668   -9.350  1.00 51.53  ? 120 PRO A CG  1 
ATOM   660  C CD  . PRO A 1 81  ? -10.161 6.557   -9.704  1.00 50.45  ? 120 PRO A CD  1 
ATOM   661  N N   . SER A 1 82  ? -10.950 6.938   -5.007  1.00 51.94  ? 121 SER A N   1 
ATOM   662  C CA  . SER A 1 82  ? -10.518 6.462   -3.658  1.00 58.94  ? 121 SER A CA  1 
ATOM   663  C C   . SER A 1 82  ? -10.919 4.989   -3.457  1.00 47.11  ? 121 SER A C   1 
ATOM   664  O O   . SER A 1 82  ? -11.932 4.723   -2.784  1.00 57.44  ? 121 SER A O   1 
ATOM   665  C CB  . SER A 1 82  ? -11.065 7.345   -2.551  1.00 64.33  ? 121 SER A CB  1 
ATOM   666  O OG  . SER A 1 82  ? -10.230 8.480   -2.349  1.00 67.38  ? 121 SER A OG  1 
ATOM   667  N N   . CYS A 1 83  ? -10.154 4.074   -4.048  1.00 38.28  ? 122 CYS A N   1 
ATOM   668  C CA  . CYS A 1 83  ? -10.345 2.604   -3.958  1.00 34.58  ? 122 CYS A CA  1 
ATOM   669  C C   . CYS A 1 83  ? -9.863  2.122   -2.585  1.00 31.90  ? 122 CYS A C   1 
ATOM   670  O O   . CYS A 1 83  ? -8.756  2.507   -2.169  1.00 30.98  ? 122 CYS A O   1 
ATOM   671  C CB  . CYS A 1 83  ? -9.541  1.892   -5.032  1.00 35.76  ? 122 CYS A CB  1 
ATOM   672  S SG  . CYS A 1 83  ? -10.033 2.338   -6.720  1.00 36.27  ? 122 CYS A SG  1 
ATOM   673  N N   . VAL A 1 84  ? -10.663 1.308   -1.894  1.00 29.42  ? 123 VAL A N   1 
ATOM   674  C CA  . VAL A 1 84  ? -10.224 0.710   -0.609  1.00 27.11  ? 123 VAL A CA  1 
ATOM   675  C C   . VAL A 1 84  ? -10.224 -0.807  -0.776  1.00 26.82  ? 123 VAL A C   1 
ATOM   676  O O   . VAL A 1 84  ? -11.073 -1.371  -1.487  1.00 28.15  ? 123 VAL A O   1 
ATOM   677  C CB  . VAL A 1 84  ? -11.102 1.200   0.550   1.00 27.23  ? 123 VAL A CB  1 
ATOM   678  C CG1 . VAL A 1 84  ? -10.755 0.507   1.848   1.00 29.01  ? 123 VAL A CG1 1 
ATOM   679  C CG2 . VAL A 1 84  ? -11.022 2.709   0.711   1.00 29.12  ? 123 VAL A CG2 1 
ATOM   680  N N   . TYR A 1 85  ? -9.175  -1.453  -0.290  1.00 22.33  ? 124 TYR A N   1 
ATOM   681  C CA  . TYR A 1 85  ? -9.045  -2.916  -0.283  1.00 19.78  ? 124 TYR A CA  1 
ATOM   682  C C   . TYR A 1 85  ? -9.363  -3.404  1.129   1.00 20.80  ? 124 TYR A C   1 
ATOM   683  O O   . TYR A 1 85  ? -8.773  -2.888  2.084   1.00 22.76  ? 124 TYR A O   1 
ATOM   684  C CB  . TYR A 1 85  ? -7.630  -3.317  -0.668  1.00 21.01  ? 124 TYR A CB  1 
ATOM   685  C CG  . TYR A 1 85  ? -7.366  -4.792  -0.595  1.00 21.41  ? 124 TYR A CG  1 
ATOM   686  C CD1 . TYR A 1 85  ? -7.887  -5.649  -1.549  1.00 25.08  ? 124 TYR A CD1 1 
ATOM   687  C CD2 . TYR A 1 85  ? -6.674  -5.350  0.459   1.00 20.69  ? 124 TYR A CD2 1 
ATOM   688  C CE1 . TYR A 1 85  ? -7.672  -7.009  -1.482  1.00 23.07  ? 124 TYR A CE1 1 
ATOM   689  C CE2 . TYR A 1 85  ? -6.396  -6.708  0.519   1.00 21.46  ? 124 TYR A CE2 1 
ATOM   690  C CZ  . TYR A 1 85  ? -6.916  -7.546  -0.455  1.00 24.09  ? 124 TYR A CZ  1 
ATOM   691  O OH  . TYR A 1 85  ? -6.723  -8.892  -0.343  1.00 23.73  ? 124 TYR A OH  1 
ATOM   692  N N   . ILE A 1 86  ? -10.314 -4.332  1.254   1.00 20.21  ? 125 ILE A N   1 
ATOM   693  C CA  . ILE A 1 86  ? -10.653 -4.890  2.586   1.00 20.15  ? 125 ILE A CA  1 
ATOM   694  C C   . ILE A 1 86  ? -9.800  -6.130  2.761   1.00 19.44  ? 125 ILE A C   1 
ATOM   695  O O   . ILE A 1 86  ? -9.858  -7.024  1.895   1.00 21.98  ? 125 ILE A O   1 
ATOM   696  C CB  . ILE A 1 86  ? -12.161 -5.191  2.659   1.00 21.48  ? 125 ILE A CB  1 
ATOM   697  C CG1 . ILE A 1 86  ? -12.997 -3.930  2.454   1.00 24.82  ? 125 ILE A CG1 1 
ATOM   698  C CG2 . ILE A 1 86  ? -12.509 -5.854  3.990   1.00 23.55  ? 125 ILE A CG2 1 
ATOM   699  C CD1 . ILE A 1 86  ? -14.454 -4.251  2.059   1.00 27.13  ? 125 ILE A CD1 1 
ATOM   700  N N   . HIS A 1 87  ? -9.025  -6.216  3.838   1.00 19.22  ? 126 HIS A N   1 
ATOM   701  C CA  . HIS A 1 87  ? -8.257  -7.434  4.154   1.00 18.63  ? 126 HIS A CA  1 
ATOM   702  C C   . HIS A 1 87  ? -9.226  -8.614  4.230   1.00 18.70  ? 126 HIS A C   1 
ATOM   703  O O   . HIS A 1 87  ? -10.259 -8.494  4.860   1.00 20.56  ? 126 HIS A O   1 
ATOM   704  C CB  . HIS A 1 87  ? -7.427  -7.266  5.414   1.00 18.25  ? 126 HIS A CB  1 
ATOM   705  C CG  . HIS A 1 87  ? -6.462  -8.388  5.528   1.00 17.09  ? 126 HIS A CG  1 
ATOM   706  N ND1 . HIS A 1 87  ? -6.860  -9.690  5.894   1.00 18.81  ? 126 HIS A ND1 1 
ATOM   707  C CD2 . HIS A 1 87  ? -5.130  -8.447  5.301   1.00 18.61  ? 126 HIS A CD2 1 
ATOM   708  C CE1 . HIS A 1 87  ? -5.811  -10.461 5.885   1.00 21.48  ? 126 HIS A CE1 1 
ATOM   709  N NE2 . HIS A 1 87  ? -4.721  -9.723  5.557   1.00 21.56  ? 126 HIS A NE2 1 
ATOM   710  N N   . PRO A 1 88  ? -8.943  -9.716  3.507   1.00 21.11  ? 127 PRO A N   1 
ATOM   711  C CA  . PRO A 1 88  ? -9.895  -10.819 3.427   1.00 22.89  ? 127 PRO A CA  1 
ATOM   712  C C   . PRO A 1 88  ? -10.230 -11.496 4.764   1.00 21.61  ? 127 PRO A C   1 
ATOM   713  O O   . PRO A 1 88  ? -11.248 -12.141 4.803   1.00 23.76  ? 127 PRO A O   1 
ATOM   714  C CB  . PRO A 1 88  ? -9.243  -11.819 2.465   1.00 23.96  ? 127 PRO A CB  1 
ATOM   715  C CG  . PRO A 1 88  ? -7.815  -11.350 2.280   1.00 25.50  ? 127 PRO A CG  1 
ATOM   716  C CD  . PRO A 1 88  ? -7.757  -9.881  2.670   1.00 22.71  ? 127 PRO A CD  1 
ATOM   717  N N   . ASP A 1 89  ? -9.446  -11.262 5.813   1.00 19.67  ? 128 ASP A N   1 
ATOM   718  C CA  . ASP A 1 89  ? -9.693  -11.890 7.148   1.00 20.84  ? 128 ASP A CA  1 
ATOM   719  C C   . ASP A 1 89  ? -10.772 -11.101 7.888   1.00 21.66  ? 128 ASP A C   1 
ATOM   720  O O   . ASP A 1 89  ? -11.175 -11.544 8.988   1.00 21.98  ? 128 ASP A O   1 
ATOM   721  C CB  . ASP A 1 89  ? -8.418  -11.929 7.981   1.00 21.00  ? 128 ASP A CB  1 
ATOM   722  C CG  . ASP A 1 89  ? -7.374  -12.942 7.535   1.00 22.34  ? 128 ASP A CG  1 
ATOM   723  O OD1 . ASP A 1 89  ? -7.577  -13.561 6.439   1.00 25.49  ? 128 ASP A OD1 1 
ATOM   724  O OD2 . ASP A 1 89  ? -6.376  -13.084 8.241   1.00 22.03  ? 128 ASP A OD2 1 
ATOM   725  N N   . SER A 1 90  ? -11.189 -9.961  7.347   1.00 21.13  ? 129 SER A N   1 
ATOM   726  C CA  . SER A 1 90  ? -12.133 -9.011  7.979   1.00 19.03  ? 129 SER A CA  1 
ATOM   727  C C   . SER A 1 90  ? -13.545 -9.577  7.959   1.00 20.15  ? 129 SER A C   1 
ATOM   728  O O   . SER A 1 90  ? -13.950 -10.175 6.962   1.00 23.01  ? 129 SER A O   1 
ATOM   729  C CB  . SER A 1 90  ? -12.121 -7.665  7.255   1.00 19.97  ? 129 SER A CB  1 
ATOM   730  O OG  . SER A 1 90  ? -10.842 -7.065  7.295   1.00 18.74  ? 129 SER A OG  1 
ATOM   731  N N   . PRO A 1 91  ? -14.412 -9.314  8.968   1.00 21.29  ? 130 PRO A N   1 
ATOM   732  C CA  . PRO A 1 91  ? -14.043 -8.790  10.280  1.00 20.75  ? 130 PRO A CA  1 
ATOM   733  C C   . PRO A 1 91  ? -13.453 -9.927  11.128  1.00 18.48  ? 130 PRO A C   1 
ATOM   734  O O   . PRO A 1 91  ? -13.739 -11.083 10.888  1.00 19.58  ? 130 PRO A O   1 
ATOM   735  C CB  . PRO A 1 91  ? -15.394 -8.369  10.900  1.00 20.83  ? 130 PRO A CB  1 
ATOM   736  C CG  . PRO A 1 91  ? -16.400 -9.317  10.256  1.00 21.77  ? 130 PRO A CG  1 
ATOM   737  C CD  . PRO A 1 91  ? -15.863 -9.542  8.866   1.00 21.44  ? 130 PRO A CD  1 
ATOM   738  N N   . ASN A 1 92  ? -12.601 -9.598  12.077  1.00 18.89  ? 131 ASN A N   1 
ATOM   739  C CA  . ASN A 1 92  ? -12.014 -10.636 12.955  1.00 18.09  ? 131 ASN A CA  1 
ATOM   740  C C   . ASN A 1 92  ? -11.613 -10.056 14.309  1.00 18.74  ? 131 ASN A C   1 
ATOM   741  O O   . ASN A 1 92  ? -11.505 -8.833  14.500  1.00 18.93  ? 131 ASN A O   1 
ATOM   742  C CB  . ASN A 1 92  ? -10.792 -11.249 12.276  1.00 19.77  ? 131 ASN A CB  1 
ATOM   743  C CG  . ASN A 1 92  ? -10.810 -12.745 12.391  1.00 21.27  ? 131 ASN A CG  1 
ATOM   744  O OD1 . ASN A 1 92  ? -11.018 -13.266 13.485  1.00 21.58  ? 131 ASN A OD1 1 
ATOM   745  N ND2 . ASN A 1 92  ? -10.550 -13.413 11.279  1.00 22.45  ? 131 ASN A ND2 1 
ATOM   746  N N   . PHE A 1 93  ? -11.373 -10.933 15.252  1.00 19.49  ? 132 PHE A N   1 
ATOM   747  C CA  . PHE A 1 93  ? -11.021 -10.544 16.621  1.00 19.06  ? 132 PHE A CA  1 
ATOM   748  C C   . PHE A 1 93  ? -9.678  -9.824  16.656  1.00 19.58  ? 132 PHE A C   1 
ATOM   749  O O   . PHE A 1 93  ? -8.749  -10.137 15.909  1.00 18.70  ? 132 PHE A O   1 
ATOM   750  C CB  . PHE A 1 93  ? -10.880 -11.777 17.486  1.00 18.14  ? 132 PHE A CB  1 
ATOM   751  C CG  . PHE A 1 93  ? -12.185 -12.482 17.714  1.00 19.08  ? 132 PHE A CG  1 
ATOM   752  C CD1 . PHE A 1 93  ? -13.137 -11.923 18.528  1.00 21.66  ? 132 PHE A CD1 1 
ATOM   753  C CD2 . PHE A 1 93  ? -12.449 -13.652 17.045  1.00 19.29  ? 132 PHE A CD2 1 
ATOM   754  C CE1 . PHE A 1 93  ? -14.316 -12.611 18.759  1.00 23.50  ? 132 PHE A CE1 1 
ATOM   755  C CE2 . PHE A 1 93  ? -13.647 -14.306 17.239  1.00 22.41  ? 132 PHE A CE2 1 
ATOM   756  C CZ  . PHE A 1 93  ? -14.546 -13.798 18.108  1.00 20.44  ? 132 PHE A CZ  1 
ATOM   757  N N   . GLY A 1 94  ? -9.533  -8.870  17.561  1.00 17.75  ? 133 GLY A N   1 
ATOM   758  C CA  . GLY A 1 94  ? -8.210  -8.319  17.887  1.00 17.54  ? 133 GLY A CA  1 
ATOM   759  C C   . GLY A 1 94  ? -7.181  -9.410  18.039  1.00 18.95  ? 133 GLY A C   1 
ATOM   760  O O   . GLY A 1 94  ? -6.050  -9.282  17.525  1.00 18.99  ? 133 GLY A O   1 
ATOM   761  N N   . ALA A 1 95  ? -7.506  -10.493 18.726  1.00 18.92  ? 134 ALA A N   1 
ATOM   762  C CA  . ALA A 1 95  ? -6.510  -11.563 18.967  1.00 19.19  ? 134 ALA A CA  1 
ATOM   763  C C   . ALA A 1 95  ? -6.012  -12.097 17.612  1.00 19.55  ? 134 ALA A C   1 
ATOM   764  O O   . ALA A 1 95  ? -4.824  -12.418 17.521  1.00 20.32  ? 134 ALA A O   1 
ATOM   765  C CB  . ALA A 1 95  ? -7.103  -12.685 19.811  1.00 21.15  ? 134 ALA A CB  1 
ATOM   766  N N   . HIS A 1 96  ? -6.898  -12.234 16.630  1.00 19.56  ? 135 HIS A N   1 
ATOM   767  C CA  . HIS A 1 96  ? -6.560  -12.743 15.280  1.00 19.15  ? 135 HIS A CA  1 
ATOM   768  C C   . HIS A 1 96  ? -5.528  -11.812 14.636  1.00 18.89  ? 135 HIS A C   1 
ATOM   769  O O   . HIS A 1 96  ? -4.472  -12.248 14.138  1.00 19.21  ? 135 HIS A O   1 
ATOM   770  C CB  . HIS A 1 96  ? -7.779  -12.825 14.398  1.00 18.80  ? 135 HIS A CB  1 
ATOM   771  C CG  . HIS A 1 96  ? -7.445  -13.195 13.013  1.00 21.23  ? 135 HIS A CG  1 
ATOM   772  N ND1 . HIS A 1 96  ? -7.345  -14.530 12.619  1.00 22.51  ? 135 HIS A ND1 1 
ATOM   773  C CD2 . HIS A 1 96  ? -7.095  -12.431 11.945  1.00 21.40  ? 135 HIS A CD2 1 
ATOM   774  C CE1 . HIS A 1 96  ? -7.002  -14.547 11.341  1.00 22.11  ? 135 HIS A CE1 1 
ATOM   775  N NE2 . HIS A 1 96  ? -6.869  -13.283 10.888  1.00 22.22  ? 135 HIS A NE2 1 
ATOM   776  N N   . TRP A 1 97  ? -5.805  -10.517 14.657  1.00 18.36  ? 136 TRP A N   1 
ATOM   777  C CA  . TRP A 1 97  ? -4.922  -9.547  13.985  1.00 16.65  ? 136 TRP A CA  1 
ATOM   778  C C   . TRP A 1 97  ? -3.574  -9.484  14.687  1.00 17.97  ? 136 TRP A C   1 
ATOM   779  O O   . TRP A 1 97  ? -2.597  -9.151  14.036  1.00 18.35  ? 136 TRP A O   1 
ATOM   780  C CB  . TRP A 1 97  ? -5.577  -8.179  13.937  1.00 16.14  ? 136 TRP A CB  1 
ATOM   781  C CG  . TRP A 1 97  ? -6.873  -8.150  13.208  1.00 16.31  ? 136 TRP A CG  1 
ATOM   782  C CD1 . TRP A 1 97  ? -8.097  -7.884  13.759  1.00 17.96  ? 136 TRP A CD1 1 
ATOM   783  C CD2 . TRP A 1 97  ? -7.115  -8.360  11.808  1.00 15.24  ? 136 TRP A CD2 1 
ATOM   784  N NE1 . TRP A 1 97  ? -9.071  -7.932  12.793  1.00 17.64  ? 136 TRP A NE1 1 
ATOM   785  C CE2 . TRP A 1 97  ? -8.493  -8.202  11.580  1.00 17.34  ? 136 TRP A CE2 1 
ATOM   786  C CE3 . TRP A 1 97  ? -6.306  -8.658  10.698  1.00 14.73  ? 136 TRP A CE3 1 
ATOM   787  C CZ2 . TRP A 1 97  ? -9.075  -8.250  10.332  1.00 16.21  ? 136 TRP A CZ2 1 
ATOM   788  C CZ3 . TRP A 1 97  ? -6.890  -8.715  9.460   1.00 15.42  ? 136 TRP A CZ3 1 
ATOM   789  C CH2 . TRP A 1 97  ? -8.255  -8.526  9.259   1.00 17.53  ? 136 TRP A CH2 1 
ATOM   790  N N   . MET A 1 98  ? -3.498  -9.729  15.997  1.00 17.93  ? 137 MET A N   1 
ATOM   791  C CA  . MET A 1 98  ? -2.268  -9.533  16.787  1.00 18.35  ? 137 MET A CA  1 
ATOM   792  C C   . MET A 1 98  ? -1.401  -10.794 16.851  1.00 18.61  ? 137 MET A C   1 
ATOM   793  O O   . MET A 1 98  ? -0.250  -10.656 17.273  1.00 23.78  ? 137 MET A O   1 
ATOM   794  C CB  . MET A 1 98  ? -2.610  -9.084  18.212  1.00 17.90  ? 137 MET A CB  1 
ATOM   795  C CG  . MET A 1 98  ? -3.250  -7.733  18.213  1.00 19.28  ? 137 MET A CG  1 
ATOM   796  S SD  . MET A 1 98  ? -3.411  -6.974  19.844  1.00 20.63  ? 137 MET A SD  1 
ATOM   797  C CE  . MET A 1 98  ? -4.784  -7.913  20.532  1.00 20.03  ? 137 MET A CE  1 
ATOM   798  N N   . LYS A 1 99  ? -1.914  -11.966 16.507  1.00 20.78  ? 138 LYS A N   1 
ATOM   799  C CA  . LYS A 1 99  ? -1.152  -13.195 16.810  1.00 22.08  ? 138 LYS A CA  1 
ATOM   800  C C   . LYS A 1 99  ? -0.084  -13.445 15.752  1.00 23.05  ? 138 LYS A C   1 
ATOM   801  O O   . LYS A 1 99  ? 0.734   -14.326 15.950  1.00 26.02  ? 138 LYS A O   1 
ATOM   802  C CB  . LYS A 1 99  ? -2.082  -14.387 16.882  1.00 23.80  ? 138 LYS A CB  1 
ATOM   803  C CG  . LYS A 1 99  ? -2.696  -14.764 15.556  1.00 24.42  ? 138 LYS A CG  1 
ATOM   804  C CD  . LYS A 1 99  ? -3.857  -15.685 15.730  1.00 29.39  ? 138 LYS A CD  1 
ATOM   805  C CE  . LYS A 1 99  ? -4.557  -16.029 14.441  1.00 30.15  ? 138 LYS A CE  1 
ATOM   806  N NZ  . LYS A 1 99  ? -5.561  -17.096 14.651  1.00 36.26  ? 138 LYS A NZ  1 
ATOM   807  N N   . ALA A 1 100 ? -0.159  -12.781 14.620  1.00 21.27  ? 139 ALA A N   1 
ATOM   808  C CA  . ALA A 1 100 ? 0.802   -12.951 13.518  1.00 21.69  ? 139 ALA A CA  1 
ATOM   809  C C   . ALA A 1 100 ? 0.682   -11.773 12.588  1.00 21.52  ? 139 ALA A C   1 
ATOM   810  O O   . ALA A 1 100 ? -0.364  -11.113 12.523  1.00 19.89  ? 139 ALA A O   1 
ATOM   811  C CB  . ALA A 1 100 ? 0.531   -14.221 12.759  1.00 23.20  ? 139 ALA A CB  1 
ATOM   812  N N   . PRO A 1 101 ? 1.764   -11.451 11.858  1.00 22.41  ? 140 PRO A N   1 
ATOM   813  C CA  . PRO A 1 101 ? 1.704   -10.292 10.981  1.00 22.27  ? 140 PRO A CA  1 
ATOM   814  C C   . PRO A 1 101 ? 0.516   -10.364 10.012  1.00 20.24  ? 140 PRO A C   1 
ATOM   815  O O   . PRO A 1 101 ? 0.110   -11.431 9.568   1.00 23.58  ? 140 PRO A O   1 
ATOM   816  C CB  . PRO A 1 101 ? 3.032   -10.353 10.211  1.00 23.95  ? 140 PRO A CB  1 
ATOM   817  C CG  . PRO A 1 101 ? 3.963   -11.069 11.163  1.00 27.21  ? 140 PRO A CG  1 
ATOM   818  C CD  . PRO A 1 101 ? 3.104   -12.075 11.922  1.00 24.07  ? 140 PRO A CD  1 
ATOM   819  N N   . VAL A 1 102 ? -0.065  -9.210  9.744   1.00 19.33  ? 141 VAL A N   1 
ATOM   820  C CA  . VAL A 1 102 ? -1.232  -9.015  8.836   1.00 18.92  ? 141 VAL A CA  1 
ATOM   821  C C   . VAL A 1 102 ? -0.623  -8.682  7.471   1.00 19.95  ? 141 VAL A C   1 
ATOM   822  O O   . VAL A 1 102 ? 0.062   -7.661  7.339   1.00 20.84  ? 141 VAL A O   1 
ATOM   823  C CB  . VAL A 1 102 ? -2.126  -7.865  9.333   1.00 19.90  ? 141 VAL A CB  1 
ATOM   824  C CG1 . VAL A 1 102 ? -3.335  -7.631  8.451   1.00 20.42  ? 141 VAL A CG1 1 
ATOM   825  C CG2 . VAL A 1 102 ? -2.534  -8.050  10.793  1.00 19.73  ? 141 VAL A CG2 1 
ATOM   826  N N   A SER A 1 103 ? -0.893  -9.544  6.496   0.25 19.14  ? 142 SER A N   1 
ATOM   827  N N   B SER A 1 103 ? -0.865  -9.527  6.475   0.25 20.42  ? 142 SER A N   1 
ATOM   828  C CA  A SER A 1 103 ? -0.287  -9.519  5.143   0.25 19.21  ? 142 SER A CA  1 
ATOM   829  C CA  B SER A 1 103 ? -0.195  -9.445  5.153   0.25 21.18  ? 142 SER A CA  1 
ATOM   830  C C   A SER A 1 103 ? -1.327  -9.065  4.120   0.25 18.92  ? 142 SER A C   1 
ATOM   831  C C   B SER A 1 103 ? -1.223  -9.148  4.061   0.25 20.15  ? 142 SER A C   1 
ATOM   832  O O   A SER A 1 103 ? -2.453  -9.629  4.117   0.25 18.90  ? 142 SER A O   1 
ATOM   833  O O   B SER A 1 103 ? -2.202  -9.912  3.943   0.25 20.49  ? 142 SER A O   1 
ATOM   834  C CB  A SER A 1 103 ? 0.247   -10.873 4.777   0.25 19.15  ? 142 SER A CB  1 
ATOM   835  C CB  B SER A 1 103 ? 0.558   -10.710 4.864   0.25 22.84  ? 142 SER A CB  1 
ATOM   836  O OG  A SER A 1 103 ? 0.553   -10.915 3.395   0.25 19.92  ? 142 SER A OG  1 
ATOM   837  O OG  B SER A 1 103 ? 1.574   -10.904 5.833   0.25 26.30  ? 142 SER A OG  1 
ATOM   838  N N   . PHE A 1 104 ? -0.966  -8.110  3.264   1.00 18.41  ? 143 PHE A N   1 
ATOM   839  C CA  . PHE A 1 104 ? -1.857  -7.675  2.167   1.00 20.23  ? 143 PHE A CA  1 
ATOM   840  C C   . PHE A 1 104 ? -1.362  -8.297  0.859   1.00 21.94  ? 143 PHE A C   1 
ATOM   841  O O   . PHE A 1 104 ? -1.242  -7.601  -0.162  1.00 20.56  ? 143 PHE A O   1 
ATOM   842  C CB  . PHE A 1 104 ? -1.955  -6.153  2.151   1.00 18.53  ? 143 PHE A CB  1 
ATOM   843  C CG  . PHE A 1 104 ? -2.718  -5.605  3.319   1.00 19.95  ? 143 PHE A CG  1 
ATOM   844  C CD1 . PHE A 1 104 ? -4.062  -5.315  3.184   1.00 21.20  ? 143 PHE A CD1 1 
ATOM   845  C CD2 . PHE A 1 104 ? -2.093  -5.425  4.548   1.00 19.33  ? 143 PHE A CD2 1 
ATOM   846  C CE1 . PHE A 1 104 ? -4.764  -4.803  4.263   1.00 19.74  ? 143 PHE A CE1 1 
ATOM   847  C CE2 . PHE A 1 104 ? -2.795  -4.914  5.623   1.00 22.57  ? 143 PHE A CE2 1 
ATOM   848  C CZ  . PHE A 1 104 ? -4.127  -4.628  5.481   1.00 21.86  ? 143 PHE A CZ  1 
ATOM   849  N N   . SER A 1 105 ? -1.139  -9.601  0.869   1.00 21.70  ? 144 SER A N   1 
ATOM   850  C CA  . SER A 1 105 ? -0.408  -10.274 -0.230  1.00 23.88  ? 144 SER A CA  1 
ATOM   851  C C   . SER A 1 105 ? -1.265  -10.323 -1.499  1.00 25.26  ? 144 SER A C   1 
ATOM   852  O O   . SER A 1 105 ? -0.660  -10.398 -2.594  1.00 26.32  ? 144 SER A O   1 
ATOM   853  C CB  . SER A 1 105 ? 0.055   -11.637 0.195   1.00 27.56  ? 144 SER A CB  1 
ATOM   854  O OG  . SER A 1 105 ? -1.062  -12.421 0.482   1.00 30.92  ? 144 SER A OG  1 
ATOM   855  N N   . LYS A 1 106 ? -2.584  -10.240 -1.391  1.00 22.86  ? 145 LYS A N   1 
ATOM   856  C CA  . LYS A 1 106 ? -3.488  -10.460 -2.560  1.00 24.49  ? 145 LYS A CA  1 
ATOM   857  C C   . LYS A 1 106 ? -3.996  -9.163  -3.203  1.00 25.54  ? 145 LYS A C   1 
ATOM   858  O O   . LYS A 1 106 ? -4.658  -9.256  -4.273  1.00 25.83  ? 145 LYS A O   1 
ATOM   859  C CB  . LYS A 1 106 ? -4.670  -11.347 -2.151  1.00 28.45  ? 145 LYS A CB  1 
ATOM   860  C CG  . LYS A 1 106 ? -4.223  -12.682 -1.566  1.00 32.26  ? 145 LYS A CG  1 
ATOM   861  C CD  . LYS A 1 106 ? -3.429  -13.556 -2.528  1.00 42.10  ? 145 LYS A CD  1 
ATOM   862  C CE  . LYS A 1 106 ? -3.093  -14.932 -1.967  1.00 46.13  ? 145 LYS A CE  1 
ATOM   863  N NZ  . LYS A 1 106 ? -3.155  -16.006 -2.994  1.00 48.97  ? 145 LYS A NZ  1 
ATOM   864  N N   . VAL A 1 107 ? -3.726  -7.996  -2.613  1.00 22.70  ? 146 VAL A N   1 
ATOM   865  C CA  . VAL A 1 107 ? -4.141  -6.721  -3.249  1.00 23.31  ? 146 VAL A CA  1 
ATOM   866  C C   . VAL A 1 107 ? -3.466  -6.629  -4.640  1.00 22.02  ? 146 VAL A C   1 
ATOM   867  O O   . VAL A 1 107 ? -2.279  -6.990  -4.786  1.00 21.76  ? 146 VAL A O   1 
ATOM   868  C CB  . VAL A 1 107 ? -3.866  -5.498  -2.337  1.00 22.60  ? 146 VAL A CB  1 
ATOM   869  C CG1 . VAL A 1 107 ? -2.373  -5.251  -2.051  1.00 23.24  ? 146 VAL A CG1 1 
ATOM   870  C CG2 . VAL A 1 107 ? -4.576  -4.271  -2.940  1.00 23.17  ? 146 VAL A CG2 1 
ATOM   871  N N   . LYS A 1 108 ? -4.226  -6.226  -5.659  1.00 23.92  ? 147 LYS A N   1 
ATOM   872  C CA  . LYS A 1 108 ? -3.718  -6.003  -7.034  1.00 22.88  ? 147 LYS A CA  1 
ATOM   873  C C   . LYS A 1 108 ? -3.825  -4.518  -7.401  1.00 22.67  ? 147 LYS A C   1 
ATOM   874  O O   . LYS A 1 108 ? -4.841  -3.858  -7.125  1.00 23.32  ? 147 LYS A O   1 
ATOM   875  C CB  . LYS A 1 108 ? -4.499  -6.891  -8.004  1.00 24.35  ? 147 LYS A CB  1 
ATOM   876  C CG  . LYS A 1 108 ? -3.988  -8.313  -8.107  1.00 28.25  ? 147 LYS A CG  1 
ATOM   877  C CD  . LYS A 1 108 ? -4.833  -9.139  -9.065  1.00 32.62  ? 147 LYS A CD  1 
ATOM   878  C CE  . LYS A 1 108 ? -4.344  -10.566 -9.171  1.00 38.91  ? 147 LYS A CE  1 
ATOM   879  N NZ  . LYS A 1 108 ? -5.259  -11.388 -10.004 1.00 40.19  ? 147 LYS A NZ  1 
ATOM   880  N N   . LEU A 1 109 ? -2.778  -4.018  -8.039  1.00 21.08  ? 148 LEU A N   1 
ATOM   881  C CA  . LEU A 1 109 ? -2.718  -2.628  -8.530  1.00 20.54  ? 148 LEU A CA  1 
ATOM   882  C C   . LEU A 1 109 ? -2.972  -2.626  -10.036 1.00 21.37  ? 148 LEU A C   1 
ATOM   883  O O   . LEU A 1 109 ? -2.402  -3.427  -10.741 1.00 24.32  ? 148 LEU A O   1 
ATOM   884  C CB  . LEU A 1 109 ? -1.355  -2.055  -8.179  1.00 21.64  ? 148 LEU A CB  1 
ATOM   885  C CG  . LEU A 1 109 ? -0.919  -2.138  -6.718  1.00 21.13  ? 148 LEU A CG  1 
ATOM   886  C CD1 . LEU A 1 109 ? 0.426   -1.405  -6.575  1.00 20.30  ? 148 LEU A CD1 1 
ATOM   887  C CD2 . LEU A 1 109 ? -1.996  -1.598  -5.773  1.00 21.86  ? 148 LEU A CD2 1 
ATOM   888  N N   . THR A 1 110 ? -3.846  -1.745  -10.468 1.00 23.09  ? 149 THR A N   1 
ATOM   889  C CA  . THR A 1 110 ? -4.323  -1.697  -11.864 1.00 24.15  ? 149 THR A CA  1 
ATOM   890  C C   . THR A 1 110 ? -4.292  -0.253  -12.370 1.00 24.34  ? 149 THR A C   1 
ATOM   891  O O   . THR A 1 110 ? -4.361  0.681   -11.577 1.00 22.41  ? 149 THR A O   1 
ATOM   892  C CB  . THR A 1 110 ? -5.748  -2.257  -11.960 1.00 27.93  ? 149 THR A CB  1 
ATOM   893  O OG1 . THR A 1 110 ? -6.034  -2.423  -13.349 1.00 29.60  ? 149 THR A OG1 1 
ATOM   894  C CG2 . THR A 1 110 ? -6.770  -1.377  -11.285 1.00 28.00  ? 149 THR A CG2 1 
ATOM   895  N N   . ASN A 1 111 ? -4.325  -0.100  -13.690 1.00 27.15  ? 150 ASN A N   1 
ATOM   896  C CA  . ASN A 1 111 ? -4.514  1.210   -14.354 1.00 32.37  ? 150 ASN A CA  1 
ATOM   897  C C   . ASN A 1 111 ? -5.786  1.218   -15.210 1.00 38.41  ? 150 ASN A C   1 
ATOM   898  O O   . ASN A 1 111 ? -5.902  2.124   -16.060 1.00 44.68  ? 150 ASN A O   1 
ATOM   899  C CB  . ASN A 1 111 ? -3.282  1.582   -15.180 1.00 34.04  ? 150 ASN A CB  1 
ATOM   900  C CG  . ASN A 1 111 ? -2.926  0.627   -16.300 1.00 33.70  ? 150 ASN A CG  1 
ATOM   901  O OD1 . ASN A 1 111 ? -2.035  0.949   -17.086 1.00 36.82  ? 150 ASN A OD1 1 
ATOM   902  N ND2 . ASN A 1 111 ? -3.552  -0.540  -16.387 1.00 29.20  ? 150 ASN A ND2 1 
ATOM   903  N N   . LYS A 1 112 ? -6.698  0.276   -14.986 1.00 39.67  ? 151 LYS A N   1 
ATOM   904  C CA  . LYS A 1 112 ? -8.055  0.267   -15.597 1.00 49.49  ? 151 LYS A CA  1 
ATOM   905  C C   . LYS A 1 112 ? -9.057  -0.185  -14.537 1.00 56.25  ? 151 LYS A C   1 
ATOM   906  O O   . LYS A 1 112 ? -8.854  -1.287  -13.972 1.00 49.61  ? 151 LYS A O   1 
ATOM   907  C CB  . LYS A 1 112 ? -8.097  -0.649  -16.825 1.00 57.13  ? 151 LYS A CB  1 
ATOM   908  C CG  . LYS A 1 112 ? -7.530  -0.052  -18.114 1.00 68.86  ? 151 LYS A CG  1 
ATOM   909  C CD  . LYS A 1 112 ? -8.505  0.819   -18.912 1.00 74.50  ? 151 LYS A CD  1 
ATOM   910  C CE  . LYS A 1 112 ? -8.372  0.675   -20.420 1.00 75.41  ? 151 LYS A CE  1 
ATOM   911  N NZ  . LYS A 1 112 ? -7.105  1.246   -20.935 1.00 75.86  ? 151 LYS A NZ  1 
ATOM   912  N N   . LEU A 1 113 ? -10.053 0.659   -14.252 1.00 61.77  ? 152 LEU A N   1 
ATOM   913  C CA  . LEU A 1 113 ? -11.322 0.273   -13.568 1.00 75.18  ? 152 LEU A CA  1 
ATOM   914  C C   . LEU A 1 113 ? -11.955 -0.933  -14.287 1.00 73.91  ? 152 LEU A C   1 
ATOM   915  O O   . LEU A 1 113 ? -12.966 -0.750  -14.974 1.00 76.54  ? 152 LEU A O   1 
ATOM   916  C CB  . LEU A 1 113 ? -12.286 1.473   -13.500 1.00 81.31  ? 152 LEU A CB  1 
ATOM   917  C CG  . LEU A 1 113 ? -12.454 2.388   -14.728 1.00 87.53  ? 152 LEU A CG  1 
ATOM   918  C CD1 . LEU A 1 113 ? -11.590 3.638   -14.617 1.00 84.52  ? 152 LEU A CD1 1 
ATOM   919  C CD2 . LEU A 1 113 ? -12.216 1.699   -16.074 1.00 88.05  ? 152 LEU A CD2 1 
ATOM   920  N N   . ASN A 1 114 ? -11.383 -2.132  -14.125 1.00 80.28  ? 153 ASN A N   1 
ATOM   921  C CA  . ASN A 1 114 ? -11.931 -3.403  -14.669 1.00 81.98  ? 153 ASN A CA  1 
ATOM   922  C C   . ASN A 1 114 ? -12.328 -4.315  -13.496 1.00 89.15  ? 153 ASN A C   1 
ATOM   923  O O   . ASN A 1 114 ? -12.319 -5.552  -13.688 1.00 85.71  ? 153 ASN A O   1 
ATOM   924  C CB  . ASN A 1 114 ? -10.966 -4.068  -15.657 1.00 79.27  ? 153 ASN A CB  1 
ATOM   925  C CG  . ASN A 1 114 ? -9.738  -4.672  -15.009 1.00 79.31  ? 153 ASN A CG  1 
ATOM   926  O OD1 . ASN A 1 114 ? -9.124  -4.074  -14.123 1.00 81.95  ? 153 ASN A OD1 1 
ATOM   927  N ND2 . ASN A 1 114 ? -9.363  -5.858  -15.458 1.00 75.04  ? 153 ASN A ND2 1 
ATOM   928  N N   . GLY A 1 115 ? -12.665 -3.715  -12.340 1.00 94.23  ? 154 GLY A N   1 
ATOM   929  C CA  . GLY A 1 115 ? -13.293 -4.375  -11.175 1.00 92.33  ? 154 GLY A CA  1 
ATOM   930  C C   . GLY A 1 115 ? -12.401 -5.428  -10.534 1.00 94.96  ? 154 GLY A C   1 
ATOM   931  O O   . GLY A 1 115 ? -11.181 -5.429  -10.815 1.00 104.26 ? 154 GLY A O   1 
ATOM   932  N N   . GLY A 1 116 ? -12.992 -6.279  -9.683  1.00 86.94  ? 155 GLY A N   1 
ATOM   933  C CA  . GLY A 1 116 ? -12.332 -7.406  -8.991  1.00 73.46  ? 155 GLY A CA  1 
ATOM   934  C C   . GLY A 1 116 ? -11.551 -6.966  -7.761  1.00 66.94  ? 155 GLY A C   1 
ATOM   935  O O   . GLY A 1 116 ? -10.465 -7.546  -7.531  1.00 56.35  ? 155 GLY A O   1 
ATOM   936  N N   . GLY A 1 117 ? -12.072 -5.987  -7.005  1.00 63.71  ? 156 GLY A N   1 
ATOM   937  C CA  . GLY A 1 117 ? -11.477 -5.432  -5.767  1.00 56.09  ? 156 GLY A CA  1 
ATOM   938  C C   . GLY A 1 117 ? -10.045 -4.932  -5.962  1.00 55.34  ? 156 GLY A C   1 
ATOM   939  O O   . GLY A 1 117 ? -9.260  -4.997  -4.999  1.00 55.83  ? 156 GLY A O   1 
ATOM   940  N N   . GLN A 1 118 ? -9.720  -4.445  -7.161  1.00 49.25  ? 157 GLN A N   1 
ATOM   941  C CA  . GLN A 1 118 ? -8.369  -3.981  -7.566  1.00 41.99  ? 157 GLN A CA  1 
ATOM   942  C C   . GLN A 1 118 ? -8.205  -2.511  -7.154  1.00 37.53  ? 157 GLN A C   1 
ATOM   943  O O   . GLN A 1 118 ? -9.214  -1.852  -6.864  1.00 41.92  ? 157 GLN A O   1 
ATOM   944  C CB  . GLN A 1 118 ? -8.226  -4.187  -9.069  1.00 45.25  ? 157 GLN A CB  1 
ATOM   945  C CG  . GLN A 1 118 ? -8.039  -5.637  -9.470  1.00 48.07  ? 157 GLN A CG  1 
ATOM   946  C CD  . GLN A 1 118 ? -7.990  -5.771  -10.970 1.00 52.85  ? 157 GLN A CD  1 
ATOM   947  O OE1 . GLN A 1 118 ? -8.053  -4.785  -11.702 1.00 54.24  ? 157 GLN A OE1 1 
ATOM   948  N NE2 . GLN A 1 118 ? -7.910  -7.005  -11.437 1.00 61.90  ? 157 GLN A NE2 1 
ATOM   949  N N   . ILE A 1 119 ? -6.976  -2.000  -7.080  1.00 26.42  ? 158 ILE A N   1 
ATOM   950  C CA  . ILE A 1 119 ? -6.740  -0.587  -6.671  1.00 24.97  ? 158 ILE A CA  1 
ATOM   951  C C   . ILE A 1 119 ? -6.258  0.156   -7.926  1.00 21.63  ? 158 ILE A C   1 
ATOM   952  O O   . ILE A 1 119 ? -5.202  -0.230  -8.424  1.00 22.42  ? 158 ILE A O   1 
ATOM   953  C CB  . ILE A 1 119 ? -5.681  -0.462  -5.561  1.00 24.70  ? 158 ILE A CB  1 
ATOM   954  C CG1 . ILE A 1 119 ? -6.052  -1.192  -4.261  1.00 25.83  ? 158 ILE A CG1 1 
ATOM   955  C CG2 . ILE A 1 119 ? -5.336  0.996   -5.308  1.00 25.35  ? 158 ILE A CG2 1 
ATOM   956  C CD1 . ILE A 1 119 ? -7.084  -0.513  -3.425  1.00 28.50  ? 158 ILE A CD1 1 
ATOM   957  N N   . MET A 1 120 ? -7.021  1.147   -8.394  1.00 22.72  ? 159 MET A N   1 
ATOM   958  C CA  . MET A 1 120 ? -6.638  1.893   -9.601  1.00 26.55  ? 159 MET A CA  1 
ATOM   959  C C   . MET A 1 120 ? -5.624  2.969   -9.194  1.00 24.65  ? 159 MET A C   1 
ATOM   960  O O   . MET A 1 120 ? -5.911  3.716   -8.262  1.00 24.78  ? 159 MET A O   1 
ATOM   961  C CB  . MET A 1 120 ? -7.838  2.570   -10.260 1.00 30.13  ? 159 MET A CB  1 
ATOM   962  C CG  . MET A 1 120 ? -7.356  3.516   -11.354 1.00 35.55  ? 159 MET A CG  1 
ATOM   963  S SD  . MET A 1 120 ? -8.360  3.344   -12.802 1.00 54.49  ? 159 MET A SD  1 
ATOM   964  C CE  . MET A 1 120 ? -9.365  4.819   -12.613 1.00 56.20  ? 159 MET A CE  1 
ATOM   965  N N   . LEU A 1 121 ? -4.482  3.014   -9.882  1.00 22.88  ? 160 LEU A N   1 
ATOM   966  C CA  . LEU A 1 121 ? -3.467  4.048   -9.675  1.00 23.14  ? 160 LEU A CA  1 
ATOM   967  C C   . LEU A 1 121 ? -3.130  4.670   -11.030 1.00 25.68  ? 160 LEU A C   1 
ATOM   968  O O   . LEU A 1 121 ? -3.359  4.019   -12.045 1.00 26.69  ? 160 LEU A O   1 
ATOM   969  C CB  . LEU A 1 121 ? -2.237  3.389   -9.063  1.00 22.44  ? 160 LEU A CB  1 
ATOM   970  C CG  . LEU A 1 121 ? -2.412  2.758   -7.671  1.00 19.97  ? 160 LEU A CG  1 
ATOM   971  C CD1 . LEU A 1 121 ? -1.060  2.255   -7.193  1.00 22.54  ? 160 LEU A CD1 1 
ATOM   972  C CD2 . LEU A 1 121 ? -2.955  3.729   -6.655  1.00 22.77  ? 160 LEU A CD2 1 
ATOM   973  N N   . ASN A 1 122 ? -2.616  5.895   -11.004 1.00 25.25  ? 161 ASN A N   1 
ATOM   974  C CA  . ASN A 1 122 ? -2.168  6.620   -12.218 1.00 24.03  ? 161 ASN A CA  1 
ATOM   975  C C   . ASN A 1 122 ? -0.683  6.307   -12.408 1.00 21.96  ? 161 ASN A C   1 
ATOM   976  O O   . ASN A 1 122 ? 0.101   6.519   -11.474 1.00 21.78  ? 161 ASN A O   1 
ATOM   977  C CB  . ASN A 1 122 ? -2.476  8.112   -12.123 1.00 23.42  ? 161 ASN A CB  1 
ATOM   978  C CG  . ASN A 1 122 ? -3.977  8.351   -12.098 1.00 25.49  ? 161 ASN A CG  1 
ATOM   979  O OD1 . ASN A 1 122 ? -4.740  7.576   -12.672 1.00 29.31  ? 161 ASN A OD1 1 
ATOM   980  N ND2 . ASN A 1 122 ? -4.396  9.357   -11.391 1.00 31.30  ? 161 ASN A ND2 1 
ATOM   981  N N   . SER A 1 123 ? -0.319  5.787   -13.577 1.00 22.99  ? 162 SER A N   1 
ATOM   982  C CA  . SER A 1 123 ? 1.107   5.539   -13.920 1.00 26.69  ? 162 SER A CA  1 
ATOM   983  C C   . SER A 1 123 ? 1.878   6.864   -13.831 1.00 22.64  ? 162 SER A C   1 
ATOM   984  O O   . SER A 1 123 ? 1.307   7.938   -14.163 1.00 23.24  ? 162 SER A O   1 
ATOM   985  C CB  . SER A 1 123 ? 1.252   4.913   -15.263 1.00 31.77  ? 162 SER A CB  1 
ATOM   986  O OG  . SER A 1 123 ? 0.433   5.621   -16.169 1.00 41.53  ? 162 SER A OG  1 
ATOM   987  N N   . LEU A 1 124 ? 3.083   6.778   -13.289 1.00 21.50  ? 163 LEU A N   1 
ATOM   988  C CA  . LEU A 1 124 ? 4.093   7.850   -13.136 1.00 21.67  ? 163 LEU A CA  1 
ATOM   989  C C   . LEU A 1 124 ? 3.683   8.804   -12.031 1.00 20.10  ? 163 LEU A C   1 
ATOM   990  O O   . LEU A 1 124 ? 4.291   9.864   -11.877 1.00 21.14  ? 163 LEU A O   1 
ATOM   991  C CB  . LEU A 1 124 ? 4.348   8.559   -14.473 1.00 20.96  ? 163 LEU A CB  1 
ATOM   992  C CG  . LEU A 1 124 ? 4.918   7.642   -15.553 1.00 24.26  ? 163 LEU A CG  1 
ATOM   993  C CD1 . LEU A 1 124 ? 5.242   8.421   -16.824 1.00 27.95  ? 163 LEU A CD1 1 
ATOM   994  C CD2 . LEU A 1 124 ? 6.152   6.936   -15.049 1.00 24.10  ? 163 LEU A CD2 1 
ATOM   995  N N   . HIS A 1 125 ? 2.752   8.373   -11.169 1.00 20.25  ? 164 HIS A N   1 
ATOM   996  C CA  . HIS A 1 125 ? 2.445   9.071   -9.904  1.00 17.67  ? 164 HIS A CA  1 
ATOM   997  C C   . HIS A 1 125 ? 2.891   8.263   -8.695  1.00 16.96  ? 164 HIS A C   1 
ATOM   998  O O   . HIS A 1 125 ? 2.903   7.016   -8.766  1.00 17.07  ? 164 HIS A O   1 
ATOM   999  C CB  . HIS A 1 125 ? 0.956   9.406   -9.806  1.00 19.01  ? 164 HIS A CB  1 
ATOM   1000 C CG  . HIS A 1 125 ? 0.437   10.289  -10.891 1.00 20.06  ? 164 HIS A CG  1 
ATOM   1001 N ND1 . HIS A 1 125 ? 0.428   9.912   -12.189 1.00 20.53  ? 164 HIS A ND1 1 
ATOM   1002 C CD2 . HIS A 1 125 ? -0.134  11.517  -10.830 1.00 23.00  ? 164 HIS A CD2 1 
ATOM   1003 C CE1 . HIS A 1 125 ? -0.094  10.909  -12.922 1.00 21.66  ? 164 HIS A CE1 1 
ATOM   1004 N NE2 . HIS A 1 125 ? -0.406  11.898  -12.100 1.00 22.57  ? 164 HIS A NE2 1 
ATOM   1005 N N   . LYS A 1 126 ? 3.295   8.975   -7.667  1.00 16.58  ? 165 LYS A N   1 
ATOM   1006 C CA  . LYS A 1 126 ? 3.816   8.420   -6.397  1.00 17.87  ? 165 LYS A CA  1 
ATOM   1007 C C   . LYS A 1 126 ? 2.676   8.254   -5.400  1.00 20.01  ? 165 LYS A C   1 
ATOM   1008 O O   . LYS A 1 126 ? 1.843   9.145   -5.270  1.00 19.29  ? 165 LYS A O   1 
ATOM   1009 C CB  . LYS A 1 126 ? 4.884   9.313   -5.802  1.00 19.85  ? 165 LYS A CB  1 
ATOM   1010 C CG  . LYS A 1 126 ? 5.552   8.765   -4.563  1.00 23.24  ? 165 LYS A CG  1 
ATOM   1011 C CD  . LYS A 1 126 ? 6.711   9.618   -4.112  1.00 26.72  ? 165 LYS A CD  1 
ATOM   1012 C CE  . LYS A 1 126 ? 7.897   9.526   -5.063  1.00 32.89  ? 165 LYS A CE  1 
ATOM   1013 N NZ  . LYS A 1 126 ? 9.116   10.159  -4.502  1.00 38.95  ? 165 LYS A NZ  1 
ATOM   1014 N N   . TYR A 1 127 ? 2.700   7.125   -4.696  1.00 18.85  ? 166 TYR A N   1 
ATOM   1015 C CA  . TYR A 1 127 ? 1.660   6.695   -3.735  1.00 19.22  ? 166 TYR A CA  1 
ATOM   1016 C C   . TYR A 1 127 ? 2.308   6.169   -2.463  1.00 21.34  ? 166 TYR A C   1 
ATOM   1017 O O   . TYR A 1 127 ? 3.422   5.588   -2.512  1.00 19.76  ? 166 TYR A O   1 
ATOM   1018 C CB  . TYR A 1 127 ? 0.747   5.634   -4.350  1.00 19.47  ? 166 TYR A CB  1 
ATOM   1019 C CG  . TYR A 1 127 ? -0.087  6.135   -5.495  1.00 20.63  ? 166 TYR A CG  1 
ATOM   1020 C CD1 . TYR A 1 127 ? -1.259  6.843   -5.269  1.00 19.85  ? 166 TYR A CD1 1 
ATOM   1021 C CD2 . TYR A 1 127 ? 0.341   6.004   -6.798  1.00 18.09  ? 166 TYR A CD2 1 
ATOM   1022 C CE1 . TYR A 1 127 ? -2.009  7.336   -6.325  1.00 21.41  ? 166 TYR A CE1 1 
ATOM   1023 C CE2 . TYR A 1 127 ? -0.417  6.454   -7.858  1.00 19.08  ? 166 TYR A CE2 1 
ATOM   1024 C CZ  . TYR A 1 127 ? -1.581  7.147   -7.626  1.00 20.07  ? 166 TYR A CZ  1 
ATOM   1025 O OH  . TYR A 1 127 ? -2.311  7.634   -8.684  1.00 22.10  ? 166 TYR A OH  1 
ATOM   1026 N N   . GLU A 1 128 ? 1.588   6.357   -1.338  1.00 20.25  ? 167 GLU A N   1 
ATOM   1027 C CA  . GLU A 1 128 ? 1.999   5.907   0.019   1.00 20.03  ? 167 GLU A CA  1 
ATOM   1028 C C   . GLU A 1 128 ? 0.858   5.048   0.559   1.00 21.75  ? 167 GLU A C   1 
ATOM   1029 O O   . GLU A 1 128 ? -0.260  5.544   0.763   1.00 20.45  ? 167 GLU A O   1 
ATOM   1030 C CB  . GLU A 1 128 ? 2.301   7.072   0.945   1.00 26.52  ? 167 GLU A CB  1 
ATOM   1031 C CG  . GLU A 1 128 ? 2.803   6.689   2.330   1.00 27.60  ? 167 GLU A CG  1 
ATOM   1032 C CD  . GLU A 1 128 ? 3.185   7.913   3.143   1.00 34.80  ? 167 GLU A CD  1 
ATOM   1033 O OE1 . GLU A 1 128 ? 2.276   8.538   3.758   1.00 36.26  ? 167 GLU A OE1 1 
ATOM   1034 O OE2 . GLU A 1 128 ? 4.361   8.319   3.063   1.00 42.12  ? 167 GLU A OE2 1 
ATOM   1035 N N   . PRO A 1 129 ? 1.105   3.742   0.770   1.00 19.74  ? 168 PRO A N   1 
ATOM   1036 C CA  . PRO A 1 129 ? 0.161   2.872   1.462   1.00 18.93  ? 168 PRO A CA  1 
ATOM   1037 C C   . PRO A 1 129 ? -0.235  3.394   2.846   1.00 17.19  ? 168 PRO A C   1 
ATOM   1038 O O   . PRO A 1 129 ? 0.596   3.968   3.583   1.00 18.17  ? 168 PRO A O   1 
ATOM   1039 C CB  . PRO A 1 129 ? 0.904   1.543   1.563   1.00 20.27  ? 168 PRO A CB  1 
ATOM   1040 C CG  . PRO A 1 129 ? 1.875   1.561   0.403   1.00 20.21  ? 168 PRO A CG  1 
ATOM   1041 C CD  . PRO A 1 129 ? 2.299   3.000   0.316   1.00 20.45  ? 168 PRO A CD  1 
ATOM   1042 N N   . ARG A 1 130 ? -1.516  3.165   3.139   1.00 18.07  ? 169 ARG A N   1 
ATOM   1043 C CA  . ARG A 1 130 ? -2.171  3.566   4.401   1.00 18.82  ? 169 ARG A CA  1 
ATOM   1044 C C   . ARG A 1 130 ? -3.144  2.445   4.815   1.00 18.24  ? 169 ARG A C   1 
ATOM   1045 O O   . ARG A 1 130 ? -3.939  1.996   4.017   1.00 17.94  ? 169 ARG A O   1 
ATOM   1046 C CB  . ARG A 1 130 ? -2.876  4.903   4.166   1.00 20.64  ? 169 ARG A CB  1 
ATOM   1047 C CG  . ARG A 1 130 ? -3.679  5.379   5.358   1.00 20.01  ? 169 ARG A CG  1 
ATOM   1048 C CD  . ARG A 1 130 ? -4.183  6.804   5.202   1.00 21.87  ? 169 ARG A CD  1 
ATOM   1049 N NE  . ARG A 1 130 ? -5.186  6.830   4.153   1.00 19.27  ? 169 ARG A NE  1 
ATOM   1050 C CZ  . ARG A 1 130 ? -5.902  7.921   3.850   1.00 20.09  ? 169 ARG A CZ  1 
ATOM   1051 N NH1 . ARG A 1 130 ? -5.656  9.056   4.483   1.00 22.84  ? 169 ARG A NH1 1 
ATOM   1052 N NH2 . ARG A 1 130 ? -6.835  7.849   2.919   1.00 21.91  ? 169 ARG A NH2 1 
ATOM   1053 N N   . ILE A 1 131 ? -3.050  2.034   6.071   1.00 18.57  ? 170 ILE A N   1 
ATOM   1054 C CA  . ILE A 1 131 ? -3.947  0.997   6.636   1.00 19.86  ? 170 ILE A CA  1 
ATOM   1055 C C   . ILE A 1 131 ? -4.908  1.663   7.606   1.00 19.24  ? 170 ILE A C   1 
ATOM   1056 O O   . ILE A 1 131 ? -4.481  2.510   8.364   1.00 21.77  ? 170 ILE A O   1 
ATOM   1057 C CB  . ILE A 1 131 ? -3.133  -0.128  7.283   1.00 21.77  ? 170 ILE A CB  1 
ATOM   1058 C CG1 . ILE A 1 131 ? -2.402  -0.920  6.189   1.00 22.85  ? 170 ILE A CG1 1 
ATOM   1059 C CG2 . ILE A 1 131 ? -4.039  -1.011  8.135   1.00 19.29  ? 170 ILE A CG2 1 
ATOM   1060 C CD1 . ILE A 1 131 ? -1.289  -1.825  6.755   1.00 25.77  ? 170 ILE A CD1 1 
ATOM   1061 N N   . HIS A 1 132 ? -6.163  1.226   7.558   1.00 19.01  ? 171 HIS A N   1 
ATOM   1062 C CA  . HIS A 1 132 ? -7.242  1.699   8.460   1.00 18.66  ? 171 HIS A CA  1 
ATOM   1063 C C   . HIS A 1 132 ? -7.721  0.505   9.267   1.00 19.00  ? 171 HIS A C   1 
ATOM   1064 O O   . HIS A 1 132 ? -7.913  -0.571  8.691   1.00 19.97  ? 171 HIS A O   1 
ATOM   1065 C CB  . HIS A 1 132 ? -8.405  2.286   7.709   1.00 20.12  ? 171 HIS A CB  1 
ATOM   1066 C CG  . HIS A 1 132 ? -7.981  3.271   6.686   1.00 23.11  ? 171 HIS A CG  1 
ATOM   1067 N ND1 . HIS A 1 132 ? -7.886  4.593   6.998   1.00 22.72  ? 171 HIS A ND1 1 
ATOM   1068 C CD2 . HIS A 1 132 ? -7.461  3.103   5.450   1.00 25.68  ? 171 HIS A CD2 1 
ATOM   1069 C CE1 . HIS A 1 132 ? -7.458  5.259   5.929   1.00 24.58  ? 171 HIS A CE1 1 
ATOM   1070 N NE2 . HIS A 1 132 ? -7.152  4.354   4.973   1.00 23.77  ? 171 HIS A NE2 1 
ATOM   1071 N N   . ILE A 1 133 ? -7.869  0.709   10.560  1.00 17.50  ? 172 ILE A N   1 
ATOM   1072 C CA  . ILE A 1 133 ? -8.468  -0.319  11.455  1.00 18.12  ? 172 ILE A CA  1 
ATOM   1073 C C   . ILE A 1 133 ? -9.813  0.227   11.877  1.00 18.07  ? 172 ILE A C   1 
ATOM   1074 O O   . ILE A 1 133 ? -9.818  1.264   12.521  1.00 18.98  ? 172 ILE A O   1 
ATOM   1075 C CB  . ILE A 1 133 ? -7.570  -0.665  12.629  1.00 18.11  ? 172 ILE A CB  1 
ATOM   1076 C CG1 . ILE A 1 133 ? -6.201  -1.162  12.141  1.00 18.79  ? 172 ILE A CG1 1 
ATOM   1077 C CG2 . ILE A 1 133 ? -8.220  -1.695  13.567  1.00 17.06  ? 172 ILE A CG2 1 
ATOM   1078 C CD1 . ILE A 1 133 ? -5.214  -1.368  13.227  1.00 18.76  ? 172 ILE A CD1 1 
ATOM   1079 N N   . VAL A 1 134 ? -10.868 -0.524  11.547  1.00 20.91  ? 173 VAL A N   1 
ATOM   1080 C CA  . VAL A 1 134 ? -12.300 -0.168  11.736  1.00 22.43  ? 173 VAL A CA  1 
ATOM   1081 C C   . VAL A 1 134 ? -12.879 -1.085  12.810  1.00 21.10  ? 173 VAL A C   1 
ATOM   1082 O O   . VAL A 1 134 ? -12.862 -2.324  12.583  1.00 24.97  ? 173 VAL A O   1 
ATOM   1083 C CB  . VAL A 1 134 ? -13.035 -0.348  10.386  1.00 25.82  ? 173 VAL A CB  1 
ATOM   1084 C CG1 . VAL A 1 134 ? -14.520 0.016   10.469  1.00 31.79  ? 173 VAL A CG1 1 
ATOM   1085 C CG2 . VAL A 1 134 ? -12.357 0.457   9.282   1.00 29.00  ? 173 VAL A CG2 1 
ATOM   1086 N N   . ARG A 1 135 ? -13.389 -0.549  13.901  1.00 21.11  ? 174 ARG A N   1 
ATOM   1087 C CA  . ARG A 1 135 ? -13.985 -1.366  14.979  1.00 22.65  ? 174 ARG A CA  1 
ATOM   1088 C C   . ARG A 1 135 ? -15.422 -1.747  14.616  1.00 23.79  ? 174 ARG A C   1 
ATOM   1089 O O   . ARG A 1 135 ? -16.173 -0.873  14.209  1.00 25.72  ? 174 ARG A O   1 
ATOM   1090 C CB  . ARG A 1 135 ? -14.005 -0.604  16.297  1.00 26.84  ? 174 ARG A CB  1 
ATOM   1091 C CG  . ARG A 1 135 ? -14.434 -1.481  17.455  1.00 26.49  ? 174 ARG A CG  1 
ATOM   1092 C CD  . ARG A 1 135 ? -13.914 -0.870  18.730  1.00 30.94  ? 174 ARG A CD  1 
ATOM   1093 N NE  . ARG A 1 135 ? -14.438 0.497   18.899  1.00 35.78  ? 174 ARG A NE  1 
ATOM   1094 C CZ  . ARG A 1 135 ? -13.933 1.432   19.723  1.00 37.96  ? 174 ARG A CZ  1 
ATOM   1095 N NH1 . ARG A 1 135 ? -14.539 2.605   19.843  1.00 31.11  ? 174 ARG A NH1 1 
ATOM   1096 N NH2 . ARG A 1 135 ? -12.825 1.205   20.415  1.00 40.66  ? 174 ARG A NH2 1 
ATOM   1097 N N   . VAL A 1 136 ? -15.764 -3.022  14.722  1.00 20.34  ? 175 VAL A N   1 
ATOM   1098 C CA  . VAL A 1 136 ? -17.097 -3.546  14.313  1.00 19.56  ? 175 VAL A CA  1 
ATOM   1099 C C   . VAL A 1 136 ? -18.115 -3.202  15.392  1.00 20.81  ? 175 VAL A C   1 
ATOM   1100 O O   . VAL A 1 136 ? -17.788 -3.313  16.572  1.00 22.05  ? 175 VAL A O   1 
ATOM   1101 C CB  . VAL A 1 136 ? -16.986 -5.053  14.061  1.00 21.62  ? 175 VAL A CB  1 
ATOM   1102 C CG1 . VAL A 1 136 ? -18.331 -5.745  13.961  1.00 22.90  ? 175 VAL A CG1 1 
ATOM   1103 C CG2 . VAL A 1 136 ? -16.123 -5.310  12.849  1.00 26.38  ? 175 VAL A CG2 1 
ATOM   1104 N N   . GLY A 1 137 ? -19.318 -2.816  14.961  1.00 22.20  ? 176 GLY A N   1 
ATOM   1105 C CA  . GLY A 1 137 ? -20.466 -2.625  15.876  1.00 25.20  ? 176 GLY A CA  1 
ATOM   1106 C C   . GLY A 1 137 ? -20.297 -1.376  16.726  1.00 25.48  ? 176 GLY A C   1 
ATOM   1107 O O   . GLY A 1 137 ? -20.803 -1.297  17.883  1.00 26.66  ? 176 GLY A O   1 
ATOM   1108 N N   . ASP A 1 138 ? -19.480 -0.446  16.248  1.00 23.96  ? 177 ASP A N   1 
ATOM   1109 C CA  . ASP A 1 138 ? -19.184 0.785   17.016  1.00 22.04  ? 177 ASP A CA  1 
ATOM   1110 C C   . ASP A 1 138 ? -20.116 1.903   16.565  1.00 20.77  ? 177 ASP A C   1 
ATOM   1111 O O   . ASP A 1 138 ? -20.076 2.333   15.411  1.00 21.00  ? 177 ASP A O   1 
ATOM   1112 C CB  . ASP A 1 138 ? -17.737 1.177   16.803  1.00 22.42  ? 177 ASP A CB  1 
ATOM   1113 C CG  . ASP A 1 138 ? -17.369 2.383   17.627  1.00 23.50  ? 177 ASP A CG  1 
ATOM   1114 O OD1 . ASP A 1 138 ? -18.205 2.860   18.449  1.00 26.63  ? 177 ASP A OD1 1 
ATOM   1115 O OD2 . ASP A 1 138 ? -16.264 2.790   17.482  1.00 26.19  ? 177 ASP A OD2 1 
ATOM   1116 N N   . PRO A 1 139 ? -21.007 2.416   17.454  1.00 22.83  ? 178 PRO A N   1 
ATOM   1117 C CA  . PRO A 1 139 ? -21.881 3.534   17.079  1.00 21.49  ? 178 PRO A CA  1 
ATOM   1118 C C   . PRO A 1 139 ? -21.090 4.801   16.708  1.00 22.08  ? 178 PRO A C   1 
ATOM   1119 O O   . PRO A 1 139 ? -21.599 5.633   15.952  1.00 21.52  ? 178 PRO A O   1 
ATOM   1120 C CB  . PRO A 1 139 ? -22.745 3.756   18.332  1.00 25.76  ? 178 PRO A CB  1 
ATOM   1121 C CG  . PRO A 1 139 ? -22.066 3.023   19.445  1.00 24.38  ? 178 PRO A CG  1 
ATOM   1122 C CD  . PRO A 1 139 ? -21.296 1.899   18.792  1.00 23.71  ? 178 PRO A CD  1 
ATOM   1123 N N   . GLN A 1 140 ? -19.845 4.907   17.180  1.00 20.10  ? 179 GLN A N   1 
ATOM   1124 C CA  . GLN A 1 140 ? -18.966 6.057   16.860  1.00 18.82  ? 179 GLN A CA  1 
ATOM   1125 C C   . GLN A 1 140 ? -18.138 5.822   15.601  1.00 19.00  ? 179 GLN A C   1 
ATOM   1126 O O   . GLN A 1 140 ? -17.450 6.778   15.141  1.00 19.71  ? 179 GLN A O   1 
ATOM   1127 C CB  . GLN A 1 140 ? -18.049 6.384   18.012  1.00 20.81  ? 179 GLN A CB  1 
ATOM   1128 C CG  . GLN A 1 140 ? -18.824 6.864   19.221  1.00 25.46  ? 179 GLN A CG  1 
ATOM   1129 C CD  . GLN A 1 140 ? -17.830 7.405   20.213  1.00 30.34  ? 179 GLN A CD  1 
ATOM   1130 O OE1 . GLN A 1 140 ? -17.678 8.614   20.344  1.00 35.23  ? 179 GLN A OE1 1 
ATOM   1131 N NE2 . GLN A 1 140 ? -17.070 6.499   20.801  1.00 30.25  ? 179 GLN A NE2 1 
ATOM   1132 N N   . ARG A 1 141 ? -18.225 4.619   15.097  1.00 18.99  ? 180 ARG A N   1 
ATOM   1133 C CA  . ARG A 1 141 ? -17.547 4.346   13.823  1.00 21.18  ? 180 ARG A CA  1 
ATOM   1134 C C   . ARG A 1 141 ? -16.107 4.825   13.959  1.00 20.25  ? 180 ARG A C   1 
ATOM   1135 O O   . ARG A 1 141 ? -15.613 5.567   13.071  1.00 22.38  ? 180 ARG A O   1 
ATOM   1136 C CB  . ARG A 1 141 ? -18.459 4.875   12.723  1.00 23.71  ? 180 ARG A CB  1 
ATOM   1137 C CG  . ARG A 1 141 ? -19.894 4.567   13.103  1.00 27.11  ? 180 ARG A CG  1 
ATOM   1138 C CD  . ARG A 1 141 ? -20.745 4.602   11.908  1.00 32.08  ? 180 ARG A CD  1 
ATOM   1139 N NE  . ARG A 1 141 ? -20.472 5.857   11.342  1.00 35.81  ? 180 ARG A NE  1 
ATOM   1140 C CZ  . ARG A 1 141 ? -21.157 6.936   11.526  1.00 38.13  ? 180 ARG A CZ  1 
ATOM   1141 N NH1 . ARG A 1 141 ? -22.260 7.007   12.246  1.00 48.47  ? 180 ARG A NH1 1 
ATOM   1142 N NH2 . ARG A 1 141 ? -20.736 7.951   10.864  1.00 42.88  ? 180 ARG A NH2 1 
ATOM   1143 N N   A MET A 1 142 ? -15.456 4.383   15.021  0.25 20.18  ? 181 MET A N   1 
ATOM   1144 N N   B MET A 1 142 ? -15.442 4.275   14.993  0.25 21.35  ? 181 MET A N   1 
ATOM   1145 C CA  A MET A 1 142 ? -14.044 4.766   15.224  0.25 19.83  ? 181 MET A CA  1 
ATOM   1146 C CA  B MET A 1 142 ? -14.039 4.617   15.354  0.25 21.68  ? 181 MET A CA  1 
ATOM   1147 C C   A MET A 1 142 ? -13.223 4.090   14.127  0.25 18.63  ? 181 MET A C   1 
ATOM   1148 C C   B MET A 1 142 ? -13.076 3.902   14.401  0.25 21.83  ? 181 MET A C   1 
ATOM   1149 O O   A MET A 1 142 ? -13.483 2.921   13.802  0.25 17.26  ? 181 MET A O   1 
ATOM   1150 O O   B MET A 1 142 ? -13.118 2.663   14.317  0.25 22.00  ? 181 MET A O   1 
ATOM   1151 C CB  A MET A 1 142 ? -13.517 4.376   16.601  0.25 21.02  ? 181 MET A CB  1 
ATOM   1152 C CB  B MET A 1 142 ? -13.717 4.223   16.798  0.25 22.92  ? 181 MET A CB  1 
ATOM   1153 C CG  A MET A 1 142 ? -12.105 4.864   16.837  0.25 21.92  ? 181 MET A CG  1 
ATOM   1154 C CG  B MET A 1 142 ? -12.324 4.639   17.241  0.25 23.37  ? 181 MET A CG  1 
ATOM   1155 S SD  A MET A 1 142 ? -11.576 4.518   18.519  0.25 23.77  ? 181 MET A SD  1 
ATOM   1156 S SD  B MET A 1 142 ? -11.043 3.533   16.614  0.25 24.50  ? 181 MET A SD  1 
ATOM   1157 C CE  A MET A 1 142 ? -9.827  4.874   18.388  0.25 22.11  ? 181 MET A CE  1 
ATOM   1158 C CE  B MET A 1 142 ? -11.233 2.176   17.771  0.25 24.97  ? 181 MET A CE  1 
ATOM   1159 N N   A ILE A 1 143 ? -12.317 4.853   13.542  0.25 17.17  ? 182 ILE A N   1 
ATOM   1160 N N   B ILE A 1 143 ? -12.232 4.677   13.724  0.25 20.30  ? 182 ILE A N   1 
ATOM   1161 C CA  A ILE A 1 143 ? -11.302 4.342   12.586  0.25 17.05  ? 182 ILE A CA  1 
ATOM   1162 C CA  B ILE A 1 143 ? -11.236 4.174   12.734  0.25 20.60  ? 182 ILE A CA  1 
ATOM   1163 C C   A ILE A 1 143 ? -9.944  4.852   13.051  0.25 15.79  ? 182 ILE A C   1 
ATOM   1164 C C   B ILE A 1 143 ? -9.882  4.832   13.014  0.25 19.57  ? 182 ILE A C   1 
ATOM   1165 O O   A ILE A 1 143 ? -9.864  5.961   13.605  0.25 15.60  ? 182 ILE A O   1 
ATOM   1166 O O   B ILE A 1 143 ? -9.840  6.080   13.109  0.25 18.70  ? 182 ILE A O   1 
ATOM   1167 C CB  A ILE A 1 143 ? -11.645 4.769   11.155  0.25 17.67  ? 182 ILE A CB  1 
ATOM   1168 C CB  B ILE A 1 143 ? -11.737 4.462   11.309  0.25 21.03  ? 182 ILE A CB  1 
ATOM   1169 C CG1 A ILE A 1 143 ? -12.972 4.136   10.724  0.25 18.24  ? 182 ILE A CG1 1 
ATOM   1170 C CG1 B ILE A 1 143 ? -10.823 3.870   10.235  0.25 20.80  ? 182 ILE A CG1 1 
ATOM   1171 C CG2 A ILE A 1 143 ? -10.500 4.441   10.208  0.25 16.90  ? 182 ILE A CG2 1 
ATOM   1172 C CG2 B ILE A 1 143 ? -11.937 5.957   11.107  0.25 21.51  ? 182 ILE A CG2 1 
ATOM   1173 C CD1 A ILE A 1 143 ? -13.549 4.694   9.456   0.25 19.28  ? 182 ILE A CD1 1 
ATOM   1174 C CD1 B ILE A 1 143 ? -11.391 4.011   8.831   0.25 21.39  ? 182 ILE A CD1 1 
ATOM   1175 N N   A THR A 1 144 ? -8.917  4.038   12.868  0.25 14.32  ? 183 THR A N   1 
ATOM   1176 N N   B THR A 1 144 ? -8.821  4.021   13.134  0.25 18.68  ? 183 THR A N   1 
ATOM   1177 C CA  A THR A 1 144 ? -7.517  4.472   13.054  0.25 14.63  ? 183 THR A CA  1 
ATOM   1178 C CA  B THR A 1 144 ? -7.414  4.473   13.321  0.25 19.24  ? 183 THR A CA  1 
ATOM   1179 C C   A THR A 1 144 ? -6.827  4.313   11.712  0.25 14.69  ? 183 THR A C   1 
ATOM   1180 C C   B THR A 1 144 ? -6.615  4.226   12.043  0.25 19.66  ? 183 THR A C   1 
ATOM   1181 O O   A THR A 1 144 ? -7.174  3.377   10.989  0.25 13.92  ? 183 THR A O   1 
ATOM   1182 O O   B THR A 1 144 ? -6.483  3.056   11.675  0.25 19.67  ? 183 THR A O   1 
ATOM   1183 C CB  A THR A 1 144 ? -6.873  3.725   14.219  0.25 14.77  ? 183 THR A CB  1 
ATOM   1184 C CB  B THR A 1 144 ? -6.708  3.734   14.464  0.25 20.25  ? 183 THR A CB  1 
ATOM   1185 O OG1 A THR A 1 144 ? -6.562  2.385   13.841  0.25 15.10  ? 183 THR A OG1 1 
ATOM   1186 O OG1 B THR A 1 144 ? -7.415  3.941   15.683  0.25 20.92  ? 183 THR A OG1 1 
ATOM   1187 C CG2 A THR A 1 144 ? -7.774  3.715   15.430  0.25 15.03  ? 183 THR A CG2 1 
ATOM   1188 C CG2 B THR A 1 144 ? -5.283  4.198   14.671  0.25 19.92  ? 183 THR A CG2 1 
ATOM   1189 N N   A SER A 1 145 ? -5.919  5.236   11.409  0.25 15.01  ? 184 SER A N   1 
ATOM   1190 N N   B SER A 1 145 ? -6.042  5.275   11.446  0.25 18.17  ? 184 SER A N   1 
ATOM   1191 C CA  A SER A 1 145 ? -5.206  5.302   10.114  0.25 16.46  ? 184 SER A CA  1 
ATOM   1192 C CA  B SER A 1 145 ? -5.229  5.169   10.206  0.25 18.41  ? 184 SER A CA  1 
ATOM   1193 C C   A SER A 1 145 ? -3.710  5.432   10.387  0.25 16.14  ? 184 SER A C   1 
ATOM   1194 C C   B SER A 1 145 ? -3.737  5.265   10.539  0.25 17.17  ? 184 SER A C   1 
ATOM   1195 O O   A SER A 1 145 ? -3.340  6.306   11.193  0.25 16.27  ? 184 SER A O   1 
ATOM   1196 O O   B SER A 1 145 ? -3.394  5.926   11.543  0.25 16.85  ? 184 SER A O   1 
ATOM   1197 C CB  A SER A 1 145 ? -5.732  6.434   9.282   0.25 16.86  ? 184 SER A CB  1 
ATOM   1198 C CB  B SER A 1 145 ? -5.626  6.203   9.191   0.25 18.60  ? 184 SER A CB  1 
ATOM   1199 O OG  A SER A 1 145 ? -7.141  6.301   9.120   0.25 19.33  ? 184 SER A OG  1 
ATOM   1200 O OG  B SER A 1 145 ? -5.361  7.512   9.660   0.25 20.28  ? 184 SER A OG  1 
ATOM   1201 N N   . HIS A 1 146 ? -2.907  4.578   9.736   1.00 17.50  ? 185 HIS A N   1 
ATOM   1202 C CA  . HIS A 1 146 ? -1.441  4.593   9.834   1.00 17.84  ? 185 HIS A CA  1 
ATOM   1203 C C   . HIS A 1 146 ? -0.914  4.661   8.406   1.00 16.76  ? 185 HIS A C   1 
ATOM   1204 O O   . HIS A 1 146 ? -1.336  3.903   7.577   1.00 16.91  ? 185 HIS A O   1 
ATOM   1205 C CB  . HIS A 1 146 ? -0.849  3.370   10.563  1.00 19.82  ? 185 HIS A CB  1 
ATOM   1206 C CG  . HIS A 1 146 ? -0.929  3.395   12.068  1.00 25.16  ? 185 HIS A CG  1 
ATOM   1207 N ND1 . HIS A 1 146 ? -2.056  2.950   12.656  1.00 20.60  ? 185 HIS A ND1 1 
ATOM   1208 C CD2 . HIS A 1 146 ? -0.013  3.659   13.055  1.00 22.72  ? 185 HIS A CD2 1 
ATOM   1209 C CE1 . HIS A 1 146 ? -1.927  2.979   13.972  1.00 23.80  ? 185 HIS A CE1 1 
ATOM   1210 N NE2 . HIS A 1 146 ? -0.653  3.431   14.262  1.00 25.93  ? 185 HIS A NE2 1 
ATOM   1211 N N   . CYS A 1 147 ? 0.093   5.504   8.229   1.00 18.62  ? 186 CYS A N   1 
ATOM   1212 C CA  . CYS A 1 147 ? 0.826   5.612   6.946   1.00 19.23  ? 186 CYS A CA  1 
ATOM   1213 C C   . CYS A 1 147 ? 2.179   4.932   7.100   1.00 20.24  ? 186 CYS A C   1 
ATOM   1214 O O   . CYS A 1 147 ? 2.733   4.918   8.182   1.00 20.79  ? 186 CYS A O   1 
ATOM   1215 C CB  . CYS A 1 147 ? 1.024   7.069   6.604   1.00 20.89  ? 186 CYS A CB  1 
ATOM   1216 S SG  . CYS A 1 147 ? -0.548  7.896   6.277   1.00 24.64  ? 186 CYS A SG  1 
ATOM   1217 N N   . PHE A 1 148 ? 2.761   4.503   5.979   1.00 19.22  ? 187 PHE A N   1 
ATOM   1218 C CA  . PHE A 1 148 ? 4.018   3.733   5.974   1.00 20.62  ? 187 PHE A CA  1 
ATOM   1219 C C   . PHE A 1 148 ? 5.001   4.365   4.993   1.00 21.99  ? 187 PHE A C   1 
ATOM   1220 O O   . PHE A 1 148 ? 4.987   4.057   3.807   1.00 19.04  ? 187 PHE A O   1 
ATOM   1221 C CB  . PHE A 1 148 ? 3.706   2.290   5.603   1.00 20.03  ? 187 PHE A CB  1 
ATOM   1222 C CG  . PHE A 1 148 ? 2.836   1.653   6.648   1.00 20.02  ? 187 PHE A CG  1 
ATOM   1223 C CD1 . PHE A 1 148 ? 3.396   1.225   7.829   1.00 20.93  ? 187 PHE A CD1 1 
ATOM   1224 C CD2 . PHE A 1 148 ? 1.460   1.641   6.490   1.00 22.24  ? 187 PHE A CD2 1 
ATOM   1225 C CE1 . PHE A 1 148 ? 2.581   0.723   8.839   1.00 22.12  ? 187 PHE A CE1 1 
ATOM   1226 C CE2 . PHE A 1 148 ? 0.658   1.123   7.499   1.00 20.40  ? 187 PHE A CE2 1 
ATOM   1227 C CZ  . PHE A 1 148 ? 1.221   0.674   8.649   1.00 20.74  ? 187 PHE A CZ  1 
ATOM   1228 N N   . PRO A 1 149 ? 5.797   5.335   5.461   1.00 23.26  ? 188 PRO A N   1 
ATOM   1229 C CA  . PRO A 1 149 ? 6.621   6.142   4.552   1.00 23.80  ? 188 PRO A CA  1 
ATOM   1230 C C   . PRO A 1 149 ? 7.642   5.283   3.810   1.00 21.36  ? 188 PRO A C   1 
ATOM   1231 O O   . PRO A 1 149 ? 8.030   5.600   2.654   1.00 20.13  ? 188 PRO A O   1 
ATOM   1232 C CB  . PRO A 1 149 ? 7.375   7.094   5.486   1.00 25.80  ? 188 PRO A CB  1 
ATOM   1233 C CG  . PRO A 1 149 ? 7.191   6.540   6.888   1.00 29.50  ? 188 PRO A CG  1 
ATOM   1234 C CD  . PRO A 1 149 ? 5.878   5.789   6.861   1.00 28.27  ? 188 PRO A CD  1 
ATOM   1235 N N   . GLU A 1 150 ? 8.044   4.195   4.440   1.00 20.93  ? 189 GLU A N   1 
ATOM   1236 C CA  . GLU A 1 150 ? 9.107   3.317   3.890   1.00 20.88  ? 189 GLU A CA  1 
ATOM   1237 C C   . GLU A 1 150 ? 8.601   2.651   2.623   1.00 20.70  ? 189 GLU A C   1 
ATOM   1238 O O   . GLU A 1 150 ? 9.418   2.075   1.880   1.00 18.93  ? 189 GLU A O   1 
ATOM   1239 C CB  . GLU A 1 150 ? 9.490   2.210   4.865   1.00 24.93  ? 189 GLU A CB  1 
ATOM   1240 C CG  . GLU A 1 150 ? 10.139  2.717   6.139   1.00 25.92  ? 189 GLU A CG  1 
ATOM   1241 C CD  . GLU A 1 150 ? 9.184   2.818   7.310   1.00 27.87  ? 189 GLU A CD  1 
ATOM   1242 O OE1 . GLU A 1 150 ? 9.692   2.661   8.447   1.00 30.67  ? 189 GLU A OE1 1 
ATOM   1243 O OE2 . GLU A 1 150 ? 7.959   2.997   7.097   1.00 26.48  ? 189 GLU A OE2 1 
ATOM   1244 N N   . THR A 1 151 ? 7.289   2.600   2.427   1.00 18.11  ? 190 THR A N   1 
ATOM   1245 C CA  . THR A 1 151 ? 6.640   1.804   1.381   1.00 17.46  ? 190 THR A CA  1 
ATOM   1246 C C   . THR A 1 151 ? 6.171   2.667   0.200   1.00 16.10  ? 190 THR A C   1 
ATOM   1247 O O   . THR A 1 151 ? 5.576   2.104   -0.700  1.00 17.69  ? 190 THR A O   1 
ATOM   1248 C CB  . THR A 1 151 ? 5.453   0.999   1.936   1.00 17.76  ? 190 THR A CB  1 
ATOM   1249 O OG1 . THR A 1 151 ? 4.351   1.850   2.234   1.00 17.78  ? 190 THR A OG1 1 
ATOM   1250 C CG2 . THR A 1 151 ? 5.836   0.234   3.181   1.00 18.00  ? 190 THR A CG2 1 
ATOM   1251 N N   . GLN A 1 152 ? 6.546   3.957   0.157   1.00 17.60  ? 191 GLN A N   1 
ATOM   1252 C CA  . GLN A 1 152 ? 6.201   4.832   -0.987  1.00 18.49  ? 191 GLN A CA  1 
ATOM   1253 C C   . GLN A 1 152 ? 6.763   4.212   -2.272  1.00 16.46  ? 191 GLN A C   1 
ATOM   1254 O O   . GLN A 1 152 ? 7.907   3.705   -2.272  1.00 17.54  ? 191 GLN A O   1 
ATOM   1255 C CB  . GLN A 1 152 ? 6.875   6.204   -0.862  1.00 21.64  ? 191 GLN A CB  1 
ATOM   1256 C CG  . GLN A 1 152 ? 6.220   7.098   0.179   1.00 27.68  ? 191 GLN A CG  1 
ATOM   1257 C CD  . GLN A 1 152 ? 7.144   8.208   0.633   1.00 32.84  ? 191 GLN A CD  1 
ATOM   1258 O OE1 . GLN A 1 152 ? 8.235   8.399   0.097   1.00 36.49  ? 191 GLN A OE1 1 
ATOM   1259 N NE2 . GLN A 1 152 ? 6.720   8.909   1.671   1.00 39.93  ? 191 GLN A NE2 1 
ATOM   1260 N N   . PHE A 1 153 ? 6.057   4.380   -3.352  1.00 15.86  ? 192 PHE A N   1 
ATOM   1261 C CA  . PHE A 1 153 ? 6.502   3.876   -4.669  1.00 16.01  ? 192 PHE A CA  1 
ATOM   1262 C C   . PHE A 1 153 ? 5.871   4.703   -5.768  1.00 18.20  ? 192 PHE A C   1 
ATOM   1263 O O   . PHE A 1 153 ? 4.803   5.388   -5.550  1.00 15.71  ? 192 PHE A O   1 
ATOM   1264 C CB  . PHE A 1 153 ? 6.100   2.406   -4.852  1.00 15.72  ? 192 PHE A CB  1 
ATOM   1265 C CG  . PHE A 1 153 ? 4.608   2.156   -4.855  1.00 16.80  ? 192 PHE A CG  1 
ATOM   1266 C CD1 . PHE A 1 153 ? 3.863   2.261   -6.022  1.00 16.38  ? 192 PHE A CD1 1 
ATOM   1267 C CD2 . PHE A 1 153 ? 3.922   1.854   -3.674  1.00 16.90  ? 192 PHE A CD2 1 
ATOM   1268 C CE1 . PHE A 1 153 ? 2.498   2.012   -6.035  1.00 17.39  ? 192 PHE A CE1 1 
ATOM   1269 C CE2 . PHE A 1 153 ? 2.550   1.654   -3.692  1.00 17.26  ? 192 PHE A CE2 1 
ATOM   1270 C CZ  . PHE A 1 153 ? 1.846   1.730   -4.858  1.00 18.01  ? 192 PHE A CZ  1 
ATOM   1271 N N   . ILE A 1 154 ? 6.487   4.652   -6.957  1.00 16.97  ? 193 ILE A N   1 
ATOM   1272 C CA  . ILE A 1 154 ? 5.861   5.198   -8.170  1.00 18.34  ? 193 ILE A CA  1 
ATOM   1273 C C   . ILE A 1 154 ? 5.157   4.059   -8.918  1.00 17.33  ? 193 ILE A C   1 
ATOM   1274 O O   . ILE A 1 154 ? 5.788   2.987   -9.180  1.00 17.21  ? 193 ILE A O   1 
ATOM   1275 C CB  . ILE A 1 154 ? 6.938   5.953   -8.984  1.00 18.89  ? 193 ILE A CB  1 
ATOM   1276 C CG1 . ILE A 1 154 ? 7.532   7.080   -8.142  1.00 20.19  ? 193 ILE A CG1 1 
ATOM   1277 C CG2 . ILE A 1 154 ? 6.337   6.467   -10.289 1.00 20.80  ? 193 ILE A CG2 1 
ATOM   1278 C CD1 . ILE A 1 154 ? 8.736   7.716   -8.793  1.00 21.45  ? 193 ILE A CD1 1 
ATOM   1279 N N   . ALA A 1 155 ? 3.912   4.245   -9.312  1.00 16.95  ? 194 ALA A N   1 
ATOM   1280 C CA  . ALA A 1 155 ? 3.173   3.287   -10.160 1.00 19.37  ? 194 ALA A CA  1 
ATOM   1281 C C   . ALA A 1 155 ? 3.732   3.412   -11.582 1.00 20.27  ? 194 ALA A C   1 
ATOM   1282 O O   . ALA A 1 155 ? 3.978   4.568   -12.015 1.00 22.38  ? 194 ALA A O   1 
ATOM   1283 C CB  . ALA A 1 155 ? 1.698   3.537   -10.104 1.00 19.84  ? 194 ALA A CB  1 
ATOM   1284 N N   . VAL A 1 156 ? 4.010   2.295   -12.225 1.00 19.72  ? 195 VAL A N   1 
ATOM   1285 C CA  . VAL A 1 156 ? 4.575   2.290   -13.611 1.00 21.00  ? 195 VAL A CA  1 
ATOM   1286 C C   . VAL A 1 156 ? 3.905   1.192   -14.447 1.00 21.97  ? 195 VAL A C   1 
ATOM   1287 O O   . VAL A 1 156 ? 3.470   0.123   -13.871 1.00 21.80  ? 195 VAL A O   1 
ATOM   1288 C CB  . VAL A 1 156 ? 6.098   2.129   -13.580 1.00 20.00  ? 195 VAL A CB  1 
ATOM   1289 C CG1 . VAL A 1 156 ? 6.812   3.235   -12.805 1.00 20.85  ? 195 VAL A CG1 1 
ATOM   1290 C CG2 . VAL A 1 156 ? 6.518   0.749   -13.043 1.00 19.00  ? 195 VAL A CG2 1 
ATOM   1291 N N   . THR A 1 157 ? 3.848   1.362   -15.780 1.00 23.51  ? 196 THR A N   1 
ATOM   1292 C CA  . THR A 1 157 ? 3.352   0.267   -16.658 1.00 24.63  ? 196 THR A CA  1 
ATOM   1293 C C   . THR A 1 157 ? 4.500   -0.692  -16.970 1.00 24.88  ? 196 THR A C   1 
ATOM   1294 O O   . THR A 1 157 ? 4.226   -1.811  -17.364 1.00 27.75  ? 196 THR A O   1 
ATOM   1295 C CB  . THR A 1 157 ? 2.641   0.825   -17.892 1.00 28.56  ? 196 THR A CB  1 
ATOM   1296 O OG1 . THR A 1 157 ? 3.580   1.644   -18.586 1.00 30.25  ? 196 THR A OG1 1 
ATOM   1297 C CG2 . THR A 1 157 ? 1.411   1.619   -17.534 1.00 29.98  ? 196 THR A CG2 1 
ATOM   1298 N N   . ALA A 1 158 ? 5.729   -0.287  -16.707 1.00 23.30  ? 197 ALA A N   1 
ATOM   1299 C CA  . ALA A 1 158 ? 6.964   -1.060  -16.918 1.00 24.86  ? 197 ALA A CA  1 
ATOM   1300 C C   . ALA A 1 158 ? 8.068   -0.425  -16.067 1.00 22.84  ? 197 ALA A C   1 
ATOM   1301 O O   . ALA A 1 158 ? 8.116   0.821   -15.958 1.00 21.37  ? 197 ALA A O   1 
ATOM   1302 C CB  . ALA A 1 158 ? 7.316   -1.060  -18.406 1.00 25.08  ? 197 ALA A CB  1 
ATOM   1303 N N   . TYR A 1 159 ? 8.969   -1.220  -15.515 1.00 21.73  ? 198 TYR A N   1 
ATOM   1304 C CA  . TYR A 1 159 ? 10.091  -0.714  -14.704 1.00 19.35  ? 198 TYR A CA  1 
ATOM   1305 C C   . TYR A 1 159 ? 10.947  0.258   -15.516 1.00 20.73  ? 198 TYR A C   1 
ATOM   1306 O O   . TYR A 1 159 ? 11.272  0.017   -16.672 1.00 23.26  ? 198 TYR A O   1 
ATOM   1307 C CB  . TYR A 1 159 ? 10.919  -1.836  -14.097 1.00 19.77  ? 198 TYR A CB  1 
ATOM   1308 C CG  . TYR A 1 159 ? 10.135  -2.629  -13.084 1.00 21.66  ? 198 TYR A CG  1 
ATOM   1309 C CD1 . TYR A 1 159 ? 9.385   -2.008  -12.096 1.00 20.46  ? 198 TYR A CD1 1 
ATOM   1310 C CD2 . TYR A 1 159 ? 10.249  -4.008  -13.059 1.00 24.06  ? 198 TYR A CD2 1 
ATOM   1311 C CE1 . TYR A 1 159 ? 8.707   -2.759  -11.139 1.00 23.21  ? 198 TYR A CE1 1 
ATOM   1312 C CE2 . TYR A 1 159 ? 9.595   -4.771  -12.110 1.00 26.39  ? 198 TYR A CE2 1 
ATOM   1313 C CZ  . TYR A 1 159 ? 8.794   -4.143  -11.176 1.00 25.87  ? 198 TYR A CZ  1 
ATOM   1314 O OH  . TYR A 1 159 ? 8.139   -4.931  -10.267 1.00 26.55  ? 198 TYR A OH  1 
ATOM   1315 N N   . GLN A 1 160 ? 11.265  1.372   -14.888 1.00 21.50  ? 199 GLN A N   1 
ATOM   1316 C CA  . GLN A 1 160 ? 12.162  2.384   -15.473 1.00 21.96  ? 199 GLN A CA  1 
ATOM   1317 C C   . GLN A 1 160 ? 13.592  2.087   -15.054 1.00 21.87  ? 199 GLN A C   1 
ATOM   1318 O O   . GLN A 1 160 ? 14.484  2.185   -15.875 1.00 27.03  ? 199 GLN A O   1 
ATOM   1319 C CB  . GLN A 1 160 ? 11.676  3.747   -14.992 1.00 23.25  ? 199 GLN A CB  1 
ATOM   1320 C CG  . GLN A 1 160 ? 10.224  4.001   -15.333 1.00 22.56  ? 199 GLN A CG  1 
ATOM   1321 C CD  . GLN A 1 160 ? 10.035  4.062   -16.824 1.00 24.63  ? 199 GLN A CD  1 
ATOM   1322 O OE1 . GLN A 1 160 ? 10.433  5.039   -17.480 1.00 25.77  ? 199 GLN A OE1 1 
ATOM   1323 N NE2 . GLN A 1 160 ? 9.357   3.063   -17.371 1.00 25.19  ? 199 GLN A NE2 1 
ATOM   1324 N N   . ASN A 1 161 ? 13.833  1.873   -13.778 1.00 20.55  ? 200 ASN A N   1 
ATOM   1325 C CA  . ASN A 1 161 ? 15.166  1.748   -13.169 1.00 21.52  ? 200 ASN A CA  1 
ATOM   1326 C C   . ASN A 1 161 ? 15.591  0.276   -13.271 1.00 24.12  ? 200 ASN A C   1 
ATOM   1327 O O   . ASN A 1 161 ? 14.900  -0.569  -12.706 1.00 21.65  ? 200 ASN A O   1 
ATOM   1328 C CB  . ASN A 1 161 ? 15.126  2.237   -11.727 1.00 20.25  ? 200 ASN A CB  1 
ATOM   1329 C CG  . ASN A 1 161 ? 16.455  2.225   -11.042 1.00 19.05  ? 200 ASN A CG  1 
ATOM   1330 O OD1 . ASN A 1 161 ? 17.425  1.679   -11.579 1.00 23.45  ? 200 ASN A OD1 1 
ATOM   1331 N ND2 . ASN A 1 161 ? 16.508  2.854   -9.875  1.00 20.05  ? 200 ASN A ND2 1 
ATOM   1332 N N   . GLU A 1 162 ? 16.639  -0.037  -14.035 1.00 23.97  ? 201 GLU A N   1 
ATOM   1333 C CA  . GLU A 1 162 ? 17.094  -1.449  -14.175 1.00 24.60  ? 201 GLU A CA  1 
ATOM   1334 C C   . GLU A 1 162 ? 17.533  -1.968  -12.808 1.00 22.37  ? 201 GLU A C   1 
ATOM   1335 O O   . GLU A 1 162 ? 17.526  -3.190  -12.656 1.00 22.84  ? 201 GLU A O   1 
ATOM   1336 C CB  . GLU A 1 162 ? 18.211  -1.595  -15.212 1.00 26.95  ? 201 GLU A CB  1 
ATOM   1337 C CG  . GLU A 1 162 ? 19.550  -1.083  -14.753 1.00 31.20  ? 201 GLU A CG  1 
ATOM   1338 C CD  . GLU A 1 162 ? 19.704  0.428   -14.578 1.00 37.23  ? 201 GLU A CD  1 
ATOM   1339 O OE1 . GLU A 1 162 ? 20.664  0.840   -13.876 1.00 36.86  ? 201 GLU A OE1 1 
ATOM   1340 O OE2 . GLU A 1 162 ? 18.846  1.196   -15.123 1.00 35.10  ? 201 GLU A OE2 1 
ATOM   1341 N N   . GLU A 1 163 ? 17.922  -1.128  -11.850 1.00 19.89  ? 202 GLU A N   1 
ATOM   1342 C CA  . GLU A 1 163 ? 18.308  -1.602  -10.487 1.00 21.43  ? 202 GLU A CA  1 
ATOM   1343 C C   . GLU A 1 163 ? 17.045  -2.099  -9.782  1.00 22.34  ? 202 GLU A C   1 
ATOM   1344 O O   . GLU A 1 163 ? 17.170  -3.042  -8.976  1.00 20.75  ? 202 GLU A O   1 
ATOM   1345 C CB  . GLU A 1 163 ? 19.002  -0.524  -9.656  1.00 23.95  ? 202 GLU A CB  1 
ATOM   1346 C CG  . GLU A 1 163 ? 20.418  -0.236  -10.148 1.00 25.99  ? 202 GLU A CG  1 
ATOM   1347 C CD  . GLU A 1 163 ? 21.361  0.447   -9.183  1.00 30.19  ? 202 GLU A CD  1 
ATOM   1348 O OE1 . GLU A 1 163 ? 20.930  0.887   -8.125  1.00 37.83  ? 202 GLU A OE1 1 
ATOM   1349 O OE2 . GLU A 1 163 ? 22.557  0.525   -9.515  1.00 37.44  ? 202 GLU A OE2 1 
ATOM   1350 N N   . ILE A 1 164 ? 15.872  -1.530  -10.067 1.00 19.66  ? 203 ILE A N   1 
ATOM   1351 C CA  . ILE A 1 164 ? 14.610  -2.051  -9.456  1.00 19.05  ? 203 ILE A CA  1 
ATOM   1352 C C   . ILE A 1 164 ? 14.250  -3.396  -10.090 1.00 20.30  ? 203 ILE A C   1 
ATOM   1353 O O   . ILE A 1 164 ? 13.978  -4.361  -9.336  1.00 19.05  ? 203 ILE A O   1 
ATOM   1354 C CB  . ILE A 1 164 ? 13.472  -1.009  -9.583  1.00 19.66  ? 203 ILE A CB  1 
ATOM   1355 C CG1 . ILE A 1 164 ? 13.655  0.123   -8.567  1.00 19.64  ? 203 ILE A CG1 1 
ATOM   1356 C CG2 . ILE A 1 164 ? 12.117  -1.687  -9.523  1.00 20.55  ? 203 ILE A CG2 1 
ATOM   1357 C CD1 . ILE A 1 164 ? 13.382  -0.262  -7.111  1.00 20.43  ? 203 ILE A CD1 1 
ATOM   1358 N N   . THR A 1 165 ? 14.321  -3.516  -11.415 1.00 19.77  ? 204 THR A N   1 
ATOM   1359 C CA  . THR A 1 165 ? 14.033  -4.772  -12.121 1.00 20.83  ? 204 THR A CA  1 
ATOM   1360 C C   . THR A 1 165 ? 14.888  -5.862  -11.467 1.00 17.99  ? 204 THR A C   1 
ATOM   1361 O O   . THR A 1 165 ? 14.301  -6.922  -11.145 1.00 20.82  ? 204 THR A O   1 
ATOM   1362 C CB  . THR A 1 165 ? 14.412  -4.616  -13.603 1.00 21.45  ? 204 THR A CB  1 
ATOM   1363 O OG1 . THR A 1 165 ? 13.683  -3.470  -14.058 1.00 23.20  ? 204 THR A OG1 1 
ATOM   1364 C CG2 . THR A 1 165 ? 14.078  -5.856  -14.391 1.00 23.15  ? 204 THR A CG2 1 
ATOM   1365 N N   . ALA A 1 166 ? 16.159  -5.564  -11.194 1.00 20.36  ? 205 ALA A N   1 
ATOM   1366 C CA  . ALA A 1 166 ? 17.160  -6.545  -10.686 1.00 18.46  ? 205 ALA A CA  1 
ATOM   1367 C C   . ALA A 1 166 ? 16.827  -6.903  -9.228  1.00 20.97  ? 205 ALA A C   1 
ATOM   1368 O O   . ALA A 1 166 ? 16.856  -8.116  -8.864  1.00 22.07  ? 205 ALA A O   1 
ATOM   1369 C CB  . ALA A 1 166 ? 18.576  -6.035  -10.824 1.00 18.98  ? 205 ALA A CB  1 
ATOM   1370 N N   . LEU A 1 167 ? 16.497  -5.910  -8.418  1.00 20.71  ? 206 LEU A N   1 
ATOM   1371 C CA  . LEU A 1 167 ? 16.162  -6.103  -6.975  1.00 20.38  ? 206 LEU A CA  1 
ATOM   1372 C C   . LEU A 1 167 ? 14.890  -6.935  -6.849  1.00 19.72  ? 206 LEU A C   1 
ATOM   1373 O O   . LEU A 1 167 ? 14.809  -7.737  -5.868  1.00 20.17  ? 206 LEU A O   1 
ATOM   1374 C CB  . LEU A 1 167 ? 15.945  -4.722  -6.345  1.00 22.20  ? 206 LEU A CB  1 
ATOM   1375 C CG  . LEU A 1 167 ? 16.771  -4.246  -5.157  1.00 27.81  ? 206 LEU A CG  1 
ATOM   1376 C CD1 . LEU A 1 167 ? 15.874  -3.633  -4.092  1.00 24.90  ? 206 LEU A CD1 1 
ATOM   1377 C CD2 . LEU A 1 167 ? 17.762  -5.226  -4.591  1.00 28.07  ? 206 LEU A CD2 1 
ATOM   1378 N N   . LYS A 1 168 ? 13.876  -6.714  -7.674  1.00 18.77  ? 207 LYS A N   1 
ATOM   1379 C CA  . LYS A 1 168 ? 12.565  -7.430  -7.639  1.00 20.84  ? 207 LYS A CA  1 
ATOM   1380 C C   . LYS A 1 168 ? 12.826  -8.923  -7.836  1.00 24.57  ? 207 LYS A C   1 
ATOM   1381 O O   . LYS A 1 168 ? 12.223  -9.730  -7.118  1.00 26.03  ? 207 LYS A O   1 
ATOM   1382 C CB  . LYS A 1 168 ? 11.606  -6.900  -8.696  1.00 21.88  ? 207 LYS A CB  1 
ATOM   1383 C CG  . LYS A 1 168 ? 11.181  -5.461  -8.470  1.00 20.47  ? 207 LYS A CG  1 
ATOM   1384 C CD  . LYS A 1 168 ? 9.961   -5.320  -7.616  1.00 20.01  ? 207 LYS A CD  1 
ATOM   1385 C CE  . LYS A 1 168 ? 9.552   -3.851  -7.425  1.00 22.26  ? 207 LYS A CE  1 
ATOM   1386 N NZ  . LYS A 1 168 ? 8.128   -3.722  -6.998  1.00 22.83  ? 207 LYS A NZ  1 
ATOM   1387 N N   . ILE A 1 169 ? 13.806  -9.234  -8.677  1.00 22.24  ? 208 ILE A N   1 
ATOM   1388 C CA  . ILE A 1 169 ? 14.206  -10.642 -8.968  1.00 23.33  ? 208 ILE A CA  1 
ATOM   1389 C C   . ILE A 1 169 ? 15.043  -11.148 -7.824  1.00 23.57  ? 208 ILE A C   1 
ATOM   1390 O O   . ILE A 1 169 ? 14.757  -12.277 -7.333  1.00 27.94  ? 208 ILE A O   1 
ATOM   1391 C CB  . ILE A 1 169 ? 14.952  -10.704 -10.311 1.00 26.11  ? 208 ILE A CB  1 
ATOM   1392 C CG1 . ILE A 1 169 ? 13.947  -10.639 -11.464 1.00 29.24  ? 208 ILE A CG1 1 
ATOM   1393 C CG2 . ILE A 1 169 ? 15.844  -11.943 -10.376 1.00 28.01  ? 208 ILE A CG2 1 
ATOM   1394 C CD1 . ILE A 1 169 ? 14.588  -10.195 -12.778 1.00 29.98  ? 208 ILE A CD1 1 
ATOM   1395 N N   . LYS A 1 170 ? 16.005  -10.364 -7.374  1.00 20.99  ? 209 LYS A N   1 
ATOM   1396 C CA  . LYS A 1 170 ? 16.957  -10.761 -6.302  1.00 23.34  ? 209 LYS A CA  1 
ATOM   1397 C C   . LYS A 1 170 ? 16.186  -11.185 -5.053  1.00 26.27  ? 209 LYS A C   1 
ATOM   1398 O O   . LYS A 1 170 ? 16.498  -12.278 -4.525  1.00 26.23  ? 209 LYS A O   1 
ATOM   1399 C CB  . LYS A 1 170 ? 17.980  -9.668  -5.996  1.00 27.74  ? 209 LYS A CB  1 
ATOM   1400 C CG  . LYS A 1 170 ? 19.023  -10.002 -4.938  1.00 31.17  ? 209 LYS A CG  1 
ATOM   1401 C CD  . LYS A 1 170 ? 20.178  -9.025  -4.894  1.00 31.60  ? 209 LYS A CD  1 
ATOM   1402 C CE  . LYS A 1 170 ? 20.953  -9.038  -3.599  1.00 34.01  ? 209 LYS A CE  1 
ATOM   1403 N NZ  . LYS A 1 170 ? 21.556  -10.367 -3.389  1.00 27.76  ? 209 LYS A NZ  1 
ATOM   1404 N N   . TYR A 1 171 ? 15.174  -10.420 -4.626  1.00 22.31  ? 210 TYR A N   1 
ATOM   1405 C CA  . TYR A 1 171 ? 14.572  -10.648 -3.291  1.00 24.32  ? 210 TYR A CA  1 
ATOM   1406 C C   . TYR A 1 171 ? 13.277  -11.440 -3.421  1.00 24.37  ? 210 TYR A C   1 
ATOM   1407 O O   . TYR A 1 171 ? 12.670  -11.818 -2.378  1.00 23.99  ? 210 TYR A O   1 
ATOM   1408 C CB  . TYR A 1 171 ? 14.400  -9.324  -2.545  1.00 21.97  ? 210 TYR A CB  1 
ATOM   1409 C CG  . TYR A 1 171 ? 15.686  -8.762  -2.020  1.00 24.10  ? 210 TYR A CG  1 
ATOM   1410 C CD1 . TYR A 1 171 ? 16.581  -9.513  -1.284  1.00 28.81  ? 210 TYR A CD1 1 
ATOM   1411 C CD2 . TYR A 1 171 ? 16.004  -7.429  -2.194  1.00 24.55  ? 210 TYR A CD2 1 
ATOM   1412 C CE1 . TYR A 1 171 ? 17.777  -8.987  -0.809  1.00 31.07  ? 210 TYR A CE1 1 
ATOM   1413 C CE2 . TYR A 1 171 ? 17.171  -6.882  -1.699  1.00 26.09  ? 210 TYR A CE2 1 
ATOM   1414 C CZ  . TYR A 1 171 ? 18.078  -7.654  -1.014  1.00 25.28  ? 210 TYR A CZ  1 
ATOM   1415 O OH  . TYR A 1 171 ? 19.256  -7.113  -0.561  1.00 27.94  ? 210 TYR A OH  1 
ATOM   1416 N N   . ASN A 1 172 ? 12.828  -11.714 -4.642  1.00 27.97  ? 211 ASN A N   1 
ATOM   1417 C CA  . ASN A 1 172 ? 11.537  -12.413 -4.843  1.00 34.15  ? 211 ASN A CA  1 
ATOM   1418 C C   . ASN A 1 172 ? 11.852  -13.765 -5.448  1.00 43.40  ? 211 ASN A C   1 
ATOM   1419 O O   . ASN A 1 172 ? 12.462  -14.530 -4.681  1.00 49.91  ? 211 ASN A O   1 
ATOM   1420 C CB  . ASN A 1 172 ? 10.520  -11.624 -5.687  1.00 39.71  ? 211 ASN A CB  1 
ATOM   1421 C CG  . ASN A 1 172 ? 9.107   -12.176 -5.589  1.00 38.56  ? 211 ASN A CG  1 
ATOM   1422 O OD1 . ASN A 1 172 ? 8.838   -13.053 -4.775  1.00 49.85  ? 211 ASN A OD1 1 
ATOM   1423 N ND2 . ASN A 1 172 ? 8.185   -11.649 -6.377  1.00 38.60  ? 211 ASN A ND2 1 
ATOM   1424 O OXT . ASN A 1 172 ? 11.498  -14.012 -6.603  1.00 50.85  ? 211 ASN A OXT 1 
HETATM 1425 N N1  . O1M B 2 .   ? 17.839  -7.391  3.475   0.40 55.28  ? 301 O1M A N1  1 
HETATM 1426 C C4  . O1M B 2 .   ? 17.566  -8.306  2.345   0.40 55.92  ? 301 O1M A C4  1 
HETATM 1427 C C5  . O1M B 2 .   ? 14.304  -9.738  3.304   0.40 59.62  ? 301 O1M A C5  1 
HETATM 1428 C C6  . O1M B 2 .   ? 13.435  -9.867  4.259   0.40 78.64  ? 301 O1M A C6  1 
HETATM 1429 C C7  . O1M B 2 .   ? 12.413  -10.767 4.122   0.40 123.54 ? 301 O1M A C7  1 
HETATM 1430 C C8  . O1M B 2 .   ? 12.355  -11.487 2.993   0.40 125.63 ? 301 O1M A C8  1 
HETATM 1431 C C10 . O1M B 2 .   ? 14.193  -10.495 2.205   0.40 105.89 ? 301 O1M A C10 1 
HETATM 1432 N N   . O1M B 2 .   ? 20.042  -8.265  3.423   0.40 54.54  ? 301 O1M A N   1 
HETATM 1433 C C   . O1M B 2 .   ? 19.068  -7.573  4.123   0.40 54.92  ? 301 O1M A C   1 
HETATM 1434 O O   . O1M B 2 .   ? 19.291  -7.161  5.242   0.40 50.96  ? 301 O1M A O   1 
HETATM 1435 C C1  . O1M B 2 .   ? 16.658  -7.070  4.310   0.40 56.34  ? 301 O1M A C1  1 
HETATM 1436 C C2  . O1M B 2 .   ? 15.641  -8.211  4.499   0.40 55.69  ? 301 O1M A C2  1 
HETATM 1437 C C3  . O1M B 2 .   ? 16.509  -9.355  2.697   0.40 56.75  ? 301 O1M A C3  1 
HETATM 1438 C C9  . O1M B 2 .   ? 13.212  -11.363 2.069   0.40 125.37 ? 301 O1M A C9  1 
HETATM 1439 F F   . O1M B 2 .   ? 11.459  -12.302 2.780   0.40 130.59 ? 301 O1M A F   1 
HETATM 1440 N N2  . O1M B 2 .   ? 15.347  -8.838  3.310   0.40 55.45  ? 301 O1M A N2  1 
HETATM 1441 O O   . HOH C 3 .   ? 21.437  8.419   -13.545 1.00 47.44  ? 401 HOH A O   1 
HETATM 1442 O O   . HOH C 3 .   ? 0.898   -1.976  22.338  1.00 30.91  ? 402 HOH A O   1 
HETATM 1443 O O   . HOH C 3 .   ? -6.704  -9.720  -5.384  1.00 44.01  ? 403 HOH A O   1 
HETATM 1444 O O   . HOH C 3 .   ? 22.426  2.432   -14.287 1.00 92.64  ? 404 HOH A O   1 
HETATM 1445 O O   . HOH C 3 .   ? -7.143  -6.152  -5.206  1.00 27.80  ? 405 HOH A O   1 
HETATM 1446 O O   . HOH C 3 .   ? 8.740   -2.398  18.979  1.00 44.68  ? 406 HOH A O   1 
HETATM 1447 O O   . HOH C 3 .   ? -11.037 -8.105  0.062   1.00 47.37  ? 407 HOH A O   1 
HETATM 1448 O O   . HOH C 3 .   ? 0.833   9.273   -16.498 1.00 39.79  ? 408 HOH A O   1 
HETATM 1449 O O   . HOH C 3 .   ? -9.376  6.727   8.180   1.00 39.96  ? 409 HOH A O   1 
HETATM 1450 O O   . HOH C 3 .   ? -14.884 7.773   12.202  1.00 26.56  ? 410 HOH A O   1 
HETATM 1451 O O   . HOH C 3 .   ? 3.357   13.854  -19.107 1.00 52.11  ? 411 HOH A O   1 
HETATM 1452 O O   . HOH C 3 .   ? 9.530   -9.850  -7.477  1.00 44.02  ? 412 HOH A O   1 
HETATM 1453 O O   . HOH C 3 .   ? 13.222  -14.185 -8.434  1.00 54.66  ? 413 HOH A O   1 
HETATM 1454 O O   . HOH C 3 .   ? 6.920   1.202   23.335  1.00 63.77  ? 414 HOH A O   1 
HETATM 1455 O O   . HOH C 3 .   ? -1.778  7.799   21.153  1.00 41.75  ? 415 HOH A O   1 
HETATM 1456 O O   . HOH C 3 .   ? -4.609  -14.906 8.437   1.00 28.97  ? 416 HOH A O   1 
HETATM 1457 O O   . HOH C 3 .   ? 14.880  3.242   -18.188 1.00 37.09  ? 417 HOH A O   1 
HETATM 1458 O O   . HOH C 3 .   ? -23.557 5.206   14.315  1.00 37.67  ? 418 HOH A O   1 
HETATM 1459 O O   . HOH C 3 .   ? 14.684  7.136   -18.941 1.00 31.22  ? 419 HOH A O   1 
HETATM 1460 O O   . HOH C 3 .   ? -8.428  -10.403 -1.578  1.00 33.50  ? 420 HOH A O   1 
HETATM 1461 O O   . HOH C 3 .   ? 18.333  5.492   -10.681 1.00 24.26  ? 421 HOH A O   1 
HETATM 1462 O O   . HOH C 3 .   ? -17.919 3.798   20.860  1.00 29.22  ? 422 HOH A O   1 
HETATM 1463 O O   . HOH C 3 .   ? -4.138  1.942   11.444  1.00 24.08  ? 423 HOH A O   1 
HETATM 1464 O O   . HOH C 3 .   ? 3.488   -8.870  -9.091  1.00 39.63  ? 424 HOH A O   1 
HETATM 1465 O O   . HOH C 3 .   ? 9.180   -11.533 7.479   1.00 23.36  ? 425 HOH A O   1 
HETATM 1466 O O   . HOH C 3 .   ? 10.461  9.837   2.463   1.00 44.92  ? 426 HOH A O   1 
HETATM 1467 O O   . HOH C 3 .   ? -15.039 6.218   22.419  1.00 36.99  ? 427 HOH A O   1 
HETATM 1468 O O   . HOH C 3 .   ? 13.598  16.146  -17.429 1.00 28.91  ? 428 HOH A O   1 
HETATM 1469 O O   . HOH C 3 .   ? -11.050 -15.778 14.239  1.00 31.92  ? 429 HOH A O   1 
HETATM 1470 O O   . HOH C 3 .   ? -13.427 -14.296 13.725  1.00 276.62 ? 430 HOH A O   1 
HETATM 1471 O O   . HOH C 3 .   ? 11.984  17.944  -13.831 1.00 42.51  ? 431 HOH A O   1 
HETATM 1472 O O   . HOH C 3 .   ? -9.698  -12.192 26.567  1.00 37.84  ? 432 HOH A O   1 
HETATM 1473 O O   . HOH C 3 .   ? 5.592   -11.505 -5.865  1.00 55.75  ? 433 HOH A O   1 
HETATM 1474 O O   . HOH C 3 .   ? -0.136  -7.524  -3.326  1.00 23.82  ? 434 HOH A O   1 
HETATM 1475 O O   . HOH C 3 .   ? 16.541  6.107   -8.870  1.00 31.69  ? 435 HOH A O   1 
HETATM 1476 O O   . HOH C 3 .   ? 1.486   -11.807 -3.259  1.00 30.66  ? 436 HOH A O   1 
HETATM 1477 O O   . HOH C 3 .   ? 3.044   -3.583  16.667  1.00 27.69  ? 437 HOH A O   1 
HETATM 1478 O O   . HOH C 3 .   ? -6.518  3.759   -2.863  1.00 23.42  ? 438 HOH A O   1 
HETATM 1479 O O   . HOH C 3 .   ? 3.315   18.234  -4.508  1.00 34.26  ? 439 HOH A O   1 
HETATM 1480 O O   . HOH C 3 .   ? -5.082  6.490   -4.774  1.00 32.56  ? 440 HOH A O   1 
HETATM 1481 O O   . HOH C 3 .   ? 14.623  -2.859  -16.476 1.00 34.16  ? 441 HOH A O   1 
HETATM 1482 O O   . HOH C 3 .   ? 6.299   2.622   9.160   1.00 31.25  ? 442 HOH A O   1 
HETATM 1483 O O   . HOH C 3 .   ? 8.630   -11.262 11.297  1.00 19.55  ? 443 HOH A O   1 
HETATM 1484 O O   . HOH C 3 .   ? -10.652 0.870   15.034  1.00 33.74  ? 444 HOH A O   1 
HETATM 1485 O O   . HOH C 3 .   ? -0.615  20.337  -10.149 1.00 40.69  ? 445 HOH A O   1 
HETATM 1486 O O   . HOH C 3 .   ? 18.662  -9.797  -9.951  1.00 24.98  ? 446 HOH A O   1 
HETATM 1487 O O   . HOH C 3 .   ? -12.114 -13.695 2.774   1.00 52.35  ? 447 HOH A O   1 
HETATM 1488 O O   . HOH C 3 .   ? -3.376  -12.702 19.783  1.00 26.47  ? 448 HOH A O   1 
HETATM 1489 O O   . HOH C 3 .   ? 13.463  3.608   -9.543  1.00 18.94  ? 449 HOH A O   1 
HETATM 1490 O O   . HOH C 3 .   ? 3.244   11.901  -7.912  1.00 23.14  ? 450 HOH A O   1 
HETATM 1491 O O   . HOH C 3 .   ? 19.176  -0.549  -2.325  1.00 32.35  ? 451 HOH A O   1 
HETATM 1492 O O   . HOH C 3 .   ? -4.362  -9.465  0.880   1.00 23.23  ? 452 HOH A O   1 
HETATM 1493 O O   . HOH C 3 .   ? 4.037   -10.582 -4.155  1.00 30.12  ? 453 HOH A O   1 
HETATM 1494 O O   . HOH C 3 .   ? 2.081   -4.008  -8.412  1.00 24.77  ? 454 HOH A O   1 
HETATM 1495 O O   . HOH C 3 .   ? -15.320 -7.434  -10.499 1.00 63.70  ? 455 HOH A O   1 
HETATM 1496 O O   . HOH C 3 .   ? 1.566   -2.444  -17.574 1.00 34.25  ? 456 HOH A O   1 
HETATM 1497 O O   . HOH C 3 .   ? 1.017   11.442  -6.484  1.00 25.42  ? 457 HOH A O   1 
HETATM 1498 O O   . HOH C 3 .   ? -3.798  -5.764  23.660  1.00 35.45  ? 458 HOH A O   1 
HETATM 1499 O O   . HOH C 3 .   ? -9.336  -15.149 5.078   1.00 39.56  ? 459 HOH A O   1 
HETATM 1500 O O   . HOH C 3 .   ? 17.499  13.786  -14.910 1.00 25.98  ? 460 HOH A O   1 
HETATM 1501 O O   . HOH C 3 .   ? 7.517   -9.393  14.186  1.00 33.72  ? 461 HOH A O   1 
HETATM 1502 O O   . HOH C 3 .   ? 12.374  2.537   9.009   1.00 36.58  ? 462 HOH A O   1 
HETATM 1503 O O   . HOH C 3 .   ? 16.072  3.610   2.185   1.00 43.63  ? 463 HOH A O   1 
HETATM 1504 O O   . HOH C 3 .   ? 8.210   -7.615  -10.878 1.00 33.37  ? 464 HOH A O   1 
HETATM 1505 O O   . HOH C 3 .   ? -2.263  5.403   -15.647 1.00 38.43  ? 465 HOH A O   1 
HETATM 1506 O O   . HOH C 3 .   ? 19.602  -3.892  -7.997  1.00 22.34  ? 466 HOH A O   1 
HETATM 1507 O O   . HOH C 3 .   ? -18.960 0.172   13.599  1.00 42.69  ? 467 HOH A O   1 
HETATM 1508 O O   . HOH C 3 .   ? -4.065  9.609   -7.843  1.00 29.27  ? 468 HOH A O   1 
HETATM 1509 O O   . HOH C 3 .   ? 11.848  -7.670  -12.209 1.00 27.38  ? 469 HOH A O   1 
HETATM 1510 O O   . HOH C 3 .   ? -20.347 -2.898  12.376  1.00 35.22  ? 470 HOH A O   1 
HETATM 1511 O O   . HOH C 3 .   ? -15.857 1.749   12.943  1.00 33.29  ? 471 HOH A O   1 
HETATM 1512 O O   . HOH C 3 .   ? 9.726   7.706   -17.103 1.00 25.16  ? 472 HOH A O   1 
HETATM 1513 O O   . HOH C 3 .   ? 4.250   -3.370  19.039  1.00 31.62  ? 473 HOH A O   1 
HETATM 1514 O O   . HOH C 3 .   ? -8.386  8.126   10.823  0.50 37.54  ? 474 HOH A O   1 
HETATM 1515 O O   . HOH C 3 .   ? -3.883  -10.395 -12.674 1.00 38.18  ? 475 HOH A O   1 
HETATM 1516 O O   . HOH C 3 .   ? 9.319   1.676   -0.965  1.00 18.75  ? 476 HOH A O   1 
HETATM 1517 O O   . HOH C 3 .   ? -16.183 -10.487 5.298   1.00 39.92  ? 477 HOH A O   1 
HETATM 1518 O O   . HOH C 3 .   ? 6.036   -5.411  4.792   1.00 18.19  ? 478 HOH A O   1 
HETATM 1519 O O   . HOH C 3 .   ? 6.689   0.811   11.200  1.00 27.66  ? 479 HOH A O   1 
HETATM 1520 O O   . HOH C 3 .   ? -1.478  -13.438 3.064   1.00 46.27  ? 480 HOH A O   1 
HETATM 1521 O O   . HOH C 3 .   ? 6.111   -5.785  -7.442  1.00 31.46  ? 481 HOH A O   1 
HETATM 1522 O O   . HOH C 3 .   ? 11.016  10.319  -6.563  1.00 33.93  ? 482 HOH A O   1 
HETATM 1523 O O   . HOH C 3 .   ? 2.540   -12.750 2.634   1.00 36.73  ? 483 HOH A O   1 
HETATM 1524 O O   . HOH C 3 .   ? -5.438  -14.614 4.950   1.00 33.59  ? 484 HOH A O   1 
HETATM 1525 O O   . HOH C 3 .   ? -4.277  -11.603 -5.782  1.00 33.60  ? 485 HOH A O   1 
HETATM 1526 O O   . HOH C 3 .   ? 13.311  9.815   -6.244  1.00 36.08  ? 486 HOH A O   1 
HETATM 1527 O O   . HOH C 3 .   ? 0.242   -8.565  14.235  1.00 21.12  ? 487 HOH A O   1 
HETATM 1528 O O   . HOH C 3 .   ? 17.604  12.530  -21.395 1.00 30.45  ? 488 HOH A O   1 
HETATM 1529 O O   . HOH C 3 .   ? 10.289  4.938   -3.165  1.00 21.98  ? 489 HOH A O   1 
HETATM 1530 O O   . HOH C 3 .   ? 9.992   -7.911  10.074  0.50 17.85  ? 490 HOH A O   1 
HETATM 1531 O O   . HOH C 3 .   ? -2.994  -11.921 11.734  1.00 21.17  ? 491 HOH A O   1 
HETATM 1532 O O   . HOH C 3 .   ? 16.460  7.000   -5.340  1.00 36.06  ? 492 HOH A O   1 
HETATM 1533 O O   . HOH C 3 .   ? -6.916  4.569   -5.735  1.00 29.31  ? 493 HOH A O   1 
HETATM 1534 O O   . HOH C 3 .   ? 0.728   -5.548  -0.342  1.00 22.86  ? 494 HOH A O   1 
HETATM 1535 O O   . HOH C 3 .   ? 20.593  -5.344  -2.356  1.00 41.95  ? 495 HOH A O   1 
HETATM 1536 O O   . HOH C 3 .   ? 16.091  8.831   -8.808  1.00 30.69  ? 496 HOH A O   1 
HETATM 1537 O O   . HOH C 3 .   ? -13.446 -6.592  25.612  1.00 41.99  ? 497 HOH A O   1 
HETATM 1538 O O   . HOH C 3 .   ? 0.668   3.722   16.807  1.00 35.31  ? 498 HOH A O   1 
HETATM 1539 O O   . HOH C 3 .   ? -6.857  6.732   -1.312  1.00 33.48  ? 499 HOH A O   1 
HETATM 1540 O O   . HOH C 3 .   ? -1.445  3.794   -17.380 1.00 42.21  ? 500 HOH A O   1 
HETATM 1541 O O   . HOH C 3 .   ? -10.889 -16.234 10.766  1.00 30.80  ? 501 HOH A O   1 
HETATM 1542 O O   . HOH C 3 .   ? -15.601 -5.943  6.886   1.00 41.40  ? 502 HOH A O   1 
HETATM 1543 O O   . HOH C 3 .   ? 5.856   11.912  -16.755 1.00 34.46  ? 503 HOH A O   1 
HETATM 1544 O O   . HOH C 3 .   ? 9.098   -3.955  -16.502 1.00 33.62  ? 504 HOH A O   1 
HETATM 1545 O O   . HOH C 3 .   ? 20.032  2.969   -11.419 1.00 28.10  ? 505 HOH A O   1 
HETATM 1546 O O   . HOH C 3 .   ? 2.356   18.399  -17.828 1.00 48.55  ? 506 HOH A O   1 
HETATM 1547 O O   . HOH C 3 .   ? 7.391   -9.326  0.457   1.00 40.71  ? 507 HOH A O   1 
HETATM 1548 O O   . HOH C 3 .   ? -11.577 -5.471  -1.135  1.00 32.90  ? 508 HOH A O   1 
HETATM 1549 O O   . HOH C 3 .   ? -1.356  -6.306  22.495  1.00 32.29  ? 509 HOH A O   1 
HETATM 1550 O O   . HOH C 3 .   ? -2.664  -11.833 6.993   1.00 22.37  ? 510 HOH A O   1 
HETATM 1551 O O   . HOH C 3 .   ? 4.440   -4.799  -9.285  1.00 36.39  ? 511 HOH A O   1 
HETATM 1552 O O   . HOH C 3 .   ? -4.198  3.195   21.681  1.00 38.55  ? 512 HOH A O   1 
HETATM 1553 O O   . HOH C 3 .   ? -16.128 -5.077  18.327  1.00 24.77  ? 513 HOH A O   1 
HETATM 1554 O O   . HOH C 3 .   ? -4.696  4.708   -14.589 1.00 40.22  ? 514 HOH A O   1 
HETATM 1555 O O   . HOH C 3 .   ? 0.000   -10.531 -9.849  1.00 29.59  ? 515 HOH A O   1 
HETATM 1556 O O   . HOH C 3 .   ? 11.182  5.951   5.090   1.00 40.17  ? 516 HOH A O   1 
HETATM 1557 O O   . HOH C 3 .   ? 19.239  3.296   -8.412  1.00 29.83  ? 517 HOH A O   1 
HETATM 1558 O O   . HOH C 3 .   ? -2.987  -7.391  -17.392 1.00 41.00  ? 518 HOH A O   1 
HETATM 1559 O O   . HOH C 3 .   ? 16.497  9.714   -20.170 1.00 28.18  ? 519 HOH A O   1 
HETATM 1560 O O   . HOH C 3 .   ? -4.884  10.406  -2.804  1.00 25.89  ? 520 HOH A O   1 
HETATM 1561 O O   . HOH C 3 .   ? -0.862  14.096  -20.268 1.00 41.81  ? 521 HOH A O   1 
HETATM 1562 O O   . HOH C 3 .   ? 17.837  -1.233  4.225   1.00 40.50  ? 522 HOH A O   1 
HETATM 1563 O O   . HOH C 3 .   ? 12.871  7.436   -2.617  1.00 40.55  ? 523 HOH A O   1 
HETATM 1564 O O   . HOH C 3 .   ? 9.448   0.512   10.509  1.00 39.42  ? 524 HOH A O   1 
HETATM 1565 O O   . HOH C 3 .   ? -4.131  -11.334 9.160   1.00 23.50  ? 525 HOH A O   1 
HETATM 1566 O O   . HOH C 3 .   ? 1.184   -14.768 18.878  1.00 49.35  ? 526 HOH A O   1 
HETATM 1567 O O   . HOH C 3 .   ? 19.396  15.119  -16.229 1.00 27.66  ? 527 HOH A O   1 
HETATM 1568 O O   . HOH C 3 .   ? 22.535  3.529   -9.384  1.00 28.82  ? 528 HOH A O   1 
HETATM 1569 O O   . HOH C 3 .   ? -7.089  -0.126  20.442  1.00 39.67  ? 529 HOH A O   1 
HETATM 1570 O O   . HOH C 3 .   ? -1.861  -4.022  -19.205 1.00 37.04  ? 530 HOH A O   1 
HETATM 1571 O O   . HOH C 3 .   ? -3.675  9.790   6.653   1.00 31.02  ? 531 HOH A O   1 
HETATM 1572 O O   . HOH C 3 .   ? -17.674 -2.103  19.350  1.00 31.21  ? 532 HOH A O   1 
HETATM 1573 O O   . HOH C 3 .   ? 17.329  6.907   -17.893 1.00 35.11  ? 533 HOH A O   1 
HETATM 1574 O O   . HOH C 3 .   ? 8.774   2.543   -20.342 1.00 44.12  ? 534 HOH A O   1 
HETATM 1575 O O   . HOH C 3 .   ? -4.211  -11.673 2.341   1.00 31.47  ? 535 HOH A O   1 
HETATM 1576 O O   . HOH C 3 .   ? -8.294  0.629   15.773  1.00 34.76  ? 536 HOH A O   1 
HETATM 1577 O O   . HOH C 3 .   ? -7.124  -9.541  -20.659 1.00 49.00  ? 537 HOH A O   1 
HETATM 1578 O O   . HOH C 3 .   ? 10.182  7.629   -2.917  1.00 29.92  ? 538 HOH A O   1 
HETATM 1579 O O   . HOH C 3 .   ? -13.360 0.550   -3.386  1.00 46.56  ? 539 HOH A O   1 
HETATM 1580 O O   . HOH C 3 .   ? 7.153   -7.689  -13.613 1.00 46.75  ? 540 HOH A O   1 
HETATM 1581 O O   . HOH C 3 .   ? -3.383  -12.838 4.735   1.00 30.06  ? 541 HOH A O   1 
HETATM 1582 O O   . HOH C 3 .   ? -15.414 -7.930  5.087   1.00 34.56  ? 542 HOH A O   1 
HETATM 1583 O O   . HOH C 3 .   ? 2.309   -10.317 15.226  1.00 33.38  ? 543 HOH A O   1 
HETATM 1584 O O   . HOH C 3 .   ? -14.521 3.380   -1.198  1.00 54.99  ? 544 HOH A O   1 
HETATM 1585 O O   . HOH C 3 .   ? 21.639  -8.650  7.072   1.00 67.07  ? 545 HOH A O   1 
HETATM 1586 O O   . HOH C 3 .   ? 6.821   -3.965  18.618  1.00 35.73  ? 546 HOH A O   1 
HETATM 1587 O O   . HOH C 3 .   ? 2.901   4.923   -18.348 1.00 47.47  ? 547 HOH A O   1 
HETATM 1588 O O   . HOH C 3 .   ? 6.321   -6.914  -15.985 1.00 48.75  ? 548 HOH A O   1 
HETATM 1589 O O   . HOH C 3 .   ? 0.144   5.478   27.654  1.00 48.72  ? 549 HOH A O   1 
HETATM 1590 O O   . HOH C 3 .   ? -14.647 -7.855  27.188  1.00 35.49  ? 550 HOH A O   1 
HETATM 1591 O O   . HOH C 3 .   ? -19.042 7.023   23.623  1.00 42.68  ? 551 HOH A O   1 
HETATM 1592 O O   . HOH C 3 .   ? 3.290   17.237  -19.777 1.00 40.08  ? 552 HOH A O   1 
HETATM 1593 O O   . HOH C 3 .   ? 7.609   17.100  -5.033  1.00 29.88  ? 553 HOH A O   1 
HETATM 1594 O O   . HOH C 3 .   ? 20.802  -2.251  -6.203  1.00 42.26  ? 554 HOH A O   1 
HETATM 1595 O O   . HOH C 3 .   ? 19.912  -6.482  -7.137  1.00 25.84  ? 555 HOH A O   1 
HETATM 1596 O O   . HOH C 3 .   ? -0.622  16.195  -3.016  1.00 45.34  ? 556 HOH A O   1 
HETATM 1597 O O   . HOH C 3 .   ? -5.448  9.127   -5.561  1.00 39.37  ? 557 HOH A O   1 
HETATM 1598 O O   . HOH C 3 .   ? 6.768   -4.602  -17.197 1.00 60.38  ? 558 HOH A O   1 
HETATM 1599 O O   . HOH C 3 .   ? -3.046  19.876  -13.781 1.00 35.83  ? 559 HOH A O   1 
HETATM 1600 O O   . HOH C 3 .   ? 0.780   12.426  1.441   1.00 43.26  ? 560 HOH A O   1 
HETATM 1601 O O   . HOH C 3 .   ? 7.440   -8.374  -8.340  1.00 35.08  ? 561 HOH A O   1 
HETATM 1602 O O   . HOH C 3 .   ? 6.021   4.675   -19.065 1.00 49.32  ? 562 HOH A O   1 
HETATM 1603 O O   . HOH C 3 .   ? -2.989  -15.334 -10.906 1.00 58.79  ? 563 HOH A O   1 
HETATM 1604 O O   . HOH C 3 .   ? -8.154  0.844   18.312  1.00 39.27  ? 564 HOH A O   1 
HETATM 1605 O O   . HOH C 3 .   ? 20.985  -8.371  -8.621  1.00 26.79  ? 565 HOH A O   1 
HETATM 1606 O O   . HOH C 3 .   ? -13.189 -9.479  1.507   1.00 51.88  ? 566 HOH A O   1 
HETATM 1607 O O   . HOH C 3 .   ? 20.735  -5.422  -14.184 1.00 25.02  ? 567 HOH A O   1 
HETATM 1608 O O   . HOH C 3 .   ? -2.813  -14.372 10.626  1.00 31.58  ? 568 HOH A O   1 
HETATM 1609 O O   . HOH C 3 .   ? -4.809  -11.792 21.811  1.00 40.11  ? 569 HOH A O   1 
HETATM 1610 O O   . HOH C 3 .   ? 19.361  -12.234 -9.329  1.00 33.69  ? 570 HOH A O   1 
HETATM 1611 O O   . HOH C 3 .   ? -19.134 -3.665  21.350  1.00 46.65  ? 571 HOH A O   1 
HETATM 1612 O O   . HOH C 3 .   ? 14.135  18.661  -11.813 1.00 32.16  ? 572 HOH A O   1 
HETATM 1613 O O   . HOH C 3 .   ? 21.640  -4.345  -9.813  1.00 27.47  ? 573 HOH A O   1 
HETATM 1614 O O   . HOH C 3 .   ? 21.902  -5.944  -5.042  1.00 38.83  ? 574 HOH A O   1 
HETATM 1615 O O   . HOH C 3 .   ? 15.897  16.118  -16.005 1.00 30.06  ? 575 HOH A O   1 
HETATM 1616 O O   . HOH C 3 .   ? 15.656  -8.863  -15.970 1.00 31.35  ? 576 HOH A O   1 
HETATM 1617 O O   . HOH C 3 .   ? 22.249  -6.971  -10.467 1.00 26.36  ? 577 HOH A O   1 
HETATM 1618 O O   . HOH C 3 .   ? 4.730   8.892   -20.060 1.00 49.16  ? 578 HOH A O   1 
HETATM 1619 O O   . HOH C 3 .   ? 18.604  -11.650 -14.090 1.00 35.44  ? 579 HOH A O   1 
# 
